data_6QEX
#
_entry.id   6QEX
#
_cell.length_a   1.000
_cell.length_b   1.000
_cell.length_c   1.000
_cell.angle_alpha   90.000
_cell.angle_beta   90.000
_cell.angle_gamma   90.000
#
_symmetry.space_group_name_H-M   'P 1'
#
loop_
_entity.id
_entity.type
_entity.pdbx_description
1 polymer 'Multidrug resistance protein 1'
2 polymer 'UIC2 Fab lightchain'
3 polymer 'UIC2 Fab heavy chain'
4 non-polymer 2-acetamido-2-deoxy-beta-D-glucopyranose
5 non-polymer CHOLESTEROL
6 non-polymer TAXOL
7 non-polymer 1,2-Distearoyl-sn-glycerophosphoethanolamine
#
loop_
_entity_poly.entity_id
_entity_poly.type
_entity_poly.pdbx_seq_one_letter_code
_entity_poly.pdbx_strand_id
1 'polypeptide(L)'
;MDLEGDRNGGAKKKNFFKLNNKSEKDKKEKKPTVSVFSMFRYSNWLDKLYMVVGTLAAIIHGAGLPLMMLVFGEMTDIFA
NAGNLEDLMSNITNRSDINDTGFFMNLEEDMTRYAYYYSGIGAGVLVAAYIQVSFWCLAAGRQIHKIRKQFFHAIMRQEI
GWFDVHDVGELNTRLTDDVSKINEGIGDKIGMFFQSMATFFTGFIVGFTRGWKLTLVILAISPVLGLSAAVWAKILSSFT
DKELLAYAKAGAVAEEVLAAIRTVIAFGGQKKELERYNKNLEEAKRIGIKKAITANISIGAAFLLIYASYALAFWYGTTL
VLSGEYSIGQVLTVFFSVLIGAFSVGQASPSIEAFANARGAAYEIFKIIDNKPSIDSYSKSGHKPDNIKGNLEFRNVHFS
YPSRKEVKILKGLNLKVQSGQTVALVGNSGCGKSTTVQLMQRLYDPTEGMVSVDGQDIRTINVRFLREIIGVVSQEPVLF
ATTIAENIRYGRENVTMDEIEKAVKEANAYDFIMKLPHKFDTLVGERGAQLSGGQKQRIAIARALVRNPKILLLDEATSA
LDTESEAVVQVALDKARKGRTTIVIAHRLSTVRNADVIAGFDDGVIVEKGNHDELMKEKGIYFKLVTMQTAGNEVELENA
ADESKSEIDALEMSSNDSRSSLIRKRSTRRSVRGSQAQDRKLSTKEALDESIPPVSFWRIMKLNLTEWPYFVVGVFCAII
NGGLQPAFAIIFSKIIGVFTRIDDPETKRQNSNLFSLLFLALGIISFITFFLQGFTFGKAGEILTKRLRYMVFRSMLRQD
VSWFDDPKNTTGALTTRLANDAAQVKGAIGSRLAVITQNIANLGTGIIISFIYGWQLTLLLLAIVPIIAIAGVVEMKMLS
GQALKDKKELEGAGKIATEAIENFRTVVSLTQEQKFEHMYAQSLQVPYRNSLRKAHIFGITFSFTQAMMYFSYAGCFRFG
AYLVAHKLMSFEDVLLVFSAVVFGAMAVGQVSSFAPDYAKAKISAAHIIMIIEKTPLIDSYSTEGLMPNTLEGNVTFGEV
VFNYPTRPDIPVLQGLSLEVKKGQTLALVGSSGCGKSTVVQLLERFYDPLAGKVLLDGKEIKRLNVQWLRAHLGIVSQEP
ILFDCSIAENIAYGDNSRVVSQEEIVRAAKEANIHAFIESLPNKYSTKVGDKGTQLSGGQKQRIAIARALVRQPHILLLD
EATSALDTESEKVVQEALDKAREGRTCIVIAHRLSTIQNADLIVVFQNGRVKEHGTHQQLLAQKGIYFSMVSVQAGTKRQ
;
A
2 'polypeptide(L)'
;QVVMTQSPLSLPVSLGDQASISCRSSQSLLHSNGNTYLHWYLQKPGQSPKLLIYKVSNRFSGVPDRFSGSGSGTDFTLKI
SRVEAEDLGVYFCSQSTHIPPWTFGGGTKLDIKRADAAPTVSIFPPSSEQLTSGGLSVVCFLNNFYPKDINVKWKIDGSE
RQNGVLNSWTDQDSKDSTYSMSSTLTLTKDEYERHNSYTCEATHKTSTSPIVKSFNRNEC
;
B
3 'polypeptide(L)'
;EVQLQESGPELVKTGASVKISCKASGYSFSNYYIHWVKQSHGKSLEWIGFISCYNGATFYNQKFKGKATFTVDNSSSTAY
MKFNSLTFEDSAVYYCARLPIQFGNFYPMDYWGQGTTVTVSSAKTTAPSVYPLAPVCGDTTGSSVTLGCLVKGYFPEPVT
LTWNSGSLSSGVHTFPAVLQSDLYTLSSSVTVTSSTWPSQSITCNVAHPASSTKVDKKIEPRGPT
;
C
#
loop_
_chem_comp.id
_chem_comp.type
_chem_comp.name
_chem_comp.formula
3PE non-polymer 1,2-Distearoyl-sn-glycerophosphoethanolamine 'C41 H82 N O8 P'
CLR non-polymer CHOLESTEROL 'C27 H46 O'
NAG D-saccharide, beta linking 2-acetamido-2-deoxy-beta-D-glucopyranose 'C8 H15 N O6'
TA1 non-polymer TAXOL 'C47 H51 N O14'
#
# COMPACT_ATOMS: atom_id res chain seq x y z
N PRO A 32 -14.39 2.70 -25.07
CA PRO A 32 -13.77 1.60 -24.31
C PRO A 32 -13.97 1.77 -22.81
N THR A 33 -14.37 2.98 -22.39
CA THR A 33 -14.64 3.25 -21.00
C THR A 33 -16.07 3.73 -20.87
N VAL A 34 -16.64 3.52 -19.68
CA VAL A 34 -17.97 4.01 -19.36
C VAL A 34 -17.82 5.20 -18.45
N SER A 35 -18.82 6.09 -18.46
CA SER A 35 -18.84 7.14 -17.46
C SER A 35 -19.20 6.55 -16.11
N VAL A 36 -18.83 7.25 -15.04
CA VAL A 36 -19.03 6.73 -13.71
C VAL A 36 -20.49 6.80 -13.27
N PHE A 37 -21.33 7.56 -13.98
CA PHE A 37 -22.76 7.52 -13.71
C PHE A 37 -23.36 6.20 -14.16
N SER A 38 -22.99 5.74 -15.36
CA SER A 38 -23.56 4.52 -15.89
C SER A 38 -22.93 3.26 -15.30
N MET A 39 -21.83 3.40 -14.55
CA MET A 39 -21.15 2.23 -14.01
C MET A 39 -21.94 1.62 -12.86
N PHE A 40 -22.57 2.44 -12.02
CA PHE A 40 -23.32 1.97 -10.86
C PHE A 40 -24.82 1.93 -11.10
N ARG A 41 -25.26 1.59 -12.32
CA ARG A 41 -26.69 1.76 -12.60
C ARG A 41 -27.54 0.60 -12.08
N TYR A 42 -26.97 -0.57 -11.85
CA TYR A 42 -27.76 -1.70 -11.38
C TYR A 42 -27.58 -1.81 -9.87
N SER A 43 -28.27 -0.93 -9.15
CA SER A 43 -28.16 -0.88 -7.70
C SER A 43 -29.52 -0.51 -7.11
N ASN A 44 -29.78 -1.04 -5.93
CA ASN A 44 -31.04 -0.82 -5.24
C ASN A 44 -30.99 0.50 -4.49
N TRP A 45 -32.03 0.79 -3.72
CA TRP A 45 -31.91 1.83 -2.72
C TRP A 45 -30.99 1.38 -1.60
N LEU A 46 -31.00 0.08 -1.32
CA LEU A 46 -30.24 -0.47 -0.21
C LEU A 46 -28.75 -0.41 -0.48
N ASP A 47 -28.34 -0.59 -1.72
CA ASP A 47 -26.91 -0.42 -2.02
C ASP A 47 -26.53 1.05 -2.07
N LYS A 48 -27.46 1.92 -2.44
CA LYS A 48 -27.17 3.35 -2.37
C LYS A 48 -27.07 3.81 -0.93
N LEU A 49 -27.67 3.08 0.01
CA LEU A 49 -27.44 3.36 1.42
C LEU A 49 -26.17 2.72 1.92
N TYR A 50 -25.86 1.50 1.46
CA TYR A 50 -24.65 0.81 1.87
C TYR A 50 -23.40 1.57 1.45
N MET A 51 -23.40 2.17 0.27
CA MET A 51 -22.22 2.88 -0.17
C MET A 51 -22.01 4.18 0.62
N VAL A 52 -23.10 4.86 0.97
CA VAL A 52 -22.98 6.12 1.72
C VAL A 52 -22.54 5.85 3.15
N VAL A 53 -23.12 4.84 3.81
CA VAL A 53 -22.70 4.52 5.17
C VAL A 53 -21.29 3.93 5.18
N GLY A 54 -20.95 3.12 4.19
CA GLY A 54 -19.61 2.60 4.12
C GLY A 54 -18.56 3.56 3.64
N THR A 55 -18.93 4.75 3.15
CA THR A 55 -17.89 5.76 3.00
C THR A 55 -17.83 6.75 4.15
N LEU A 56 -18.94 6.94 4.90
CA LEU A 56 -18.85 7.72 6.13
C LEU A 56 -18.00 7.01 7.17
N ALA A 57 -18.23 5.71 7.37
CA ALA A 57 -17.39 4.98 8.30
C ALA A 57 -15.98 4.81 7.79
N ALA A 58 -15.76 4.88 6.48
CA ALA A 58 -14.40 4.83 5.96
C ALA A 58 -13.66 6.12 6.25
N ILE A 59 -14.33 7.27 6.16
CA ILE A 59 -13.70 8.53 6.56
C ILE A 59 -13.40 8.55 8.04
N ILE A 60 -14.33 8.07 8.87
CA ILE A 60 -14.12 8.08 10.32
C ILE A 60 -13.01 7.12 10.72
N HIS A 61 -12.92 5.95 10.08
CA HIS A 61 -11.78 5.06 10.35
C HIS A 61 -10.48 5.63 9.81
N GLY A 62 -10.53 6.39 8.72
CA GLY A 62 -9.32 6.96 8.18
C GLY A 62 -8.76 8.06 9.05
N ALA A 63 -9.61 8.76 9.78
CA ALA A 63 -9.16 9.83 10.66
C ALA A 63 -8.75 9.33 12.04
N GLY A 64 -8.27 8.10 12.14
CA GLY A 64 -7.98 7.53 13.43
C GLY A 64 -6.52 7.25 13.71
N LEU A 65 -5.65 7.35 12.72
CA LEU A 65 -4.22 7.26 13.00
C LEU A 65 -3.56 8.59 13.41
N PRO A 66 -3.81 9.75 12.75
CA PRO A 66 -3.26 11.00 13.29
C PRO A 66 -3.82 11.38 14.65
N LEU A 67 -5.06 11.01 14.94
CA LEU A 67 -5.59 11.23 16.27
C LEU A 67 -4.92 10.33 17.30
N MET A 68 -4.30 9.23 16.89
CA MET A 68 -3.49 8.48 17.82
C MET A 68 -2.09 9.10 17.94
N MET A 69 -1.62 9.77 16.88
CA MET A 69 -0.33 10.45 17.00
C MET A 69 -0.40 11.64 17.96
N LEU A 70 -1.55 12.31 18.04
CA LEU A 70 -1.74 13.35 19.07
C LEU A 70 -1.55 12.80 20.47
N VAL A 71 -2.15 11.64 20.75
CA VAL A 71 -2.04 11.06 22.08
C VAL A 71 -0.63 10.58 22.36
N PHE A 72 0.05 10.04 21.33
CA PHE A 72 1.42 9.59 21.55
C PHE A 72 2.36 10.76 21.82
N GLY A 73 2.15 11.89 21.15
CA GLY A 73 2.94 13.07 21.43
C GLY A 73 2.72 13.62 22.81
N GLU A 74 1.45 13.71 23.24
CA GLU A 74 1.21 14.29 24.56
C GLU A 74 1.64 13.35 25.69
N MET A 75 1.55 12.04 25.47
CA MET A 75 2.02 11.11 26.50
C MET A 75 3.54 11.12 26.63
N THR A 76 4.26 11.15 25.50
CA THR A 76 5.71 11.22 25.64
C THR A 76 6.15 12.58 26.15
N ASP A 77 5.33 13.61 25.99
CA ASP A 77 5.66 14.90 26.58
C ASP A 77 5.49 14.87 28.10
N ILE A 78 4.47 14.17 28.60
CA ILE A 78 4.31 13.99 30.05
C ILE A 78 5.51 13.24 30.64
N PHE A 79 5.89 12.14 29.99
CA PHE A 79 7.03 11.35 30.48
C PHE A 79 8.32 12.15 30.46
N ALA A 80 8.51 12.96 29.42
CA ALA A 80 9.73 13.76 29.31
C ALA A 80 9.77 14.88 30.33
N ASN A 81 8.63 15.51 30.63
CA ASN A 81 8.67 16.61 31.58
C ASN A 81 8.81 16.12 33.02
N ALA A 82 8.26 14.97 33.38
CA ALA A 82 8.50 14.48 34.74
C ALA A 82 9.99 14.15 34.95
N GLY A 83 10.58 13.53 33.94
CA GLY A 83 11.97 13.11 33.97
C GLY A 83 12.99 14.22 34.12
N ASN A 84 12.77 15.34 33.42
CA ASN A 84 13.67 16.48 33.52
C ASN A 84 13.65 17.04 34.94
N LEU A 85 12.47 17.10 35.53
CA LEU A 85 12.27 17.56 36.88
C LEU A 85 12.94 16.65 37.90
N GLU A 86 12.97 15.35 37.63
CA GLU A 86 13.56 14.40 38.59
C GLU A 86 15.05 14.52 39.01
N ASP A 87 15.97 14.79 38.08
CA ASP A 87 17.40 14.90 38.40
C ASP A 87 17.66 15.92 39.52
N LEU A 88 17.00 17.08 39.42
CA LEU A 88 17.28 18.16 40.37
C LEU A 88 17.02 17.74 41.80
N MET A 89 15.92 17.02 42.01
CA MET A 89 15.59 16.53 43.33
C MET A 89 16.61 15.52 43.86
N SER A 90 17.12 14.68 42.95
CA SER A 90 18.05 13.61 43.32
C SER A 90 19.41 13.90 43.98
N ASN A 91 20.19 14.87 43.50
CA ASN A 91 21.49 15.14 44.14
C ASN A 91 21.40 15.65 45.58
N ILE A 92 20.43 16.52 45.82
CA ILE A 92 20.25 17.09 47.15
C ILE A 92 19.96 16.01 48.18
N THR A 93 19.11 15.05 47.79
CA THR A 93 18.69 13.90 48.60
C THR A 93 17.91 14.31 49.84
N ASN A 94 17.88 13.39 50.79
CA ASN A 94 17.24 13.62 52.07
C ASN A 94 15.80 14.13 51.98
N ARG A 95 15.02 13.62 51.04
CA ARG A 95 13.64 14.11 50.98
C ARG A 95 12.52 13.16 51.44
N SER A 96 12.86 12.09 52.15
CA SER A 96 11.91 11.07 52.65
C SER A 96 11.12 10.38 51.53
N ASP A 97 9.80 10.24 51.67
CA ASP A 97 9.07 9.56 50.58
C ASP A 97 8.10 10.37 49.68
N ILE A 98 7.27 11.22 50.29
CA ILE A 98 6.31 12.04 49.57
C ILE A 98 6.82 12.81 48.39
N ASN A 99 8.00 13.39 48.45
CA ASN A 99 8.43 14.11 47.28
C ASN A 99 8.62 13.30 46.05
N ASP A 100 9.30 12.15 46.19
CA ASP A 100 9.43 11.27 45.02
C ASP A 100 8.06 10.81 44.65
N THR A 101 7.25 10.39 45.62
CA THR A 101 5.90 9.91 45.34
C THR A 101 5.10 10.87 44.47
N GLY A 102 4.82 12.05 45.01
CA GLY A 102 4.06 13.07 44.29
C GLY A 102 4.53 13.35 42.87
N PHE A 103 5.84 13.27 42.66
CA PHE A 103 6.40 13.53 41.33
C PHE A 103 6.08 12.43 40.34
N PHE A 104 6.25 11.18 40.76
CA PHE A 104 5.88 10.12 39.84
C PHE A 104 4.44 9.66 40.03
N MET A 105 3.77 10.09 41.10
CA MET A 105 2.37 9.73 41.26
C MET A 105 1.49 10.56 40.34
N ASN A 106 1.93 11.78 40.03
CA ASN A 106 1.26 12.56 38.99
C ASN A 106 1.35 11.86 37.65
N LEU A 107 2.49 11.23 37.36
CA LEU A 107 2.64 10.46 36.13
C LEU A 107 1.73 9.24 36.13
N GLU A 108 1.73 8.49 37.23
CA GLU A 108 0.92 7.27 37.32
C GLU A 108 -0.57 7.59 37.30
N GLU A 109 -0.94 8.81 37.69
CA GLU A 109 -2.35 9.20 37.67
C GLU A 109 -2.75 9.72 36.29
N ASP A 110 -1.88 10.46 35.62
CA ASP A 110 -2.25 11.04 34.33
C ASP A 110 -2.23 9.99 33.22
N MET A 111 -1.43 8.93 33.40
CA MET A 111 -1.41 7.90 32.38
C MET A 111 -2.70 7.09 32.34
N THR A 112 -3.51 7.12 33.40
CA THR A 112 -4.81 6.47 33.33
C THR A 112 -5.75 7.24 32.39
N ARG A 113 -5.68 8.57 32.41
CA ARG A 113 -6.49 9.34 31.47
C ARG A 113 -6.03 9.14 30.04
N TYR A 114 -4.71 9.05 29.83
CA TYR A 114 -4.27 8.84 28.45
C TYR A 114 -4.55 7.42 27.98
N ALA A 115 -4.60 6.46 28.89
CA ALA A 115 -5.03 5.12 28.52
C ALA A 115 -6.52 5.09 28.17
N TYR A 116 -7.32 5.91 28.84
CA TYR A 116 -8.73 6.02 28.45
C TYR A 116 -8.87 6.62 27.06
N TYR A 117 -8.03 7.61 26.72
CA TYR A 117 -8.09 8.20 25.39
C TYR A 117 -7.73 7.19 24.31
N TYR A 118 -6.69 6.38 24.56
CA TYR A 118 -6.32 5.33 23.62
C TYR A 118 -7.42 4.29 23.45
N SER A 119 -8.07 3.89 24.54
CA SER A 119 -9.12 2.89 24.43
C SER A 119 -10.33 3.42 23.69
N GLY A 120 -10.62 4.71 23.85
CA GLY A 120 -11.71 5.31 23.08
C GLY A 120 -11.43 5.33 21.59
N ILE A 121 -10.20 5.69 21.21
CA ILE A 121 -9.83 5.68 19.79
C ILE A 121 -9.85 4.26 19.24
N GLY A 122 -9.44 3.29 20.06
CA GLY A 122 -9.45 1.90 19.63
C GLY A 122 -10.84 1.36 19.38
N ALA A 123 -11.79 1.67 20.27
CA ALA A 123 -13.16 1.20 20.07
C ALA A 123 -13.83 1.87 18.89
N GLY A 124 -13.59 3.18 18.71
CA GLY A 124 -14.15 3.88 17.56
C GLY A 124 -13.61 3.36 16.24
N VAL A 125 -12.32 3.04 16.21
CA VAL A 125 -11.71 2.49 14.99
C VAL A 125 -12.21 1.08 14.72
N LEU A 126 -12.47 0.30 15.78
CA LEU A 126 -13.05 -1.04 15.61
C LEU A 126 -14.40 -0.99 14.93
N VAL A 127 -15.33 -0.20 15.47
CA VAL A 127 -16.68 -0.11 14.90
C VAL A 127 -16.64 0.49 13.50
N ALA A 128 -15.84 1.54 13.28
CA ALA A 128 -15.83 2.20 11.98
C ALA A 128 -15.22 1.32 10.89
N ALA A 129 -14.18 0.56 11.22
CA ALA A 129 -13.57 -0.29 10.21
C ALA A 129 -14.46 -1.47 9.85
N TYR A 130 -15.16 -2.05 10.84
CA TYR A 130 -16.09 -3.12 10.54
C TYR A 130 -17.22 -2.65 9.64
N ILE A 131 -17.81 -1.50 9.96
CA ILE A 131 -18.93 -1.01 9.16
C ILE A 131 -18.49 -0.70 7.73
N GLN A 132 -17.31 -0.10 7.55
CA GLN A 132 -16.94 0.30 6.20
C GLN A 132 -16.57 -0.91 5.33
N VAL A 133 -15.83 -1.88 5.87
CA VAL A 133 -15.45 -3.05 5.07
C VAL A 133 -16.67 -3.92 4.78
N SER A 134 -17.50 -4.18 5.79
CA SER A 134 -18.67 -5.03 5.60
C SER A 134 -19.67 -4.41 4.63
N PHE A 135 -19.87 -3.10 4.70
CA PHE A 135 -20.91 -2.54 3.85
C PHE A 135 -20.45 -2.39 2.40
N TRP A 136 -19.16 -2.10 2.18
CA TRP A 136 -18.70 -2.07 0.80
C TRP A 136 -18.69 -3.46 0.17
N CYS A 137 -18.33 -4.49 0.95
CA CYS A 137 -18.31 -5.83 0.34
C CYS A 137 -19.72 -6.37 0.12
N LEU A 138 -20.71 -5.96 0.94
CA LEU A 138 -22.09 -6.36 0.65
C LEU A 138 -22.63 -5.65 -0.59
N ALA A 139 -22.29 -4.37 -0.78
CA ALA A 139 -22.70 -3.66 -1.98
C ALA A 139 -22.12 -4.31 -3.23
N ALA A 140 -20.87 -4.74 -3.15
CA ALA A 140 -20.24 -5.46 -4.25
C ALA A 140 -20.93 -6.78 -4.55
N GLY A 141 -21.28 -7.55 -3.50
CA GLY A 141 -21.90 -8.84 -3.72
C GLY A 141 -23.25 -8.75 -4.41
N ARG A 142 -24.11 -7.85 -3.92
CA ARG A 142 -25.43 -7.69 -4.54
C ARG A 142 -25.33 -7.16 -5.97
N GLN A 143 -24.43 -6.19 -6.20
CA GLN A 143 -24.33 -5.63 -7.53
C GLN A 143 -23.76 -6.63 -8.53
N ILE A 144 -22.78 -7.43 -8.10
CA ILE A 144 -22.17 -8.37 -9.06
C ILE A 144 -23.12 -9.52 -9.34
N HIS A 145 -24.00 -9.85 -8.39
CA HIS A 145 -24.99 -10.90 -8.65
C HIS A 145 -26.01 -10.44 -9.69
N LYS A 146 -26.48 -9.20 -9.56
CA LYS A 146 -27.42 -8.68 -10.55
C LYS A 146 -26.77 -8.52 -11.93
N ILE A 147 -25.49 -8.12 -11.97
CA ILE A 147 -24.77 -8.00 -13.23
C ILE A 147 -24.64 -9.35 -13.92
N ARG A 148 -24.27 -10.38 -13.16
CA ARG A 148 -24.09 -11.73 -13.69
C ARG A 148 -25.37 -12.33 -14.27
N LYS A 149 -26.48 -12.17 -13.55
CA LYS A 149 -27.76 -12.65 -14.04
C LYS A 149 -28.23 -11.88 -15.28
N GLN A 150 -28.05 -10.56 -15.30
CA GLN A 150 -28.49 -9.80 -16.46
C GLN A 150 -27.62 -10.06 -17.68
N PHE A 151 -26.33 -10.34 -17.49
CA PHE A 151 -25.48 -10.63 -18.64
C PHE A 151 -25.82 -11.97 -19.26
N PHE A 152 -26.10 -12.99 -18.44
CA PHE A 152 -26.50 -14.26 -19.04
C PHE A 152 -27.88 -14.18 -19.69
N HIS A 153 -28.82 -13.44 -19.08
CA HIS A 153 -30.12 -13.26 -19.70
C HIS A 153 -30.04 -12.49 -21.00
N ALA A 154 -29.08 -11.58 -21.12
CA ALA A 154 -28.92 -10.89 -22.39
C ALA A 154 -28.21 -11.76 -23.42
N ILE A 155 -27.29 -12.63 -22.98
CA ILE A 155 -26.57 -13.43 -23.95
C ILE A 155 -27.43 -14.58 -24.48
N MET A 156 -28.51 -14.93 -23.79
CA MET A 156 -29.47 -15.86 -24.39
C MET A 156 -30.57 -15.15 -25.17
N ARG A 157 -30.32 -13.93 -25.64
CA ARG A 157 -31.14 -13.26 -26.63
C ARG A 157 -30.37 -12.97 -27.90
N GLN A 158 -29.14 -13.46 -28.00
CA GLN A 158 -28.19 -13.05 -29.01
C GLN A 158 -28.08 -14.15 -30.06
N GLU A 159 -28.19 -13.77 -31.34
CA GLU A 159 -28.40 -14.72 -32.42
C GLU A 159 -27.18 -15.58 -32.71
N ILE A 160 -27.41 -16.58 -33.58
CA ILE A 160 -26.37 -17.49 -34.03
C ILE A 160 -25.30 -16.72 -34.79
N GLY A 161 -25.69 -15.71 -35.58
CA GLY A 161 -24.74 -14.95 -36.37
C GLY A 161 -23.75 -14.17 -35.53
N TRP A 162 -24.19 -13.67 -34.37
CA TRP A 162 -23.26 -13.03 -33.45
C TRP A 162 -22.28 -14.04 -32.86
N PHE A 163 -22.74 -15.27 -32.62
CA PHE A 163 -21.86 -16.32 -32.14
C PHE A 163 -20.82 -16.69 -33.19
N ASP A 164 -21.24 -16.72 -34.45
CA ASP A 164 -20.34 -17.06 -35.56
C ASP A 164 -19.33 -15.96 -35.82
N VAL A 165 -19.68 -14.71 -35.57
CA VAL A 165 -18.70 -13.65 -35.82
C VAL A 165 -17.78 -13.45 -34.62
N HIS A 166 -18.28 -13.59 -33.37
CA HIS A 166 -17.37 -13.24 -32.28
C HIS A 166 -16.43 -14.35 -31.85
N ASP A 167 -16.93 -15.33 -31.08
CA ASP A 167 -16.14 -16.42 -30.48
C ASP A 167 -17.00 -17.33 -29.60
N VAL A 168 -16.44 -18.46 -29.16
CA VAL A 168 -17.09 -19.26 -28.15
C VAL A 168 -16.25 -19.31 -26.86
N GLY A 169 -14.92 -19.36 -26.96
CA GLY A 169 -14.06 -19.46 -25.80
C GLY A 169 -13.69 -18.12 -25.19
N GLU A 170 -13.51 -17.13 -26.06
CA GLU A 170 -13.30 -15.76 -25.61
C GLU A 170 -14.54 -15.20 -24.93
N LEU A 171 -15.73 -15.73 -25.25
CA LEU A 171 -16.93 -15.35 -24.52
C LEU A 171 -16.89 -15.83 -23.08
N ASN A 172 -16.42 -17.07 -22.86
CA ASN A 172 -16.32 -17.58 -21.50
C ASN A 172 -15.24 -16.87 -20.71
N THR A 173 -14.09 -16.59 -21.33
CA THR A 173 -13.10 -15.81 -20.59
C THR A 173 -13.54 -14.36 -20.42
N ARG A 174 -14.44 -13.86 -21.27
CA ARG A 174 -15.01 -12.53 -21.05
C ARG A 174 -15.90 -12.52 -19.83
N LEU A 175 -16.74 -13.56 -19.68
CA LEU A 175 -17.56 -13.71 -18.47
C LEU A 175 -16.71 -13.77 -17.21
N THR A 176 -15.71 -14.67 -17.20
CA THR A 176 -14.87 -14.85 -16.01
C THR A 176 -14.07 -13.59 -15.68
N ASP A 177 -13.36 -13.05 -16.67
CA ASP A 177 -12.49 -11.90 -16.44
C ASP A 177 -13.28 -10.65 -16.10
N ASP A 178 -14.41 -10.41 -16.77
CA ASP A 178 -15.13 -9.17 -16.54
C ASP A 178 -15.88 -9.20 -15.21
N VAL A 179 -16.40 -10.38 -14.80
CA VAL A 179 -17.02 -10.43 -13.48
C VAL A 179 -16.00 -10.30 -12.37
N SER A 180 -14.83 -10.94 -12.52
CA SER A 180 -13.78 -10.78 -11.51
C SER A 180 -13.26 -9.35 -11.45
N LYS A 181 -13.20 -8.67 -12.59
CA LYS A 181 -12.69 -7.31 -12.58
C LYS A 181 -13.71 -6.32 -12.03
N ILE A 182 -15.01 -6.57 -12.22
CA ILE A 182 -15.99 -5.70 -11.56
C ILE A 182 -15.96 -5.90 -10.06
N ASN A 183 -15.85 -7.16 -9.62
CA ASN A 183 -15.80 -7.46 -8.18
C ASN A 183 -14.55 -6.90 -7.53
N GLU A 184 -13.42 -6.88 -8.24
CA GLU A 184 -12.23 -6.25 -7.67
C GLU A 184 -12.24 -4.74 -7.85
N GLY A 185 -13.09 -4.23 -8.74
CA GLY A 185 -13.07 -2.80 -8.97
C GLY A 185 -13.94 -1.99 -8.04
N ILE A 186 -15.21 -2.35 -7.90
CA ILE A 186 -16.08 -1.59 -7.01
C ILE A 186 -16.30 -2.34 -5.69
N GLY A 187 -15.43 -3.29 -5.39
CA GLY A 187 -15.63 -4.14 -4.24
C GLY A 187 -15.24 -3.52 -2.92
N ASP A 188 -13.94 -3.29 -2.77
CA ASP A 188 -13.37 -2.82 -1.53
C ASP A 188 -12.44 -1.66 -1.73
N LYS A 189 -11.95 -1.44 -2.94
CA LYS A 189 -10.93 -0.44 -3.18
C LYS A 189 -11.51 0.96 -3.11
N ILE A 190 -12.80 1.10 -3.35
CA ILE A 190 -13.46 2.39 -3.20
C ILE A 190 -13.56 2.77 -1.73
N GLY A 191 -13.59 1.79 -0.83
CA GLY A 191 -13.55 2.10 0.59
C GLY A 191 -12.17 2.53 1.04
N MET A 192 -11.15 1.77 0.66
CA MET A 192 -9.79 2.07 1.10
C MET A 192 -9.25 3.34 0.47
N PHE A 193 -9.77 3.71 -0.70
CA PHE A 193 -9.38 4.99 -1.29
C PHE A 193 -9.89 6.17 -0.45
N PHE A 194 -11.14 6.09 0.02
CA PHE A 194 -11.66 7.17 0.85
C PHE A 194 -11.03 7.17 2.24
N GLN A 195 -10.69 5.99 2.76
CA GLN A 195 -9.96 5.91 4.02
C GLN A 195 -8.59 6.56 3.91
N SER A 196 -7.89 6.33 2.80
CA SER A 196 -6.58 6.95 2.61
C SER A 196 -6.68 8.45 2.43
N MET A 197 -7.73 8.92 1.75
CA MET A 197 -7.93 10.36 1.62
C MET A 197 -8.23 11.02 2.97
N ALA A 198 -9.02 10.34 3.81
CA ALA A 198 -9.30 10.89 5.13
C ALA A 198 -8.07 10.91 6.01
N THR A 199 -7.23 9.88 5.92
CA THR A 199 -6.00 9.85 6.71
C THR A 199 -5.05 10.95 6.28
N PHE A 200 -4.95 11.20 4.98
CA PHE A 200 -4.08 12.27 4.48
C PHE A 200 -4.56 13.64 4.93
N PHE A 201 -5.87 13.90 4.85
CA PHE A 201 -6.36 15.23 5.23
C PHE A 201 -6.32 15.46 6.73
N THR A 202 -6.64 14.43 7.53
CA THR A 202 -6.54 14.57 8.99
C THR A 202 -5.08 14.73 9.42
N GLY A 203 -4.16 14.05 8.72
CA GLY A 203 -2.75 14.21 9.02
C GLY A 203 -2.24 15.61 8.75
N PHE A 204 -2.66 16.20 7.64
CA PHE A 204 -2.22 17.57 7.37
C PHE A 204 -2.86 18.59 8.31
N ILE A 205 -4.10 18.36 8.72
CA ILE A 205 -4.76 19.30 9.64
C ILE A 205 -4.10 19.26 11.01
N VAL A 206 -3.74 18.05 11.47
CA VAL A 206 -3.02 17.93 12.75
C VAL A 206 -1.63 18.54 12.65
N GLY A 207 -0.92 18.27 11.55
CA GLY A 207 0.42 18.80 11.39
C GLY A 207 0.49 20.29 11.20
N PHE A 208 -0.60 20.92 10.75
CA PHE A 208 -0.61 22.38 10.76
C PHE A 208 -1.17 22.96 12.04
N THR A 209 -1.97 22.22 12.80
CA THR A 209 -2.48 22.83 14.02
C THR A 209 -1.56 22.63 15.21
N ARG A 210 -0.56 21.74 15.13
CA ARG A 210 0.37 21.63 16.25
C ARG A 210 1.59 22.53 16.06
N GLY A 211 2.38 22.27 15.03
CA GLY A 211 3.47 23.15 14.70
C GLY A 211 3.69 23.23 13.21
N TRP A 212 3.59 24.42 12.63
CA TRP A 212 3.63 24.54 11.19
C TRP A 212 5.04 24.66 10.64
N LYS A 213 6.00 25.08 11.47
CA LYS A 213 7.36 25.32 10.99
C LYS A 213 8.06 24.02 10.64
N LEU A 214 7.66 22.91 11.25
CA LEU A 214 8.19 21.62 10.86
C LEU A 214 7.38 21.00 9.72
N THR A 215 6.07 21.27 9.70
CA THR A 215 5.22 20.71 8.66
C THR A 215 5.55 21.29 7.30
N LEU A 216 6.02 22.54 7.24
CA LEU A 216 6.41 23.07 5.94
C LEU A 216 7.69 22.44 5.41
N VAL A 217 8.60 22.04 6.29
CA VAL A 217 9.79 21.33 5.85
C VAL A 217 9.43 19.93 5.34
N ILE A 218 8.58 19.22 6.08
CA ILE A 218 8.24 17.89 5.60
C ILE A 218 7.29 17.96 4.40
N LEU A 219 6.55 19.07 4.25
CA LEU A 219 5.74 19.25 3.04
C LEU A 219 6.62 19.58 1.84
N ALA A 220 7.75 20.25 2.07
CA ALA A 220 8.73 20.39 1.00
C ALA A 220 9.33 19.06 0.60
N ILE A 221 9.52 18.15 1.56
CA ILE A 221 10.04 16.83 1.21
C ILE A 221 8.98 15.99 0.49
N SER A 222 7.74 16.04 0.98
CA SER A 222 6.62 15.13 0.73
C SER A 222 6.24 14.73 -0.70
N PRO A 223 6.53 15.52 -1.76
CA PRO A 223 6.36 14.95 -3.11
C PRO A 223 7.24 13.73 -3.37
N VAL A 224 8.52 13.76 -2.96
CA VAL A 224 9.38 12.61 -3.15
C VAL A 224 8.95 11.46 -2.26
N LEU A 225 8.41 11.78 -1.07
CA LEU A 225 7.83 10.78 -0.19
C LEU A 225 6.63 10.08 -0.84
N GLY A 226 5.73 10.87 -1.43
CA GLY A 226 4.57 10.30 -2.08
C GLY A 226 4.92 9.51 -3.32
N LEU A 227 5.93 9.97 -4.06
CA LEU A 227 6.37 9.25 -5.25
C LEU A 227 7.01 7.92 -4.89
N SER A 228 7.84 7.89 -3.84
CA SER A 228 8.45 6.66 -3.38
C SER A 228 7.41 5.68 -2.85
N ALA A 229 6.41 6.18 -2.13
CA ALA A 229 5.34 5.32 -1.64
C ALA A 229 4.49 4.77 -2.78
N ALA A 230 4.24 5.60 -3.80
CA ALA A 230 3.43 5.18 -4.92
C ALA A 230 4.13 4.11 -5.73
N VAL A 231 5.43 4.27 -5.99
CA VAL A 231 6.14 3.25 -6.75
C VAL A 231 6.38 2.00 -5.90
N TRP A 232 6.46 2.15 -4.57
CA TRP A 232 6.56 0.98 -3.69
C TRP A 232 5.29 0.15 -3.75
N ALA A 233 4.12 0.79 -3.62
CA ALA A 233 2.86 0.07 -3.72
C ALA A 233 2.62 -0.43 -5.14
N LYS A 234 3.17 0.26 -6.15
CA LYS A 234 3.00 -0.17 -7.53
C LYS A 234 3.74 -1.47 -7.80
N ILE A 235 5.03 -1.53 -7.49
CA ILE A 235 5.75 -2.77 -7.75
C ILE A 235 5.46 -3.82 -6.69
N LEU A 236 4.84 -3.45 -5.57
CA LEU A 236 4.30 -4.45 -4.65
C LEU A 236 2.99 -5.02 -5.15
N SER A 237 2.28 -4.27 -6.01
CA SER A 237 0.95 -4.71 -6.42
C SER A 237 1.01 -5.84 -7.43
N SER A 238 1.63 -5.60 -8.60
CA SER A 238 1.60 -6.56 -9.70
C SER A 238 2.34 -7.86 -9.39
N PHE A 239 3.67 -7.79 -9.35
CA PHE A 239 4.60 -8.82 -8.86
C PHE A 239 4.63 -10.11 -9.68
N THR A 240 3.77 -10.24 -10.70
CA THR A 240 3.70 -11.48 -11.47
C THR A 240 3.53 -11.29 -12.97
N ASP A 241 3.14 -10.11 -13.46
CA ASP A 241 2.83 -9.97 -14.87
C ASP A 241 4.08 -9.94 -15.74
N LYS A 242 5.23 -9.56 -15.17
CA LYS A 242 6.45 -9.50 -15.95
C LYS A 242 6.95 -10.90 -16.31
N GLU A 243 6.69 -11.88 -15.45
CA GLU A 243 7.05 -13.27 -15.76
C GLU A 243 6.23 -13.80 -16.93
N LEU A 244 4.94 -13.49 -16.98
CA LEU A 244 4.11 -13.98 -18.07
C LEU A 244 4.38 -13.21 -19.36
N LEU A 245 4.69 -11.92 -19.29
CA LEU A 245 5.05 -11.23 -20.52
C LEU A 245 6.49 -11.54 -20.96
N ALA A 246 7.29 -12.15 -20.09
CA ALA A 246 8.58 -12.68 -20.54
C ALA A 246 8.44 -14.08 -21.12
N TYR A 247 7.48 -14.86 -20.64
CA TYR A 247 7.24 -16.19 -21.19
C TYR A 247 6.28 -16.19 -22.38
N ALA A 248 5.72 -15.02 -22.72
CA ALA A 248 4.83 -14.92 -23.88
C ALA A 248 5.54 -15.26 -25.18
N LYS A 249 6.82 -14.90 -25.30
CA LYS A 249 7.56 -15.18 -26.53
C LYS A 249 7.99 -16.63 -26.64
N ALA A 250 8.08 -17.35 -25.53
CA ALA A 250 8.56 -18.72 -25.56
C ALA A 250 7.46 -19.76 -25.47
N GLY A 251 6.28 -19.41 -24.94
CA GLY A 251 5.23 -20.40 -24.80
C GLY A 251 4.58 -20.82 -26.10
N ALA A 252 4.80 -20.06 -27.18
CA ALA A 252 4.24 -20.40 -28.48
C ALA A 252 4.87 -21.67 -29.03
N VAL A 253 6.19 -21.79 -28.91
CA VAL A 253 6.90 -23.01 -29.34
C VAL A 253 6.46 -24.19 -28.48
N ALA A 254 6.20 -23.93 -27.20
CA ALA A 254 5.76 -24.98 -26.29
C ALA A 254 4.39 -25.54 -26.69
N GLU A 255 3.41 -24.65 -26.86
CA GLU A 255 2.06 -25.10 -27.22
C GLU A 255 2.02 -25.64 -28.65
N GLU A 256 2.91 -25.16 -29.52
CA GLU A 256 2.94 -25.66 -30.90
C GLU A 256 3.51 -27.07 -30.97
N VAL A 257 4.57 -27.34 -30.21
CA VAL A 257 5.14 -28.69 -30.23
C VAL A 257 4.26 -29.67 -29.48
N LEU A 258 3.70 -29.26 -28.33
CA LEU A 258 2.83 -30.18 -27.60
C LEU A 258 1.51 -30.40 -28.32
N ALA A 259 1.08 -29.47 -29.18
CA ALA A 259 -0.10 -29.73 -29.99
C ALA A 259 0.18 -30.74 -31.09
N ALA A 260 1.36 -30.66 -31.71
CA ALA A 260 1.77 -31.53 -32.80
C ALA A 260 2.78 -32.59 -32.38
N ILE A 261 2.61 -33.18 -31.20
CA ILE A 261 3.62 -34.03 -30.58
C ILE A 261 3.89 -35.29 -31.43
N ARG A 262 2.83 -35.88 -31.98
CA ARG A 262 2.97 -37.17 -32.66
C ARG A 262 3.69 -37.02 -33.98
N THR A 263 3.36 -35.98 -34.75
CA THR A 263 4.07 -35.73 -36.00
C THR A 263 5.52 -35.34 -35.76
N VAL A 264 5.78 -34.59 -34.68
CA VAL A 264 7.13 -34.14 -34.39
C VAL A 264 8.02 -35.32 -34.01
N ILE A 265 7.54 -36.20 -33.13
CA ILE A 265 8.37 -37.37 -32.82
C ILE A 265 8.26 -38.46 -33.86
N ALA A 266 7.33 -38.34 -34.81
CA ALA A 266 7.36 -39.21 -35.97
C ALA A 266 8.45 -38.79 -36.93
N PHE A 267 8.73 -37.49 -37.02
CA PHE A 267 9.84 -37.05 -37.84
C PHE A 267 11.17 -37.18 -37.12
N GLY A 268 11.17 -37.01 -35.79
CA GLY A 268 12.41 -36.98 -35.04
C GLY A 268 13.01 -35.60 -34.93
N GLY A 269 12.18 -34.56 -34.92
CA GLY A 269 12.67 -33.20 -34.80
C GLY A 269 12.59 -32.68 -33.38
N GLN A 270 13.00 -33.54 -32.44
CA GLN A 270 13.09 -33.13 -31.04
C GLN A 270 14.17 -32.08 -30.85
N LYS A 271 15.29 -32.25 -31.54
CA LYS A 271 16.48 -31.46 -31.27
C LYS A 271 16.32 -30.02 -31.74
N LYS A 272 15.67 -29.81 -32.88
CA LYS A 272 15.52 -28.45 -33.40
C LYS A 272 14.54 -27.64 -32.56
N GLU A 273 13.42 -28.25 -32.16
CA GLU A 273 12.46 -27.53 -31.32
C GLU A 273 13.03 -27.30 -29.93
N LEU A 274 13.87 -28.22 -29.44
CA LEU A 274 14.60 -28.02 -28.20
C LEU A 274 15.55 -26.84 -28.29
N GLU A 275 16.29 -26.73 -29.40
CA GLU A 275 17.21 -25.60 -29.56
C GLU A 275 16.47 -24.28 -29.72
N ARG A 276 15.33 -24.27 -30.40
CA ARG A 276 14.55 -23.04 -30.53
C ARG A 276 13.96 -22.61 -29.19
N TYR A 277 13.55 -23.58 -28.38
CA TYR A 277 13.05 -23.27 -27.04
C TYR A 277 14.17 -22.70 -26.17
N ASN A 278 15.39 -23.23 -26.33
CA ASN A 278 16.55 -22.65 -25.65
C ASN A 278 16.81 -21.21 -26.10
N LYS A 279 16.71 -20.96 -27.41
CA LYS A 279 16.97 -19.63 -27.95
C LYS A 279 15.93 -18.62 -27.47
N ASN A 280 14.70 -19.06 -27.20
CA ASN A 280 13.74 -18.14 -26.61
C ASN A 280 13.98 -17.95 -25.11
N LEU A 281 14.36 -19.02 -24.41
CA LEU A 281 14.48 -18.95 -22.96
C LEU A 281 15.64 -18.09 -22.52
N GLU A 282 16.71 -18.01 -23.32
CA GLU A 282 17.83 -17.15 -22.97
C GLU A 282 17.44 -15.67 -22.94
N GLU A 283 16.67 -15.23 -23.94
CA GLU A 283 16.15 -13.87 -23.98
C GLU A 283 15.18 -13.60 -22.84
N ALA A 284 14.30 -14.57 -22.55
CA ALA A 284 13.35 -14.38 -21.45
C ALA A 284 14.05 -14.24 -20.10
N LYS A 285 15.08 -15.06 -19.87
CA LYS A 285 15.83 -15.00 -18.63
C LYS A 285 16.63 -13.70 -18.52
N ARG A 286 17.17 -13.19 -19.64
CA ARG A 286 17.93 -11.94 -19.56
C ARG A 286 17.03 -10.75 -19.25
N ILE A 287 15.85 -10.70 -19.86
CA ILE A 287 14.92 -9.61 -19.55
C ILE A 287 14.39 -9.73 -18.11
N GLY A 288 14.24 -10.96 -17.61
CA GLY A 288 13.91 -11.13 -16.20
C GLY A 288 15.00 -10.65 -15.26
N ILE A 289 16.27 -10.86 -15.63
CA ILE A 289 17.41 -10.34 -14.86
C ILE A 289 17.34 -8.82 -14.76
N LYS A 290 17.10 -8.17 -15.90
CA LYS A 290 16.97 -6.71 -15.91
C LYS A 290 15.79 -6.24 -15.05
N LYS A 291 14.69 -7.00 -15.07
CA LYS A 291 13.52 -6.66 -14.26
C LYS A 291 13.83 -6.74 -12.77
N ALA A 292 14.48 -7.81 -12.33
CA ALA A 292 14.77 -8.00 -10.91
C ALA A 292 15.73 -6.94 -10.39
N ILE A 293 16.78 -6.63 -11.17
CA ILE A 293 17.73 -5.58 -10.76
C ILE A 293 17.04 -4.22 -10.66
N THR A 294 16.19 -3.88 -11.64
CA THR A 294 15.58 -2.55 -11.62
C THR A 294 14.54 -2.41 -10.51
N ALA A 295 13.77 -3.47 -10.25
CA ALA A 295 12.79 -3.40 -9.17
C ALA A 295 13.46 -3.30 -7.79
N ASN A 296 14.56 -4.03 -7.59
CA ASN A 296 15.19 -3.95 -6.28
C ASN A 296 15.96 -2.65 -6.09
N ILE A 297 16.51 -2.07 -7.15
CA ILE A 297 17.09 -0.73 -7.03
C ILE A 297 16.01 0.30 -6.71
N SER A 298 14.80 0.12 -7.26
CA SER A 298 13.71 1.05 -6.95
C SER A 298 13.28 0.97 -5.49
N ILE A 299 13.17 -0.24 -4.94
CA ILE A 299 12.74 -0.31 -3.54
C ILE A 299 13.88 0.05 -2.57
N GLY A 300 15.13 -0.17 -2.99
CA GLY A 300 16.25 0.34 -2.21
C GLY A 300 16.27 1.87 -2.14
N ALA A 301 16.01 2.52 -3.27
CA ALA A 301 15.93 3.99 -3.25
C ALA A 301 14.75 4.48 -2.45
N ALA A 302 13.66 3.69 -2.38
CA ALA A 302 12.56 4.04 -1.50
C ALA A 302 12.96 4.03 -0.03
N PHE A 303 13.69 2.99 0.41
CA PHE A 303 14.16 2.95 1.79
C PHE A 303 15.17 4.06 2.08
N LEU A 304 16.03 4.37 1.11
CA LEU A 304 16.98 5.47 1.30
C LEU A 304 16.28 6.80 1.47
N LEU A 305 15.20 7.03 0.72
CA LEU A 305 14.47 8.28 0.89
C LEU A 305 13.70 8.32 2.21
N ILE A 306 13.18 7.19 2.69
CA ILE A 306 12.51 7.18 3.99
C ILE A 306 13.48 7.53 5.11
N TYR A 307 14.66 6.91 5.12
CA TYR A 307 15.57 7.18 6.22
C TYR A 307 16.25 8.55 6.10
N ALA A 308 16.43 9.06 4.88
CA ALA A 308 16.91 10.43 4.73
C ALA A 308 15.85 11.44 5.19
N SER A 309 14.57 11.12 4.99
CA SER A 309 13.53 11.97 5.55
C SER A 309 13.54 11.95 7.07
N TYR A 310 13.84 10.80 7.68
CA TYR A 310 13.99 10.76 9.14
C TYR A 310 15.13 11.62 9.60
N ALA A 311 16.27 11.56 8.91
CA ALA A 311 17.44 12.33 9.32
C ALA A 311 17.19 13.82 9.21
N LEU A 312 16.56 14.27 8.13
CA LEU A 312 16.23 15.69 8.01
C LEU A 312 15.20 16.10 9.04
N ALA A 313 14.17 15.28 9.25
CA ALA A 313 13.10 15.64 10.18
C ALA A 313 13.60 15.73 11.60
N PHE A 314 14.41 14.78 12.05
CA PHE A 314 14.90 14.87 13.41
C PHE A 314 16.02 15.87 13.59
N TRP A 315 16.82 16.15 12.55
CA TRP A 315 17.82 17.19 12.71
C TRP A 315 17.16 18.57 12.86
N TYR A 316 16.18 18.86 12.00
CA TYR A 316 15.49 20.13 12.15
C TYR A 316 14.59 20.15 13.38
N GLY A 317 14.07 19.00 13.78
CA GLY A 317 13.23 18.95 14.97
C GLY A 317 14.00 19.19 16.25
N THR A 318 15.17 18.59 16.37
CA THR A 318 15.96 18.87 17.55
C THR A 318 16.64 20.22 17.51
N THR A 319 16.86 20.80 16.32
CA THR A 319 17.20 22.22 16.28
C THR A 319 16.09 23.07 16.88
N LEU A 320 14.84 22.75 16.55
CA LEU A 320 13.73 23.52 17.09
C LEU A 320 13.50 23.25 18.57
N VAL A 321 13.86 22.07 19.08
CA VAL A 321 13.67 21.82 20.50
C VAL A 321 14.76 22.48 21.32
N LEU A 322 16.03 22.32 20.91
CA LEU A 322 17.12 22.97 21.62
C LEU A 322 17.12 24.48 21.44
N SER A 323 16.36 25.02 20.46
CA SER A 323 16.11 26.45 20.44
C SER A 323 15.15 26.89 21.52
N GLY A 324 14.46 25.96 22.18
CA GLY A 324 13.48 26.32 23.18
C GLY A 324 12.21 26.86 22.59
N GLU A 325 11.67 26.22 21.56
CA GLU A 325 10.49 26.73 20.89
C GLU A 325 9.43 25.65 20.74
N TYR A 326 9.83 24.41 20.59
CA TYR A 326 8.91 23.29 20.55
C TYR A 326 9.13 22.43 21.78
N SER A 327 8.42 21.32 21.86
CA SER A 327 8.72 20.29 22.84
C SER A 327 9.11 19.04 22.09
N ILE A 328 9.32 17.95 22.81
CA ILE A 328 9.62 16.72 22.08
C ILE A 328 8.32 16.06 21.60
N GLY A 329 7.23 16.24 22.34
CA GLY A 329 5.97 15.66 21.92
C GLY A 329 5.39 16.36 20.71
N GLN A 330 5.62 17.66 20.60
CA GLN A 330 5.16 18.41 19.44
C GLN A 330 5.89 17.96 18.18
N VAL A 331 7.18 17.68 18.29
CA VAL A 331 7.96 17.22 17.16
C VAL A 331 7.54 15.82 16.75
N LEU A 332 7.30 14.93 17.72
CA LEU A 332 6.83 13.58 17.40
C LEU A 332 5.46 13.60 16.73
N THR A 333 4.53 14.41 17.25
CA THR A 333 3.19 14.47 16.66
C THR A 333 3.23 15.02 15.25
N VAL A 334 3.85 16.17 15.06
CA VAL A 334 3.84 16.77 13.73
C VAL A 334 4.52 15.90 12.69
N PHE A 335 5.70 15.38 13.01
CA PHE A 335 6.41 14.55 12.05
C PHE A 335 5.68 13.24 11.74
N PHE A 336 5.25 12.55 12.79
CA PHE A 336 4.57 11.28 12.61
C PHE A 336 3.25 11.43 11.87
N SER A 337 2.50 12.46 12.24
CA SER A 337 1.23 12.70 11.59
C SER A 337 1.45 13.04 10.13
N VAL A 338 2.47 13.86 9.86
CA VAL A 338 2.76 14.25 8.48
C VAL A 338 3.20 13.09 7.61
N LEU A 339 3.99 12.19 8.17
CA LEU A 339 4.54 11.07 7.40
C LEU A 339 3.49 10.02 7.12
N ILE A 340 2.62 9.76 8.09
CA ILE A 340 1.52 8.81 7.89
C ILE A 340 0.56 9.31 6.81
N GLY A 341 0.29 10.62 6.80
CA GLY A 341 -0.57 11.18 5.79
C GLY A 341 0.02 11.08 4.38
N ALA A 342 1.32 11.34 4.26
CA ALA A 342 1.97 11.23 2.95
C ALA A 342 2.01 9.78 2.46
N PHE A 343 2.28 8.82 3.35
CA PHE A 343 2.33 7.45 2.86
C PHE A 343 0.94 6.88 2.60
N SER A 344 -0.10 7.35 3.29
CA SER A 344 -1.42 6.85 2.95
C SER A 344 -1.93 7.43 1.63
N VAL A 345 -1.62 8.70 1.35
CA VAL A 345 -2.03 9.23 0.05
C VAL A 345 -1.16 8.65 -1.06
N GLY A 346 0.01 8.13 -0.71
CA GLY A 346 0.75 7.33 -1.68
C GLY A 346 0.13 5.96 -1.89
N GLN A 347 -0.38 5.35 -0.81
CA GLN A 347 -0.91 4.00 -0.91
C GLN A 347 -2.30 3.97 -1.55
N ALA A 348 -2.92 5.15 -1.70
CA ALA A 348 -4.17 5.26 -2.45
C ALA A 348 -4.08 4.91 -3.94
N SER A 349 -2.87 4.78 -4.46
CA SER A 349 -2.66 4.64 -5.91
C SER A 349 -3.19 3.36 -6.59
N PRO A 350 -3.15 2.15 -6.01
CA PRO A 350 -3.71 1.00 -6.75
C PRO A 350 -5.23 1.02 -6.95
N SER A 351 -5.96 1.78 -6.14
CA SER A 351 -7.42 1.80 -6.27
C SER A 351 -7.86 2.51 -7.53
N ILE A 352 -7.12 3.53 -7.97
CA ILE A 352 -7.45 4.22 -9.21
C ILE A 352 -7.23 3.30 -10.41
N GLU A 353 -6.17 2.48 -10.36
CA GLU A 353 -5.91 1.52 -11.42
C GLU A 353 -6.98 0.43 -11.46
N ALA A 354 -7.39 -0.07 -10.29
CA ALA A 354 -8.42 -1.09 -10.26
C ALA A 354 -9.77 -0.55 -10.73
N PHE A 355 -10.07 0.71 -10.42
CA PHE A 355 -11.34 1.27 -10.86
C PHE A 355 -11.34 1.58 -12.35
N ALA A 356 -10.20 2.00 -12.89
CA ALA A 356 -10.12 2.22 -14.34
C ALA A 356 -10.22 0.90 -15.10
N ASN A 357 -9.60 -0.16 -14.57
CA ASN A 357 -9.76 -1.49 -15.16
C ASN A 357 -11.19 -1.99 -15.06
N ALA A 358 -11.90 -1.66 -13.97
CA ALA A 358 -13.29 -2.08 -13.86
C ALA A 358 -14.19 -1.35 -14.85
N ARG A 359 -13.93 -0.07 -15.11
CA ARG A 359 -14.71 0.62 -16.15
C ARG A 359 -14.43 0.04 -17.54
N GLY A 360 -13.14 -0.19 -17.84
CA GLY A 360 -12.78 -0.73 -19.12
C GLY A 360 -13.25 -2.16 -19.34
N ALA A 361 -13.42 -2.93 -18.27
CA ALA A 361 -13.98 -4.27 -18.42
C ALA A 361 -15.50 -4.27 -18.35
N ALA A 362 -16.11 -3.22 -17.81
CA ALA A 362 -17.55 -3.17 -17.75
C ALA A 362 -18.19 -2.73 -19.06
N TYR A 363 -17.44 -1.98 -19.90
CA TYR A 363 -18.04 -1.47 -21.14
C TYR A 363 -18.52 -2.57 -22.07
N GLU A 364 -17.83 -3.72 -22.08
CA GLU A 364 -18.19 -4.80 -22.99
C GLU A 364 -19.48 -5.49 -22.57
N ILE A 365 -19.60 -5.78 -21.28
CA ILE A 365 -20.82 -6.38 -20.74
C ILE A 365 -21.99 -5.41 -20.86
N PHE A 366 -21.74 -4.12 -20.72
CA PHE A 366 -22.80 -3.15 -20.95
C PHE A 366 -23.19 -3.08 -22.41
N LYS A 367 -22.23 -3.30 -23.31
CA LYS A 367 -22.54 -3.35 -24.73
C LYS A 367 -23.41 -4.55 -25.07
N ILE A 368 -23.11 -5.70 -24.46
CA ILE A 368 -23.91 -6.91 -24.72
C ILE A 368 -25.32 -6.75 -24.16
N ILE A 369 -25.45 -6.27 -22.92
CA ILE A 369 -26.78 -6.14 -22.34
C ILE A 369 -27.55 -4.92 -22.86
N ASP A 370 -26.91 -4.05 -23.63
CA ASP A 370 -27.64 -2.90 -24.17
C ASP A 370 -28.38 -3.25 -25.46
N ASN A 371 -27.67 -3.78 -26.46
CA ASN A 371 -28.21 -3.86 -27.82
C ASN A 371 -29.25 -4.96 -27.92
N LYS A 372 -30.37 -4.64 -28.57
CA LYS A 372 -31.40 -5.64 -28.75
C LYS A 372 -31.56 -5.99 -30.22
N PRO A 373 -31.75 -7.26 -30.56
CA PRO A 373 -31.89 -7.64 -31.97
C PRO A 373 -33.28 -7.31 -32.50
N SER A 374 -33.44 -7.50 -33.81
CA SER A 374 -34.75 -7.34 -34.42
C SER A 374 -35.68 -8.49 -34.07
N ILE A 375 -35.15 -9.71 -34.01
CA ILE A 375 -35.95 -10.89 -33.68
C ILE A 375 -35.89 -11.16 -32.18
N ASP A 376 -36.83 -10.58 -31.44
CA ASP A 376 -36.88 -10.69 -29.99
C ASP A 376 -37.47 -12.05 -29.61
N SER A 377 -36.63 -12.92 -29.07
CA SER A 377 -37.06 -14.28 -28.73
C SER A 377 -37.85 -14.36 -27.42
N TYR A 378 -38.08 -13.24 -26.74
CA TYR A 378 -38.92 -13.24 -25.55
C TYR A 378 -40.08 -12.26 -25.62
N SER A 379 -40.21 -11.50 -26.71
CA SER A 379 -41.34 -10.59 -26.82
C SER A 379 -42.61 -11.38 -27.03
N LYS A 380 -43.60 -11.14 -26.17
CA LYS A 380 -44.91 -11.75 -26.36
C LYS A 380 -45.78 -10.94 -27.31
N SER A 381 -45.21 -9.94 -27.98
CA SER A 381 -45.87 -9.22 -29.06
C SER A 381 -45.76 -9.96 -30.39
N GLY A 382 -45.21 -11.17 -30.39
CA GLY A 382 -45.29 -12.01 -31.57
C GLY A 382 -46.68 -12.56 -31.78
N HIS A 383 -46.91 -13.06 -32.98
CA HIS A 383 -48.22 -13.56 -33.38
C HIS A 383 -48.17 -15.08 -33.41
N LYS A 384 -49.23 -15.72 -32.90
CA LYS A 384 -49.26 -17.17 -32.75
C LYS A 384 -50.50 -17.74 -33.42
N PRO A 385 -50.33 -18.61 -34.44
CA PRO A 385 -51.50 -19.24 -35.07
C PRO A 385 -52.14 -20.28 -34.16
N ASP A 386 -53.34 -20.70 -34.57
CA ASP A 386 -54.09 -21.74 -33.89
C ASP A 386 -54.29 -22.97 -34.76
N ASN A 387 -54.80 -22.82 -35.98
CA ASN A 387 -55.03 -23.94 -36.88
C ASN A 387 -53.78 -24.19 -37.72
N ILE A 388 -52.79 -24.79 -37.05
CA ILE A 388 -51.47 -24.98 -37.63
C ILE A 388 -51.50 -26.17 -38.58
N LYS A 389 -51.59 -25.87 -39.88
CA LYS A 389 -51.62 -26.86 -40.95
C LYS A 389 -50.33 -26.80 -41.73
N GLY A 390 -49.75 -27.97 -42.02
CA GLY A 390 -48.45 -28.02 -42.66
C GLY A 390 -48.43 -27.58 -44.11
N ASN A 391 -47.85 -26.41 -44.36
CA ASN A 391 -47.73 -25.85 -45.70
C ASN A 391 -46.46 -25.02 -45.76
N LEU A 392 -45.59 -25.30 -46.72
CA LEU A 392 -44.31 -24.61 -46.84
C LEU A 392 -44.29 -23.80 -48.13
N GLU A 393 -43.96 -22.51 -48.02
CA GLU A 393 -43.86 -21.60 -49.16
C GLU A 393 -42.51 -20.91 -49.12
N PHE A 394 -41.68 -21.13 -50.13
CA PHE A 394 -40.44 -20.41 -50.32
C PHE A 394 -40.48 -19.80 -51.72
N ARG A 395 -40.20 -18.50 -51.83
CA ARG A 395 -40.16 -17.84 -53.13
C ARG A 395 -39.05 -16.80 -53.17
N ASN A 396 -38.15 -16.95 -54.16
CA ASN A 396 -37.08 -16.00 -54.48
C ASN A 396 -36.13 -15.81 -53.29
N VAL A 397 -35.71 -16.91 -52.70
CA VAL A 397 -35.02 -16.90 -51.41
C VAL A 397 -33.51 -16.83 -51.67
N HIS A 398 -32.93 -15.67 -51.40
CA HIS A 398 -31.49 -15.48 -51.48
C HIS A 398 -30.97 -15.16 -50.08
N PHE A 399 -29.89 -15.82 -49.71
CA PHE A 399 -29.32 -15.65 -48.38
C PHE A 399 -27.85 -16.03 -48.42
N SER A 400 -27.03 -15.26 -47.72
CA SER A 400 -25.63 -15.58 -47.54
C SER A 400 -25.27 -15.53 -46.07
N TYR A 401 -24.26 -16.33 -45.72
CA TYR A 401 -23.78 -16.36 -44.35
C TYR A 401 -23.07 -15.05 -44.03
N PRO A 402 -23.37 -14.42 -42.88
CA PRO A 402 -22.64 -13.20 -42.50
C PRO A 402 -21.20 -13.46 -42.06
N SER A 403 -20.79 -14.71 -41.89
CA SER A 403 -19.38 -15.00 -41.64
C SER A 403 -18.55 -14.80 -42.89
N ARG A 404 -19.04 -15.25 -44.04
CA ARG A 404 -18.42 -15.02 -45.35
C ARG A 404 -19.50 -14.51 -46.29
N LYS A 405 -19.71 -13.19 -46.31
CA LYS A 405 -20.75 -12.59 -47.13
C LYS A 405 -20.31 -12.36 -48.58
N GLU A 406 -19.01 -12.47 -48.87
CA GLU A 406 -18.54 -12.24 -50.23
C GLU A 406 -18.96 -13.37 -51.16
N VAL A 407 -19.07 -14.59 -50.62
CA VAL A 407 -19.51 -15.74 -51.39
C VAL A 407 -21.02 -15.88 -51.23
N LYS A 408 -21.71 -16.10 -52.35
CA LYS A 408 -23.15 -16.35 -52.35
C LYS A 408 -23.39 -17.82 -52.70
N ILE A 409 -23.84 -18.60 -51.72
CA ILE A 409 -24.12 -20.01 -51.95
C ILE A 409 -25.47 -20.16 -52.66
N LEU A 410 -26.46 -19.40 -52.21
CA LEU A 410 -27.83 -19.49 -52.70
C LEU A 410 -28.10 -18.41 -53.72
N LYS A 411 -28.71 -18.79 -54.84
CA LYS A 411 -29.19 -17.85 -55.84
C LYS A 411 -30.65 -18.16 -56.18
N GLY A 412 -31.49 -18.11 -55.17
CA GLY A 412 -32.93 -18.22 -55.39
C GLY A 412 -33.44 -19.65 -55.42
N LEU A 413 -34.35 -19.96 -54.51
CA LEU A 413 -35.00 -21.25 -54.47
C LEU A 413 -36.48 -21.07 -54.19
N ASN A 414 -37.32 -21.72 -54.99
CA ASN A 414 -38.76 -21.60 -54.89
C ASN A 414 -39.35 -22.99 -54.67
N LEU A 415 -40.09 -23.14 -53.58
CA LEU A 415 -40.68 -24.42 -53.21
C LEU A 415 -42.08 -24.21 -52.65
N LYS A 416 -42.92 -25.22 -52.84
CA LYS A 416 -44.26 -25.27 -52.25
C LYS A 416 -44.52 -26.70 -51.85
N VAL A 417 -44.58 -26.95 -50.54
CA VAL A 417 -44.72 -28.30 -50.00
C VAL A 417 -46.05 -28.40 -49.27
N GLN A 418 -46.86 -29.39 -49.65
CA GLN A 418 -48.14 -29.65 -49.02
C GLN A 418 -47.96 -30.48 -47.75
N SER A 419 -49.09 -30.76 -47.11
CA SER A 419 -49.11 -31.54 -45.88
C SER A 419 -48.92 -33.02 -46.19
N GLY A 420 -48.22 -33.70 -45.29
CA GLY A 420 -47.94 -35.12 -45.46
C GLY A 420 -47.04 -35.45 -46.63
N GLN A 421 -46.29 -34.48 -47.16
CA GLN A 421 -45.49 -34.66 -48.36
C GLN A 421 -44.05 -34.87 -47.96
N THR A 422 -43.58 -36.10 -48.04
CA THR A 422 -42.21 -36.45 -47.72
C THR A 422 -41.33 -36.00 -48.88
N VAL A 423 -40.65 -34.88 -48.69
CA VAL A 423 -39.75 -34.31 -49.69
C VAL A 423 -38.32 -34.65 -49.30
N ALA A 424 -37.60 -35.25 -50.23
CA ALA A 424 -36.17 -35.47 -50.08
C ALA A 424 -35.41 -34.58 -51.05
N LEU A 425 -34.21 -34.16 -50.65
CA LEU A 425 -33.36 -33.31 -51.47
C LEU A 425 -32.02 -34.01 -51.63
N VAL A 426 -31.59 -34.16 -52.89
CA VAL A 426 -30.38 -34.88 -53.24
C VAL A 426 -29.41 -33.92 -53.91
N GLY A 427 -28.12 -34.08 -53.60
CA GLY A 427 -27.07 -33.31 -54.24
C GLY A 427 -25.77 -33.52 -53.49
N ASN A 428 -24.70 -33.04 -54.10
CA ASN A 428 -23.39 -33.19 -53.49
C ASN A 428 -23.22 -32.20 -52.34
N SER A 429 -22.22 -32.48 -51.49
CA SER A 429 -21.95 -31.64 -50.33
C SER A 429 -21.33 -30.32 -50.78
N GLY A 430 -22.03 -29.22 -50.52
CA GLY A 430 -21.58 -27.91 -50.95
C GLY A 430 -22.72 -27.08 -51.50
N CYS A 431 -23.86 -27.73 -51.75
CA CYS A 431 -25.03 -27.02 -52.22
C CYS A 431 -25.83 -26.38 -51.09
N GLY A 432 -25.74 -26.94 -49.89
CA GLY A 432 -26.43 -26.35 -48.76
C GLY A 432 -27.79 -26.93 -48.42
N LYS A 433 -27.86 -28.24 -48.22
CA LYS A 433 -29.04 -28.84 -47.60
C LYS A 433 -29.17 -28.39 -46.14
N SER A 434 -28.04 -28.44 -45.42
CA SER A 434 -27.97 -27.92 -44.07
C SER A 434 -28.27 -26.43 -44.02
N THR A 435 -27.90 -25.71 -45.08
CA THR A 435 -28.27 -24.30 -45.19
C THR A 435 -29.78 -24.12 -45.25
N THR A 436 -30.47 -24.98 -46.01
CA THR A 436 -31.93 -24.89 -46.09
C THR A 436 -32.58 -25.25 -44.77
N VAL A 437 -32.03 -26.25 -44.06
CA VAL A 437 -32.54 -26.63 -42.75
C VAL A 437 -32.38 -25.49 -41.74
N GLN A 438 -31.22 -24.85 -41.74
CA GLN A 438 -31.01 -23.72 -40.84
C GLN A 438 -31.82 -22.50 -41.27
N LEU A 439 -32.14 -22.38 -42.56
CA LEU A 439 -33.04 -21.33 -43.00
C LEU A 439 -34.48 -21.58 -42.60
N MET A 440 -34.85 -22.83 -42.33
CA MET A 440 -36.23 -23.12 -42.00
C MET A 440 -36.61 -22.57 -40.63
N GLN A 441 -35.84 -22.87 -39.59
CA GLN A 441 -36.25 -22.62 -38.20
C GLN A 441 -36.09 -21.17 -37.77
N ARG A 442 -35.87 -20.25 -38.72
CA ARG A 442 -35.59 -18.83 -38.47
C ARG A 442 -34.36 -18.65 -37.57
N LEU A 443 -33.31 -19.43 -37.83
CA LEU A 443 -32.01 -19.08 -37.26
C LEU A 443 -31.44 -17.84 -37.90
N TYR A 444 -31.89 -17.50 -39.12
CA TYR A 444 -31.43 -16.32 -39.83
C TYR A 444 -32.63 -15.68 -40.50
N ASP A 445 -32.38 -14.81 -41.47
CA ASP A 445 -33.42 -14.31 -42.36
C ASP A 445 -32.87 -14.18 -43.77
N PRO A 446 -33.68 -14.48 -44.79
CA PRO A 446 -33.20 -14.35 -46.17
C PRO A 446 -33.13 -12.90 -46.61
N THR A 447 -32.10 -12.60 -47.40
CA THR A 447 -31.89 -11.24 -47.86
C THR A 447 -32.86 -10.84 -48.96
N GLU A 448 -33.39 -11.80 -49.71
CA GLU A 448 -34.30 -11.51 -50.80
C GLU A 448 -35.54 -12.38 -50.68
N GLY A 449 -36.68 -11.82 -51.03
CA GLY A 449 -37.90 -12.59 -51.07
C GLY A 449 -38.62 -12.63 -49.75
N MET A 450 -39.56 -13.56 -49.68
CA MET A 450 -40.37 -13.75 -48.49
C MET A 450 -40.71 -15.24 -48.36
N VAL A 451 -40.53 -15.78 -47.16
CA VAL A 451 -40.91 -17.17 -46.87
C VAL A 451 -42.18 -17.16 -46.05
N SER A 452 -43.03 -18.16 -46.26
CA SER A 452 -44.30 -18.26 -45.57
C SER A 452 -44.56 -19.69 -45.16
N VAL A 453 -45.29 -19.86 -44.06
CA VAL A 453 -45.79 -21.15 -43.64
C VAL A 453 -47.29 -21.01 -43.48
N ASP A 454 -48.04 -21.66 -44.37
CA ASP A 454 -49.51 -21.69 -44.40
C ASP A 454 -50.11 -20.28 -44.49
N GLY A 455 -49.91 -19.66 -45.65
CA GLY A 455 -50.47 -18.35 -45.90
C GLY A 455 -49.58 -17.21 -45.48
N GLN A 456 -49.49 -16.95 -44.18
CA GLN A 456 -48.79 -15.76 -43.71
C GLN A 456 -47.29 -16.02 -43.59
N ASP A 457 -46.52 -14.94 -43.64
CA ASP A 457 -45.07 -15.00 -43.59
C ASP A 457 -44.57 -15.14 -42.16
N ILE A 458 -43.32 -15.58 -42.04
CA ILE A 458 -42.68 -15.74 -40.74
C ILE A 458 -42.38 -14.37 -40.11
N ARG A 459 -42.15 -13.34 -40.95
CA ARG A 459 -41.66 -12.04 -40.50
C ARG A 459 -42.65 -11.23 -39.65
N THR A 460 -43.87 -11.71 -39.39
CA THR A 460 -44.80 -11.00 -38.52
C THR A 460 -45.30 -11.84 -37.35
N ILE A 461 -44.90 -13.10 -37.26
CA ILE A 461 -45.42 -14.02 -36.26
C ILE A 461 -44.31 -14.42 -35.28
N ASN A 462 -44.72 -15.05 -34.17
CA ASN A 462 -43.81 -15.30 -33.05
C ASN A 462 -42.79 -16.38 -33.38
N VAL A 463 -41.55 -16.16 -32.91
CA VAL A 463 -40.44 -17.05 -33.23
C VAL A 463 -40.43 -18.28 -32.33
N ARG A 464 -40.77 -18.10 -31.05
CA ARG A 464 -40.71 -19.22 -30.11
C ARG A 464 -41.83 -20.22 -30.37
N PHE A 465 -43.04 -19.73 -30.64
CA PHE A 465 -44.14 -20.62 -30.95
C PHE A 465 -43.91 -21.37 -32.24
N LEU A 466 -43.24 -20.73 -33.21
CA LEU A 466 -42.85 -21.44 -34.42
C LEU A 466 -41.71 -22.40 -34.17
N ARG A 467 -40.83 -22.08 -33.22
CA ARG A 467 -39.67 -22.92 -32.97
C ARG A 467 -40.01 -24.19 -32.23
N GLU A 468 -41.08 -24.16 -31.44
CA GLU A 468 -41.44 -25.36 -30.70
C GLU A 468 -42.15 -26.40 -31.57
N ILE A 469 -42.72 -26.01 -32.70
CA ILE A 469 -43.59 -26.90 -33.46
C ILE A 469 -42.85 -27.53 -34.65
N ILE A 470 -41.55 -27.34 -34.76
CA ILE A 470 -40.75 -27.92 -35.85
C ILE A 470 -39.70 -28.81 -35.24
N GLY A 471 -39.95 -30.12 -35.24
CA GLY A 471 -38.97 -31.02 -34.67
C GLY A 471 -37.87 -31.34 -35.65
N VAL A 472 -36.63 -30.97 -35.33
CA VAL A 472 -35.52 -31.10 -36.26
C VAL A 472 -34.42 -31.91 -35.60
N VAL A 473 -33.87 -32.87 -36.33
CA VAL A 473 -32.60 -33.49 -35.96
C VAL A 473 -31.54 -33.01 -36.94
N SER A 474 -30.42 -32.51 -36.40
CA SER A 474 -29.32 -32.02 -37.21
C SER A 474 -28.39 -33.17 -37.60
N GLN A 475 -27.26 -32.80 -38.21
CA GLN A 475 -26.34 -33.78 -38.79
C GLN A 475 -25.57 -34.51 -37.69
N GLU A 476 -24.92 -33.77 -36.81
CA GLU A 476 -24.20 -34.33 -35.67
C GLU A 476 -24.85 -33.77 -34.41
N PRO A 477 -25.74 -34.52 -33.76
CA PRO A 477 -26.42 -33.99 -32.58
C PRO A 477 -25.47 -33.92 -31.39
N VAL A 478 -25.89 -33.15 -30.39
CA VAL A 478 -25.18 -33.07 -29.13
C VAL A 478 -26.15 -33.46 -28.01
N LEU A 479 -25.62 -34.16 -27.01
CA LEU A 479 -26.40 -34.67 -25.90
C LEU A 479 -25.90 -34.05 -24.60
N PHE A 480 -26.80 -33.45 -23.84
CA PHE A 480 -26.42 -32.86 -22.56
C PHE A 480 -26.07 -33.94 -21.56
N ALA A 481 -25.04 -33.68 -20.75
CA ALA A 481 -24.48 -34.71 -19.86
C ALA A 481 -25.25 -34.77 -18.55
N THR A 482 -26.53 -35.12 -18.66
CA THR A 482 -27.41 -35.39 -17.53
C THR A 482 -27.84 -36.85 -17.60
N THR A 483 -28.83 -37.22 -16.80
CA THR A 483 -29.42 -38.54 -16.96
C THR A 483 -30.24 -38.60 -18.25
N ILE A 484 -30.46 -39.82 -18.72
CA ILE A 484 -31.11 -40.00 -20.02
C ILE A 484 -32.60 -39.70 -19.93
N ALA A 485 -33.19 -39.82 -18.74
CA ALA A 485 -34.58 -39.44 -18.55
C ALA A 485 -34.76 -37.95 -18.74
N GLU A 486 -33.82 -37.16 -18.21
CA GLU A 486 -33.84 -35.72 -18.44
C GLU A 486 -33.55 -35.39 -19.91
N ASN A 487 -32.68 -36.18 -20.55
CA ASN A 487 -32.33 -35.94 -21.96
C ASN A 487 -33.55 -36.11 -22.85
N ILE A 488 -34.28 -37.22 -22.68
CA ILE A 488 -35.51 -37.42 -23.43
C ILE A 488 -36.63 -36.50 -22.92
N ARG A 489 -36.52 -35.99 -21.70
CA ARG A 489 -37.49 -35.03 -21.21
C ARG A 489 -37.30 -33.66 -21.82
N TYR A 490 -36.10 -33.36 -22.31
CA TYR A 490 -35.75 -32.02 -22.81
C TYR A 490 -36.53 -31.49 -24.00
N GLY A 491 -37.45 -32.25 -24.57
CA GLY A 491 -38.29 -31.70 -25.62
C GLY A 491 -39.30 -30.71 -25.08
N ARG A 492 -40.07 -31.13 -24.08
CA ARG A 492 -41.14 -30.30 -23.55
C ARG A 492 -41.32 -30.60 -22.07
N GLU A 493 -42.12 -29.76 -21.41
CA GLU A 493 -42.08 -29.65 -19.95
C GLU A 493 -42.72 -30.86 -19.25
N ASN A 494 -44.00 -31.10 -19.50
CA ASN A 494 -44.76 -32.07 -18.70
C ASN A 494 -44.96 -33.35 -19.51
N VAL A 495 -43.92 -34.19 -19.49
CA VAL A 495 -43.95 -35.52 -20.10
C VAL A 495 -43.80 -36.55 -19.00
N THR A 496 -44.73 -37.49 -18.93
CA THR A 496 -44.66 -38.60 -17.99
C THR A 496 -43.92 -39.77 -18.62
N MET A 497 -43.61 -40.77 -17.78
CA MET A 497 -42.75 -41.88 -18.20
C MET A 497 -43.43 -42.82 -19.19
N ASP A 498 -44.76 -42.81 -19.27
CA ASP A 498 -45.45 -43.64 -20.25
C ASP A 498 -45.24 -43.12 -21.67
N GLU A 499 -45.33 -41.81 -21.84
CA GLU A 499 -44.99 -41.20 -23.12
C GLU A 499 -43.50 -41.36 -23.43
N ILE A 500 -42.67 -41.36 -22.41
CA ILE A 500 -41.23 -41.63 -22.57
C ILE A 500 -41.00 -43.03 -23.11
N GLU A 501 -41.69 -44.02 -22.54
CA GLU A 501 -41.52 -45.40 -22.99
C GLU A 501 -42.08 -45.61 -24.38
N LYS A 502 -43.21 -44.97 -24.69
CA LYS A 502 -43.77 -45.05 -26.04
C LYS A 502 -42.84 -44.41 -27.07
N ALA A 503 -42.22 -43.28 -26.72
CA ALA A 503 -41.32 -42.61 -27.66
C ALA A 503 -40.03 -43.40 -27.85
N VAL A 504 -39.50 -44.01 -26.78
CA VAL A 504 -38.24 -44.74 -26.95
C VAL A 504 -38.50 -46.09 -27.62
N LYS A 505 -39.70 -46.64 -27.47
CA LYS A 505 -40.04 -47.85 -28.21
C LYS A 505 -40.34 -47.54 -29.67
N GLU A 506 -40.82 -46.32 -29.95
CA GLU A 506 -40.85 -45.87 -31.33
C GLU A 506 -39.45 -45.69 -31.88
N ALA A 507 -38.52 -45.23 -31.05
CA ALA A 507 -37.13 -45.05 -31.49
C ALA A 507 -36.33 -46.33 -31.51
N ASN A 508 -36.89 -47.42 -30.96
CA ASN A 508 -36.23 -48.74 -30.86
C ASN A 508 -34.89 -48.63 -30.16
N ALA A 509 -34.85 -47.83 -29.09
CA ALA A 509 -33.64 -47.63 -28.32
C ALA A 509 -33.87 -48.03 -26.88
N TYR A 510 -34.58 -49.14 -26.67
CA TYR A 510 -34.86 -49.66 -25.34
C TYR A 510 -33.99 -50.84 -24.95
N ASP A 511 -33.37 -51.51 -25.93
CA ASP A 511 -32.53 -52.66 -25.63
C ASP A 511 -31.24 -52.26 -24.90
N PHE A 512 -30.56 -51.23 -25.40
CA PHE A 512 -29.36 -50.77 -24.71
C PHE A 512 -29.71 -50.04 -23.43
N ILE A 513 -30.93 -49.51 -23.33
CA ILE A 513 -31.43 -49.05 -22.03
C ILE A 513 -31.58 -50.23 -21.09
N MET A 514 -32.06 -51.37 -21.61
CA MET A 514 -32.30 -52.55 -20.77
C MET A 514 -31.00 -53.18 -20.29
N LYS A 515 -29.94 -53.13 -21.09
CA LYS A 515 -28.74 -53.85 -20.68
C LYS A 515 -27.86 -53.06 -19.70
N LEU A 516 -27.86 -51.72 -19.79
CA LEU A 516 -26.99 -50.99 -18.88
C LEU A 516 -27.69 -50.72 -17.54
N PRO A 517 -26.93 -50.66 -16.45
CA PRO A 517 -27.53 -50.29 -15.17
C PRO A 517 -27.96 -48.84 -15.16
N HIS A 518 -28.81 -48.51 -14.18
CA HIS A 518 -29.40 -47.18 -13.97
C HIS A 518 -30.19 -46.75 -15.22
N LYS A 519 -31.26 -47.52 -15.47
CA LYS A 519 -31.94 -47.52 -16.76
C LYS A 519 -32.66 -46.20 -17.03
N PHE A 520 -32.93 -45.40 -15.99
CA PHE A 520 -33.29 -44.01 -16.16
C PHE A 520 -32.37 -43.07 -15.39
N ASP A 521 -31.31 -43.60 -14.79
CA ASP A 521 -30.44 -42.83 -13.89
C ASP A 521 -29.01 -42.79 -14.42
N THR A 522 -28.75 -43.32 -15.61
CA THR A 522 -27.40 -43.35 -16.17
C THR A 522 -27.00 -41.94 -16.62
N LEU A 523 -25.91 -41.44 -16.04
CA LEU A 523 -25.36 -40.15 -16.43
C LEU A 523 -24.48 -40.33 -17.67
N VAL A 524 -24.95 -39.87 -18.82
CA VAL A 524 -24.16 -39.94 -20.04
C VAL A 524 -23.04 -38.91 -19.94
N GLY A 525 -21.85 -39.26 -20.42
CA GLY A 525 -20.69 -38.42 -20.27
C GLY A 525 -20.72 -37.21 -21.21
N GLU A 526 -19.55 -36.60 -21.33
CA GLU A 526 -19.40 -35.37 -22.11
C GLU A 526 -19.47 -35.68 -23.60
N ARG A 527 -20.39 -35.01 -24.28
CA ARG A 527 -20.56 -35.05 -25.74
C ARG A 527 -20.83 -36.47 -26.26
N GLY A 528 -21.59 -37.23 -25.49
CA GLY A 528 -22.00 -38.58 -25.90
C GLY A 528 -20.88 -39.58 -26.00
N ALA A 529 -19.89 -39.50 -25.11
CA ALA A 529 -18.73 -40.39 -25.18
C ALA A 529 -18.96 -41.72 -24.45
N GLN A 530 -19.95 -41.78 -23.55
CA GLN A 530 -20.18 -42.99 -22.77
C GLN A 530 -20.81 -44.09 -23.63
N LEU A 531 -21.77 -43.72 -24.47
CA LEU A 531 -22.48 -44.66 -25.32
C LEU A 531 -21.93 -44.63 -26.74
N SER A 532 -22.45 -45.53 -27.58
CA SER A 532 -22.03 -45.63 -28.97
C SER A 532 -22.79 -44.63 -29.83
N GLY A 533 -22.42 -44.56 -31.11
CA GLY A 533 -23.00 -43.57 -32.00
C GLY A 533 -24.42 -43.90 -32.41
N GLY A 534 -24.71 -45.19 -32.63
CA GLY A 534 -26.04 -45.57 -33.09
C GLY A 534 -27.10 -45.43 -32.03
N GLN A 535 -26.76 -45.82 -30.79
CA GLN A 535 -27.65 -45.55 -29.67
C GLN A 535 -27.86 -44.06 -29.47
N LYS A 536 -26.81 -43.26 -29.71
CA LYS A 536 -26.89 -41.81 -29.57
C LYS A 536 -27.83 -41.21 -30.60
N GLN A 537 -27.69 -41.60 -31.87
CA GLN A 537 -28.57 -41.04 -32.89
C GLN A 537 -30.01 -41.52 -32.74
N ARG A 538 -30.21 -42.75 -32.24
CA ARG A 538 -31.58 -43.24 -32.04
C ARG A 538 -32.28 -42.52 -30.89
N ILE A 539 -31.56 -42.29 -29.78
CA ILE A 539 -32.20 -41.52 -28.71
C ILE A 539 -32.27 -40.04 -29.06
N ALA A 540 -31.47 -39.56 -30.02
CA ALA A 540 -31.66 -38.20 -30.51
C ALA A 540 -32.94 -38.09 -31.33
N ILE A 541 -33.24 -39.11 -32.13
CA ILE A 541 -34.53 -39.19 -32.82
C ILE A 541 -35.67 -39.20 -31.81
N ALA A 542 -35.51 -39.97 -30.73
CA ALA A 542 -36.50 -39.99 -29.65
C ALA A 542 -36.68 -38.61 -29.03
N ARG A 543 -35.56 -37.92 -28.77
CA ARG A 543 -35.56 -36.61 -28.14
C ARG A 543 -36.24 -35.56 -29.01
N ALA A 544 -36.17 -35.73 -30.32
CA ALA A 544 -36.95 -34.85 -31.16
C ALA A 544 -38.43 -35.24 -31.18
N LEU A 545 -38.72 -36.55 -31.16
CA LEU A 545 -40.11 -36.98 -31.29
C LEU A 545 -40.94 -36.73 -30.04
N VAL A 546 -40.32 -36.46 -28.89
CA VAL A 546 -41.13 -36.19 -27.70
C VAL A 546 -41.84 -34.83 -27.74
N ARG A 547 -41.47 -33.96 -28.66
CA ARG A 547 -42.12 -32.65 -28.73
C ARG A 547 -43.52 -32.74 -29.33
N ASN A 548 -43.84 -33.84 -30.03
CA ASN A 548 -45.03 -34.05 -30.85
C ASN A 548 -45.20 -32.90 -31.83
N PRO A 549 -44.37 -32.82 -32.88
CA PRO A 549 -44.31 -31.62 -33.71
C PRO A 549 -45.32 -31.60 -34.85
N LYS A 550 -45.33 -30.48 -35.57
CA LYS A 550 -46.16 -30.30 -36.76
C LYS A 550 -45.38 -30.48 -38.05
N ILE A 551 -44.10 -30.10 -38.08
CA ILE A 551 -43.22 -30.33 -39.22
C ILE A 551 -41.96 -30.99 -38.70
N LEU A 552 -41.57 -32.09 -39.34
CA LEU A 552 -40.40 -32.87 -38.96
C LEU A 552 -39.32 -32.68 -40.01
N LEU A 553 -38.10 -32.36 -39.57
CA LEU A 553 -36.98 -32.13 -40.46
C LEU A 553 -35.81 -32.99 -40.00
N LEU A 554 -35.47 -33.99 -40.80
CA LEU A 554 -34.31 -34.83 -40.52
C LEU A 554 -33.15 -34.39 -41.40
N ASP A 555 -31.95 -34.31 -40.82
CA ASP A 555 -30.74 -34.01 -41.58
C ASP A 555 -29.69 -35.07 -41.25
N GLU A 556 -29.52 -36.03 -42.18
CA GLU A 556 -28.55 -37.14 -42.08
C GLU A 556 -28.76 -37.96 -40.81
N ALA A 557 -29.96 -38.55 -40.71
CA ALA A 557 -30.38 -39.23 -39.50
C ALA A 557 -29.81 -40.63 -39.36
N THR A 558 -29.16 -41.17 -40.39
CA THR A 558 -28.66 -42.53 -40.37
C THR A 558 -27.23 -42.60 -40.93
N SER A 559 -26.37 -41.71 -40.43
CA SER A 559 -24.99 -41.63 -40.90
C SER A 559 -24.19 -42.86 -40.50
N ALA A 560 -24.13 -43.16 -39.20
CA ALA A 560 -23.36 -44.28 -38.70
C ALA A 560 -24.22 -45.49 -38.33
N LEU A 561 -25.45 -45.55 -38.82
CA LEU A 561 -26.38 -46.58 -38.40
C LEU A 561 -26.33 -47.78 -39.32
N ASP A 562 -26.64 -48.96 -38.78
CA ASP A 562 -26.66 -50.21 -39.53
C ASP A 562 -27.97 -50.40 -40.27
N THR A 563 -28.21 -51.63 -40.74
CA THR A 563 -29.32 -51.89 -41.65
C THR A 563 -30.66 -51.94 -40.92
N GLU A 564 -30.81 -52.87 -39.98
CA GLU A 564 -32.12 -53.15 -39.37
C GLU A 564 -32.60 -52.01 -38.49
N SER A 565 -31.68 -51.28 -37.84
CA SER A 565 -32.11 -50.19 -36.98
C SER A 565 -32.54 -48.98 -37.80
N GLU A 566 -31.86 -48.71 -38.92
CA GLU A 566 -32.34 -47.69 -39.86
C GLU A 566 -33.67 -48.09 -40.47
N ALA A 567 -33.88 -49.40 -40.69
CA ALA A 567 -35.15 -49.88 -41.21
C ALA A 567 -36.29 -49.65 -40.24
N VAL A 568 -36.11 -50.02 -38.96
CA VAL A 568 -37.18 -49.84 -37.99
C VAL A 568 -37.38 -48.36 -37.66
N VAL A 569 -36.31 -47.55 -37.75
CA VAL A 569 -36.45 -46.11 -37.57
C VAL A 569 -37.25 -45.50 -38.72
N GLN A 570 -37.04 -45.97 -39.95
CA GLN A 570 -37.80 -45.42 -41.06
C GLN A 570 -39.25 -45.91 -41.07
N VAL A 571 -39.50 -47.13 -40.59
CA VAL A 571 -40.87 -47.59 -40.42
C VAL A 571 -41.57 -46.74 -39.34
N ALA A 572 -40.86 -46.41 -38.27
CA ALA A 572 -41.44 -45.51 -37.27
C ALA A 572 -41.61 -44.09 -37.79
N LEU A 573 -40.76 -43.68 -38.75
CA LEU A 573 -40.89 -42.36 -39.34
C LEU A 573 -42.11 -42.30 -40.25
N ASP A 574 -42.40 -43.40 -40.94
CA ASP A 574 -43.66 -43.50 -41.67
C ASP A 574 -44.84 -43.82 -40.76
N LYS A 575 -44.59 -44.19 -39.50
CA LYS A 575 -45.69 -44.36 -38.55
C LYS A 575 -46.24 -43.03 -38.06
N ALA A 576 -45.46 -41.95 -38.18
CA ALA A 576 -45.84 -40.67 -37.62
C ALA A 576 -45.75 -39.56 -38.66
N ARG A 577 -45.87 -39.89 -39.93
CA ARG A 577 -45.75 -38.91 -40.99
C ARG A 577 -47.09 -38.46 -41.55
N LYS A 578 -48.20 -39.10 -41.17
CA LYS A 578 -49.47 -38.86 -41.84
C LYS A 578 -50.14 -37.56 -41.42
N GLY A 579 -49.96 -37.14 -40.17
CA GLY A 579 -50.50 -35.87 -39.73
C GLY A 579 -49.60 -34.67 -39.88
N ARG A 580 -48.34 -34.90 -40.24
CA ARG A 580 -47.32 -33.85 -40.24
C ARG A 580 -46.67 -33.74 -41.63
N THR A 581 -46.02 -32.60 -41.84
CA THR A 581 -45.19 -32.37 -43.03
C THR A 581 -43.75 -32.72 -42.68
N THR A 582 -43.02 -33.30 -43.63
CA THR A 582 -41.72 -33.89 -43.35
C THR A 582 -40.75 -33.56 -44.47
N ILE A 583 -39.51 -33.24 -44.10
CA ILE A 583 -38.40 -33.10 -45.05
C ILE A 583 -37.23 -33.92 -44.53
N VAL A 584 -36.74 -34.85 -45.34
CA VAL A 584 -35.67 -35.76 -44.96
C VAL A 584 -34.47 -35.50 -45.85
N ILE A 585 -33.30 -35.28 -45.24
CA ILE A 585 -32.04 -35.17 -45.94
C ILE A 585 -31.18 -36.34 -45.52
N ALA A 586 -30.71 -37.14 -46.48
CA ALA A 586 -29.90 -38.31 -46.16
C ALA A 586 -29.04 -38.68 -47.37
N HIS A 587 -27.98 -39.45 -47.09
CA HIS A 587 -27.12 -39.98 -48.14
C HIS A 587 -27.58 -41.35 -48.63
N ARG A 588 -28.09 -42.19 -47.75
CA ARG A 588 -28.58 -43.51 -48.16
C ARG A 588 -29.91 -43.38 -48.90
N LEU A 589 -29.99 -44.02 -50.05
CA LEU A 589 -31.18 -43.96 -50.91
C LEU A 589 -32.21 -45.02 -50.56
N SER A 590 -31.96 -45.84 -49.54
CA SER A 590 -32.95 -46.84 -49.12
C SER A 590 -34.16 -46.18 -48.47
N THR A 591 -33.93 -45.11 -47.73
CA THR A 591 -35.00 -44.37 -47.06
C THR A 591 -35.58 -43.27 -47.94
N VAL A 592 -35.03 -43.07 -49.14
CA VAL A 592 -35.45 -42.00 -50.03
C VAL A 592 -36.44 -42.51 -51.09
N ARG A 593 -36.36 -43.79 -51.45
CA ARG A 593 -37.17 -44.32 -52.55
C ARG A 593 -38.65 -44.40 -52.20
N ASN A 594 -38.99 -44.40 -50.92
CA ASN A 594 -40.39 -44.47 -50.48
C ASN A 594 -40.94 -43.11 -50.05
N ALA A 595 -40.42 -42.03 -50.60
CA ALA A 595 -40.85 -40.68 -50.27
C ALA A 595 -41.94 -40.21 -51.24
N ASP A 596 -42.45 -39.00 -50.97
CA ASP A 596 -43.44 -38.40 -51.85
C ASP A 596 -42.76 -37.74 -53.05
N VAL A 597 -41.93 -36.73 -52.81
CA VAL A 597 -41.31 -35.95 -53.87
C VAL A 597 -39.81 -35.95 -53.65
N ILE A 598 -39.05 -36.18 -54.71
CA ILE A 598 -37.59 -36.08 -54.71
C ILE A 598 -37.20 -34.85 -55.51
N ALA A 599 -36.22 -34.10 -55.01
CA ALA A 599 -35.73 -32.91 -55.69
C ALA A 599 -34.21 -32.89 -55.64
N GLY A 600 -33.62 -32.06 -56.50
CA GLY A 600 -32.18 -32.00 -56.59
C GLY A 600 -31.57 -30.61 -56.58
N PHE A 601 -30.60 -30.38 -55.70
CA PHE A 601 -29.87 -29.11 -55.69
C PHE A 601 -28.76 -29.11 -56.73
N ASP A 602 -28.57 -27.95 -57.36
CA ASP A 602 -27.41 -27.66 -58.21
C ASP A 602 -27.11 -26.19 -58.07
N ASP A 603 -25.91 -25.88 -57.55
CA ASP A 603 -25.39 -24.52 -57.33
C ASP A 603 -26.33 -23.69 -56.47
N GLY A 604 -26.97 -24.32 -55.49
CA GLY A 604 -27.94 -23.67 -54.63
C GLY A 604 -29.36 -23.68 -55.16
N VAL A 605 -29.53 -23.82 -56.48
CA VAL A 605 -30.86 -23.73 -57.10
C VAL A 605 -31.44 -25.13 -57.21
N ILE A 606 -32.71 -25.27 -56.85
CA ILE A 606 -33.41 -26.55 -56.97
C ILE A 606 -33.78 -26.72 -58.44
N VAL A 607 -33.15 -27.68 -59.12
CA VAL A 607 -33.32 -27.78 -60.57
C VAL A 607 -34.38 -28.82 -60.97
N GLU A 608 -34.22 -30.08 -60.54
CA GLU A 608 -35.17 -31.11 -60.92
C GLU A 608 -36.30 -31.21 -59.90
N LYS A 609 -37.50 -31.43 -60.41
CA LYS A 609 -38.69 -31.60 -59.58
C LYS A 609 -39.50 -32.76 -60.10
N GLY A 610 -40.31 -33.35 -59.23
CA GLY A 610 -41.23 -34.41 -59.60
C GLY A 610 -41.01 -35.66 -58.78
N ASN A 611 -41.75 -36.70 -59.14
CA ASN A 611 -41.72 -37.97 -58.44
C ASN A 611 -40.55 -38.82 -58.92
N HIS A 612 -40.57 -40.11 -58.59
CA HIS A 612 -39.46 -41.00 -58.93
C HIS A 612 -39.38 -41.25 -60.43
N ASP A 613 -40.49 -41.67 -61.05
CA ASP A 613 -40.50 -42.01 -62.46
C ASP A 613 -40.34 -40.79 -63.36
N GLU A 614 -40.73 -39.61 -62.87
CA GLU A 614 -40.53 -38.38 -63.64
C GLU A 614 -39.06 -38.05 -63.81
N LEU A 615 -38.28 -38.20 -62.74
CA LEU A 615 -36.83 -38.06 -62.85
C LEU A 615 -36.17 -39.28 -63.49
N MET A 616 -36.87 -40.42 -63.55
CA MET A 616 -36.36 -41.53 -64.36
C MET A 616 -36.45 -41.21 -65.85
N LYS A 617 -37.60 -40.74 -66.31
CA LYS A 617 -37.73 -40.38 -67.72
C LYS A 617 -37.08 -39.04 -68.05
N GLU A 618 -36.74 -38.24 -67.05
CA GLU A 618 -36.08 -36.95 -67.26
C GLU A 618 -34.61 -37.13 -67.63
N LYS A 619 -34.00 -38.24 -67.18
CA LYS A 619 -32.59 -38.62 -67.38
C LYS A 619 -31.61 -37.51 -66.97
N GLY A 620 -31.68 -37.15 -65.69
CA GLY A 620 -30.80 -36.13 -65.15
C GLY A 620 -29.70 -36.70 -64.28
N ILE A 621 -29.29 -35.94 -63.25
CA ILE A 621 -28.22 -36.40 -62.38
C ILE A 621 -28.72 -37.48 -61.41
N TYR A 622 -29.99 -37.43 -61.02
CA TYR A 622 -30.55 -38.47 -60.18
C TYR A 622 -30.69 -39.79 -60.94
N PHE A 623 -30.95 -39.72 -62.25
CA PHE A 623 -30.92 -40.92 -63.07
C PHE A 623 -29.53 -41.52 -63.15
N LYS A 624 -28.50 -40.66 -63.23
CA LYS A 624 -27.12 -41.14 -63.17
C LYS A 624 -26.82 -41.79 -61.83
N LEU A 625 -27.37 -41.23 -60.74
CA LEU A 625 -27.17 -41.78 -59.41
C LEU A 625 -27.80 -43.16 -59.28
N VAL A 626 -29.07 -43.31 -59.68
CA VAL A 626 -29.73 -44.60 -59.53
C VAL A 626 -29.23 -45.61 -60.57
N THR A 627 -28.71 -45.16 -61.71
CA THR A 627 -28.12 -46.09 -62.67
C THR A 627 -26.77 -46.58 -62.18
N MET A 628 -26.05 -45.75 -61.44
CA MET A 628 -24.79 -46.22 -60.88
C MET A 628 -25.01 -47.10 -59.65
N GLN A 629 -26.06 -46.83 -58.85
CA GLN A 629 -26.31 -47.62 -57.66
C GLN A 629 -26.85 -49.02 -57.95
N THR A 630 -27.50 -49.23 -59.09
CA THR A 630 -28.09 -50.54 -59.37
C THR A 630 -27.04 -51.51 -59.92
N PRO A 694 3.59 -34.09 -2.81
CA PRO A 694 3.42 -34.70 -1.48
C PRO A 694 4.66 -35.47 -1.03
N VAL A 695 5.24 -36.25 -1.93
CA VAL A 695 6.34 -37.15 -1.60
C VAL A 695 7.63 -36.39 -1.34
N SER A 696 7.74 -35.16 -1.82
CA SER A 696 8.93 -34.35 -1.59
C SER A 696 8.86 -33.72 -0.20
N PHE A 697 9.91 -33.90 0.59
CA PHE A 697 10.03 -33.31 1.92
C PHE A 697 11.38 -32.61 1.99
N TRP A 698 11.42 -31.36 1.49
CA TRP A 698 12.61 -30.52 1.42
C TRP A 698 13.77 -31.21 0.70
N ARG A 699 13.44 -31.88 -0.40
CA ARG A 699 14.43 -32.22 -1.39
C ARG A 699 14.36 -31.28 -2.58
N ILE A 700 13.65 -30.16 -2.42
CA ILE A 700 13.64 -29.12 -3.44
C ILE A 700 14.96 -28.35 -3.43
N MET A 701 15.69 -28.41 -2.31
CA MET A 701 17.03 -27.84 -2.28
C MET A 701 18.00 -28.64 -3.13
N LYS A 702 17.70 -29.92 -3.38
CA LYS A 702 18.56 -30.77 -4.20
C LYS A 702 18.59 -30.33 -5.66
N LEU A 703 17.54 -29.66 -6.12
CA LEU A 703 17.49 -29.17 -7.49
C LEU A 703 18.47 -28.02 -7.69
N ASN A 704 18.79 -27.30 -6.61
CA ASN A 704 19.62 -26.10 -6.70
C ASN A 704 20.89 -26.20 -5.85
N LEU A 705 21.45 -27.39 -5.67
CA LEU A 705 22.68 -27.50 -4.91
C LEU A 705 23.89 -26.98 -5.66
N THR A 706 23.77 -26.76 -6.96
CA THR A 706 24.93 -26.36 -7.76
C THR A 706 25.27 -24.88 -7.56
N GLU A 707 24.27 -24.04 -7.31
CA GLU A 707 24.51 -22.60 -7.17
C GLU A 707 24.52 -22.19 -5.71
N TRP A 708 25.52 -22.67 -4.99
CA TRP A 708 25.73 -22.23 -3.62
C TRP A 708 26.17 -20.77 -3.38
N PRO A 709 26.97 -20.08 -4.21
CA PRO A 709 27.45 -18.75 -3.77
C PRO A 709 26.37 -17.69 -3.77
N TYR A 710 25.39 -17.81 -4.67
CA TYR A 710 24.25 -16.90 -4.64
C TYR A 710 23.46 -17.06 -3.34
N PHE A 711 23.26 -18.29 -2.90
CA PHE A 711 22.56 -18.52 -1.65
C PHE A 711 23.38 -18.09 -0.45
N VAL A 712 24.70 -18.19 -0.52
CA VAL A 712 25.54 -17.79 0.61
C VAL A 712 25.49 -16.27 0.79
N VAL A 713 25.67 -15.52 -0.29
CA VAL A 713 25.61 -14.08 -0.15
C VAL A 713 24.17 -13.61 0.08
N GLY A 714 23.18 -14.41 -0.30
CA GLY A 714 21.80 -14.05 0.01
C GLY A 714 21.45 -14.26 1.46
N VAL A 715 21.91 -15.36 2.06
CA VAL A 715 21.70 -15.59 3.48
C VAL A 715 22.46 -14.55 4.30
N PHE A 716 23.64 -14.16 3.84
CA PHE A 716 24.40 -13.12 4.55
C PHE A 716 23.71 -11.77 4.49
N CYS A 717 23.19 -11.40 3.32
CA CYS A 717 22.48 -10.13 3.20
C CYS A 717 21.14 -10.17 3.93
N ALA A 718 20.54 -11.34 4.08
CA ALA A 718 19.30 -11.40 4.86
C ALA A 718 19.59 -11.32 6.35
N ILE A 719 20.72 -11.87 6.81
CA ILE A 719 21.17 -11.70 8.20
C ILE A 719 21.37 -10.23 8.52
N ILE A 720 22.02 -9.49 7.61
CA ILE A 720 22.19 -8.06 7.84
C ILE A 720 20.84 -7.34 7.78
N ASN A 721 20.06 -7.57 6.72
CA ASN A 721 18.86 -6.78 6.49
C ASN A 721 17.67 -7.20 7.35
N GLY A 722 17.79 -8.23 8.16
CA GLY A 722 16.77 -8.48 9.14
C GLY A 722 16.96 -7.59 10.34
N GLY A 723 18.20 -7.43 10.79
CA GLY A 723 18.59 -6.58 11.90
C GLY A 723 18.65 -5.11 11.61
N LEU A 724 17.81 -4.57 10.73
CA LEU A 724 17.75 -3.14 10.55
C LEU A 724 16.45 -2.54 11.06
N GLN A 725 15.54 -3.36 11.56
CA GLN A 725 14.51 -2.78 12.41
C GLN A 725 14.96 -2.64 13.87
N PRO A 726 15.65 -3.61 14.51
CA PRO A 726 16.17 -3.32 15.86
C PRO A 726 17.21 -2.22 15.94
N ALA A 727 18.00 -2.00 14.90
CA ALA A 727 18.91 -0.86 14.90
C ALA A 727 18.15 0.45 14.88
N PHE A 728 17.05 0.49 14.14
CA PHE A 728 16.21 1.68 14.14
C PHE A 728 15.52 1.88 15.47
N ALA A 729 15.16 0.79 16.14
CA ALA A 729 14.61 0.89 17.49
C ALA A 729 15.62 1.48 18.45
N ILE A 730 16.88 1.03 18.38
CA ILE A 730 17.96 1.56 19.22
C ILE A 730 18.16 3.05 18.98
N ILE A 731 18.25 3.47 17.72
CA ILE A 731 18.61 4.86 17.47
C ILE A 731 17.44 5.79 17.80
N PHE A 732 16.20 5.38 17.51
CA PHE A 732 15.05 6.20 17.83
C PHE A 732 14.85 6.33 19.34
N SER A 733 14.99 5.21 20.06
CA SER A 733 14.91 5.23 21.51
C SER A 733 16.04 6.05 22.12
N LYS A 734 17.22 6.04 21.50
CA LYS A 734 18.30 6.84 22.07
C LYS A 734 18.10 8.33 21.82
N ILE A 735 17.44 8.72 20.73
CA ILE A 735 17.15 10.15 20.53
C ILE A 735 16.19 10.64 21.60
N ILE A 736 15.12 9.89 21.84
CA ILE A 736 14.17 10.37 22.84
C ILE A 736 14.73 10.22 24.26
N GLY A 737 15.60 9.23 24.50
CA GLY A 737 16.30 9.16 25.77
C GLY A 737 17.36 10.22 25.96
N VAL A 738 17.88 10.80 24.88
CA VAL A 738 18.65 12.04 25.01
C VAL A 738 17.74 13.16 25.46
N PHE A 739 16.56 13.24 24.89
CA PHE A 739 15.73 14.41 25.16
C PHE A 739 14.83 14.26 26.37
N THR A 740 14.96 13.20 27.16
CA THR A 740 14.27 13.23 28.44
C THR A 740 15.14 13.76 29.57
N ARG A 741 16.38 13.31 29.70
CA ARG A 741 17.20 13.76 30.80
C ARG A 741 17.82 15.13 30.51
N ILE A 742 18.29 15.76 31.56
CA ILE A 742 18.96 17.05 31.44
C ILE A 742 20.44 16.80 31.21
N ASP A 743 21.08 17.71 30.47
CA ASP A 743 22.51 17.68 30.23
C ASP A 743 22.92 19.08 29.82
N ASP A 744 24.17 19.22 29.39
CA ASP A 744 24.66 20.46 28.85
C ASP A 744 23.92 20.75 27.54
N PRO A 745 23.84 21.99 27.08
CA PRO A 745 23.34 22.20 25.72
C PRO A 745 24.25 21.64 24.63
N GLU A 746 25.57 21.69 24.81
CA GLU A 746 26.47 21.17 23.79
C GLU A 746 26.46 19.66 23.73
N THR A 747 26.32 18.99 24.87
CA THR A 747 26.23 17.53 24.86
C THR A 747 24.93 17.07 24.20
N LYS A 748 23.85 17.80 24.40
CA LYS A 748 22.60 17.48 23.72
C LYS A 748 22.72 17.70 22.23
N ARG A 749 23.37 18.79 21.80
CA ARG A 749 23.54 19.02 20.37
C ARG A 749 24.45 17.98 19.73
N GLN A 750 25.49 17.55 20.44
CA GLN A 750 26.39 16.52 19.92
C GLN A 750 25.68 15.18 19.75
N ASN A 751 24.92 14.76 20.77
CA ASN A 751 24.25 13.47 20.65
C ASN A 751 23.14 13.51 19.62
N SER A 752 22.45 14.65 19.49
CA SER A 752 21.43 14.77 18.47
C SER A 752 22.02 14.73 17.06
N ASN A 753 23.16 15.39 16.85
CA ASN A 753 23.77 15.34 15.52
C ASN A 753 24.34 13.96 15.20
N LEU A 754 24.88 13.27 16.21
CA LEU A 754 25.39 11.93 15.98
C LEU A 754 24.27 10.97 15.61
N PHE A 755 23.12 11.06 16.25
CA PHE A 755 22.06 10.13 15.87
C PHE A 755 21.37 10.55 14.57
N SER A 756 21.28 11.84 14.27
CA SER A 756 20.77 12.23 12.96
C SER A 756 21.75 11.93 11.84
N LEU A 757 23.00 11.59 12.14
CA LEU A 757 23.87 10.99 11.13
C LEU A 757 23.75 9.46 11.07
N LEU A 758 23.52 8.82 12.23
CA LEU A 758 23.37 7.37 12.24
C LEU A 758 22.11 6.91 11.50
N PHE A 759 21.06 7.73 11.47
CA PHE A 759 19.91 7.41 10.60
C PHE A 759 20.30 7.33 9.14
N LEU A 760 21.10 8.27 8.67
CA LEU A 760 21.48 8.28 7.26
C LEU A 760 22.43 7.13 6.94
N ALA A 761 23.30 6.78 7.89
CA ALA A 761 24.15 5.61 7.71
C ALA A 761 23.33 4.33 7.63
N LEU A 762 22.27 4.23 8.45
CA LEU A 762 21.36 3.09 8.35
C LEU A 762 20.64 3.08 7.01
N GLY A 763 20.33 4.25 6.47
CA GLY A 763 19.68 4.30 5.17
C GLY A 763 20.57 3.80 4.05
N ILE A 764 21.84 4.18 4.09
CA ILE A 764 22.77 3.74 3.03
C ILE A 764 23.06 2.24 3.14
N ILE A 765 23.22 1.73 4.37
CA ILE A 765 23.42 0.29 4.55
C ILE A 765 22.17 -0.49 4.12
N SER A 766 20.99 0.07 4.37
CA SER A 766 19.74 -0.57 3.94
C SER A 766 19.65 -0.65 2.43
N PHE A 767 20.01 0.43 1.74
CA PHE A 767 19.99 0.45 0.28
C PHE A 767 20.94 -0.60 -0.30
N ILE A 768 22.18 -0.63 0.19
CA ILE A 768 23.19 -1.52 -0.38
C ILE A 768 22.84 -2.99 -0.12
N THR A 769 22.52 -3.33 1.13
CA THR A 769 22.24 -4.73 1.44
C THR A 769 20.93 -5.19 0.84
N PHE A 770 19.94 -4.30 0.72
CA PHE A 770 18.67 -4.70 0.12
C PHE A 770 18.81 -4.94 -1.37
N PHE A 771 19.55 -4.07 -2.07
CA PHE A 771 19.82 -4.28 -3.48
C PHE A 771 20.59 -5.57 -3.70
N LEU A 772 21.59 -5.84 -2.86
CA LEU A 772 22.41 -7.03 -3.07
C LEU A 772 21.63 -8.31 -2.83
N GLN A 773 20.81 -8.33 -1.77
CA GLN A 773 19.96 -9.50 -1.48
C GLN A 773 18.97 -9.74 -2.60
N GLY A 774 18.29 -8.68 -3.05
CA GLY A 774 17.29 -8.83 -4.09
C GLY A 774 17.90 -9.28 -5.41
N PHE A 775 19.08 -8.75 -5.75
CA PHE A 775 19.75 -9.16 -6.97
C PHE A 775 20.18 -10.62 -6.91
N THR A 776 20.79 -11.06 -5.81
CA THR A 776 21.34 -12.41 -5.83
C THR A 776 20.24 -13.48 -5.69
N PHE A 777 19.14 -13.18 -5.00
CA PHE A 777 18.07 -14.17 -4.98
C PHE A 777 17.29 -14.14 -6.28
N GLY A 778 17.23 -12.98 -6.95
CA GLY A 778 16.67 -12.94 -8.29
C GLY A 778 17.46 -13.77 -9.27
N LYS A 779 18.79 -13.69 -9.20
CA LYS A 779 19.63 -14.46 -10.10
C LYS A 779 19.53 -15.96 -9.87
N ALA A 780 19.53 -16.38 -8.59
CA ALA A 780 19.42 -17.81 -8.30
C ALA A 780 18.07 -18.38 -8.70
N GLY A 781 16.98 -17.68 -8.38
CA GLY A 781 15.67 -18.14 -8.80
C GLY A 781 15.49 -18.12 -10.30
N GLU A 782 16.12 -17.17 -10.99
CA GLU A 782 15.94 -17.08 -12.42
C GLU A 782 16.66 -18.21 -13.15
N ILE A 783 17.90 -18.52 -12.76
CA ILE A 783 18.52 -19.62 -13.48
C ILE A 783 18.00 -20.97 -13.02
N LEU A 784 17.39 -21.06 -11.82
CA LEU A 784 16.66 -22.27 -11.51
C LEU A 784 15.44 -22.45 -12.40
N THR A 785 14.70 -21.36 -12.67
CA THR A 785 13.56 -21.46 -13.57
C THR A 785 13.99 -21.81 -14.99
N LYS A 786 15.12 -21.25 -15.45
CA LYS A 786 15.59 -21.54 -16.80
C LYS A 786 16.02 -23.00 -16.95
N ARG A 787 16.86 -23.49 -16.02
CA ARG A 787 17.33 -24.87 -16.14
C ARG A 787 16.21 -25.87 -15.90
N LEU A 788 15.25 -25.55 -15.04
CA LEU A 788 14.16 -26.48 -14.82
C LEU A 788 13.18 -26.49 -15.99
N ARG A 789 12.97 -25.35 -16.66
CA ARG A 789 12.17 -25.36 -17.88
C ARG A 789 12.83 -26.18 -18.97
N TYR A 790 14.16 -26.07 -19.10
CA TYR A 790 14.89 -26.85 -20.10
C TYR A 790 14.77 -28.35 -19.84
N MET A 791 15.03 -28.78 -18.60
CA MET A 791 14.99 -30.20 -18.29
C MET A 791 13.57 -30.76 -18.32
N VAL A 792 12.57 -29.98 -17.89
CA VAL A 792 11.19 -30.42 -17.96
C VAL A 792 10.74 -30.55 -19.41
N PHE A 793 11.18 -29.64 -20.28
CA PHE A 793 10.83 -29.74 -21.69
C PHE A 793 11.46 -30.98 -22.33
N ARG A 794 12.71 -31.27 -21.99
CA ARG A 794 13.36 -32.43 -22.61
C ARG A 794 12.77 -33.74 -22.09
N SER A 795 12.42 -33.80 -20.81
CA SER A 795 11.80 -35.02 -20.30
C SER A 795 10.35 -35.13 -20.75
N MET A 796 9.72 -34.02 -21.14
CA MET A 796 8.44 -34.12 -21.84
C MET A 796 8.62 -34.73 -23.22
N LEU A 797 9.62 -34.25 -23.95
CA LEU A 797 9.81 -34.69 -25.33
C LEU A 797 10.35 -36.10 -25.45
N ARG A 798 10.96 -36.65 -24.39
CA ARG A 798 11.42 -38.03 -24.47
C ARG A 798 10.26 -39.02 -24.38
N GLN A 799 9.10 -38.59 -23.90
CA GLN A 799 8.02 -39.50 -23.54
C GLN A 799 7.36 -40.13 -24.77
N ASP A 800 6.55 -41.15 -24.49
CA ASP A 800 5.79 -41.91 -25.47
C ASP A 800 4.57 -41.10 -25.94
N VAL A 801 3.97 -41.55 -27.05
CA VAL A 801 2.68 -41.03 -27.46
C VAL A 801 1.62 -41.37 -26.43
N SER A 802 1.63 -42.63 -25.93
CA SER A 802 0.62 -43.12 -24.98
C SER A 802 0.68 -42.42 -23.63
N TRP A 803 1.77 -41.72 -23.32
CA TRP A 803 1.80 -40.83 -22.17
C TRP A 803 1.14 -39.49 -22.48
N PHE A 804 1.14 -39.07 -23.75
CA PHE A 804 0.54 -37.80 -24.12
C PHE A 804 -0.96 -37.88 -24.36
N ASP A 805 -1.51 -39.08 -24.56
CA ASP A 805 -2.95 -39.22 -24.75
C ASP A 805 -3.70 -39.40 -23.43
N ASP A 806 -3.04 -39.26 -22.30
CA ASP A 806 -3.70 -39.43 -21.01
C ASP A 806 -4.68 -38.30 -20.75
N PRO A 807 -5.83 -38.58 -20.12
CA PRO A 807 -6.80 -37.51 -19.84
C PRO A 807 -6.31 -36.50 -18.82
N LYS A 808 -5.36 -36.87 -17.96
CA LYS A 808 -4.74 -35.90 -17.06
C LYS A 808 -3.63 -35.12 -17.75
N ASN A 809 -3.00 -35.69 -18.79
CA ASN A 809 -1.90 -35.03 -19.49
C ASN A 809 -2.44 -34.46 -20.79
N THR A 810 -3.08 -33.32 -20.69
CA THR A 810 -3.56 -32.60 -21.86
C THR A 810 -2.52 -31.56 -22.24
N THR A 811 -2.76 -30.88 -23.37
CA THR A 811 -1.85 -29.83 -23.80
C THR A 811 -1.94 -28.63 -22.88
N GLY A 812 -3.15 -28.27 -22.44
CA GLY A 812 -3.31 -27.16 -21.52
C GLY A 812 -2.73 -27.45 -20.15
N ALA A 813 -2.89 -28.68 -19.66
CA ALA A 813 -2.30 -29.04 -18.37
C ALA A 813 -0.77 -29.09 -18.44
N LEU A 814 -0.22 -29.51 -19.57
CA LEU A 814 1.23 -29.56 -19.69
C LEU A 814 1.82 -28.16 -19.86
N THR A 815 1.16 -27.28 -20.62
CA THR A 815 1.70 -25.92 -20.67
C THR A 815 1.39 -25.12 -19.40
N THR A 816 0.45 -25.58 -18.58
CA THR A 816 0.30 -24.99 -17.25
C THR A 816 1.42 -25.47 -16.33
N ARG A 817 1.75 -26.76 -16.39
CA ARG A 817 2.85 -27.29 -15.60
C ARG A 817 4.20 -26.78 -16.06
N LEU A 818 4.30 -26.27 -17.29
CA LEU A 818 5.54 -25.65 -17.76
C LEU A 818 5.53 -24.13 -17.61
N ALA A 819 4.36 -23.51 -17.59
CA ALA A 819 4.28 -22.05 -17.54
C ALA A 819 4.07 -21.53 -16.13
N ASN A 820 3.10 -22.10 -15.43
CA ASN A 820 2.69 -21.60 -14.11
C ASN A 820 3.53 -22.24 -13.02
N ASP A 821 3.77 -23.54 -13.12
CA ASP A 821 4.38 -24.28 -12.01
C ASP A 821 5.89 -24.34 -12.09
N ALA A 822 6.50 -23.96 -13.21
CA ALA A 822 7.96 -23.90 -13.25
C ALA A 822 8.49 -22.68 -12.52
N ALA A 823 7.74 -21.58 -12.52
CA ALA A 823 8.14 -20.40 -11.78
C ALA A 823 7.73 -20.46 -10.32
N GLN A 824 6.98 -21.48 -9.92
CA GLN A 824 6.59 -21.66 -8.53
C GLN A 824 7.61 -22.45 -7.72
N VAL A 825 8.66 -22.96 -8.36
CA VAL A 825 9.64 -23.76 -7.61
C VAL A 825 10.74 -22.89 -6.99
N LYS A 826 10.84 -21.62 -7.38
CA LYS A 826 11.84 -20.76 -6.75
C LYS A 826 11.41 -20.33 -5.36
N GLY A 827 10.09 -20.28 -5.12
CA GLY A 827 9.58 -19.87 -3.83
C GLY A 827 9.71 -20.92 -2.75
N ALA A 828 9.93 -22.17 -3.13
CA ALA A 828 10.06 -23.22 -2.13
C ALA A 828 11.46 -23.26 -1.53
N ILE A 829 12.46 -22.70 -2.21
CA ILE A 829 13.82 -22.66 -1.67
C ILE A 829 14.31 -21.24 -1.40
N GLY A 830 14.38 -20.39 -2.42
CA GLY A 830 15.14 -19.15 -2.27
C GLY A 830 14.41 -18.11 -1.44
N SER A 831 13.15 -17.86 -1.77
CA SER A 831 12.35 -16.92 -1.00
C SER A 831 12.06 -17.44 0.40
N ARG A 832 11.99 -18.77 0.57
CA ARG A 832 11.78 -19.33 1.89
C ARG A 832 12.99 -19.09 2.80
N LEU A 833 14.20 -19.31 2.28
CA LEU A 833 15.40 -19.04 3.08
C LEU A 833 15.53 -17.55 3.39
N ALA A 834 15.25 -16.70 2.41
CA ALA A 834 15.34 -15.26 2.63
C ALA A 834 14.34 -14.79 3.68
N VAL A 835 13.11 -15.30 3.65
CA VAL A 835 12.09 -14.83 4.56
C VAL A 835 12.30 -15.36 5.96
N ILE A 836 12.68 -16.63 6.11
CA ILE A 836 12.94 -17.18 7.45
C ILE A 836 14.14 -16.50 8.09
N THR A 837 15.22 -16.26 7.33
CA THR A 837 16.39 -15.61 7.89
C THR A 837 16.13 -14.15 8.20
N GLN A 838 15.41 -13.44 7.32
CA GLN A 838 15.06 -12.06 7.55
C GLN A 838 14.19 -11.90 8.78
N ASN A 839 13.24 -12.82 8.99
CA ASN A 839 12.38 -12.71 10.15
C ASN A 839 13.08 -13.12 11.44
N ILE A 840 14.03 -14.05 11.39
CA ILE A 840 14.78 -14.40 12.60
C ILE A 840 15.65 -13.22 13.03
N ALA A 841 16.41 -12.64 12.09
CA ALA A 841 17.21 -11.48 12.47
C ALA A 841 16.37 -10.22 12.64
N ASN A 842 15.06 -10.27 12.34
CA ASN A 842 14.18 -9.15 12.65
C ASN A 842 13.58 -9.26 14.03
N LEU A 843 13.22 -10.46 14.47
CA LEU A 843 12.51 -10.60 15.73
C LEU A 843 13.33 -11.17 16.88
N GLY A 844 14.23 -12.13 16.60
CA GLY A 844 14.98 -12.74 17.69
C GLY A 844 15.94 -11.77 18.37
N THR A 845 16.62 -10.94 17.58
CA THR A 845 17.51 -9.98 18.21
C THR A 845 16.74 -8.82 18.85
N GLY A 846 15.54 -8.51 18.36
CA GLY A 846 14.72 -7.53 19.05
C GLY A 846 14.25 -8.03 20.40
N ILE A 847 13.87 -9.30 20.46
CA ILE A 847 13.43 -9.89 21.72
C ILE A 847 14.59 -10.05 22.69
N ILE A 848 15.80 -10.34 22.18
CA ILE A 848 16.94 -10.51 23.08
C ILE A 848 17.40 -9.17 23.66
N ILE A 849 17.45 -8.12 22.83
CA ILE A 849 17.75 -6.77 23.33
C ILE A 849 16.68 -6.32 24.31
N SER A 850 15.43 -6.67 24.03
CA SER A 850 14.34 -6.30 24.91
C SER A 850 14.41 -7.03 26.25
N PHE A 851 14.84 -8.29 26.23
CA PHE A 851 14.97 -9.03 27.48
C PHE A 851 16.15 -8.55 28.30
N ILE A 852 17.19 -8.04 27.63
CA ILE A 852 18.30 -7.48 28.38
C ILE A 852 17.92 -6.16 29.04
N TYR A 853 17.19 -5.30 28.32
CA TYR A 853 16.92 -3.98 28.88
C TYR A 853 15.75 -4.01 29.87
N GLY A 854 14.56 -4.35 29.42
CA GLY A 854 13.41 -4.35 30.30
C GLY A 854 12.64 -5.65 30.29
N TRP A 855 12.60 -6.33 31.44
CA TRP A 855 12.16 -7.72 31.47
C TRP A 855 10.64 -7.88 31.48
N GLN A 856 9.95 -7.20 32.41
CA GLN A 856 8.52 -7.39 32.63
C GLN A 856 7.70 -6.94 31.43
N LEU A 857 8.06 -5.78 30.88
CA LEU A 857 7.38 -5.28 29.70
C LEU A 857 7.60 -6.17 28.50
N THR A 858 8.78 -6.79 28.39
CA THR A 858 9.03 -7.72 27.31
C THR A 858 8.16 -8.96 27.43
N LEU A 859 7.89 -9.41 28.66
CA LEU A 859 7.00 -10.55 28.84
C LEU A 859 5.55 -10.21 28.47
N LEU A 860 5.08 -9.03 28.87
CA LEU A 860 3.73 -8.62 28.51
C LEU A 860 3.60 -8.42 27.00
N LEU A 861 4.61 -7.84 26.36
CA LEU A 861 4.54 -7.64 24.92
C LEU A 861 4.70 -8.95 24.17
N LEU A 862 5.40 -9.93 24.74
CA LEU A 862 5.44 -11.24 24.12
C LEU A 862 4.10 -11.94 24.24
N ALA A 863 3.30 -11.57 25.24
CA ALA A 863 1.92 -12.07 25.26
C ALA A 863 1.07 -11.44 24.17
N ILE A 864 1.25 -10.14 23.92
CA ILE A 864 0.33 -9.47 22.97
C ILE A 864 0.90 -9.46 21.54
N VAL A 865 2.09 -9.99 21.33
CA VAL A 865 2.75 -9.91 20.02
C VAL A 865 2.11 -10.67 18.84
N PRO A 866 1.51 -11.89 18.95
CA PRO A 866 1.07 -12.56 17.72
C PRO A 866 -0.13 -11.92 17.06
N ILE A 867 -0.97 -11.22 17.83
CA ILE A 867 -2.11 -10.54 17.23
C ILE A 867 -1.65 -9.32 16.44
N ILE A 868 -0.54 -8.69 16.84
CA ILE A 868 0.01 -7.60 16.04
C ILE A 868 0.68 -8.14 14.78
N ALA A 869 1.31 -9.32 14.87
CA ALA A 869 1.85 -9.93 13.65
C ALA A 869 0.75 -10.29 12.66
N ILE A 870 -0.37 -10.82 13.17
CA ILE A 870 -1.51 -11.10 12.32
C ILE A 870 -2.14 -9.81 11.80
N ALA A 871 -2.05 -8.72 12.57
CA ALA A 871 -2.49 -7.41 12.11
C ALA A 871 -1.64 -6.90 10.96
N GLY A 872 -0.38 -7.31 10.90
CA GLY A 872 0.41 -7.04 9.72
C GLY A 872 -0.04 -7.85 8.52
N VAL A 873 -0.14 -9.18 8.70
CA VAL A 873 -0.32 -10.07 7.53
C VAL A 873 -1.73 -9.94 6.94
N VAL A 874 -2.74 -9.66 7.76
CA VAL A 874 -4.11 -9.62 7.26
C VAL A 874 -4.34 -8.34 6.47
N GLU A 875 -3.80 -7.22 6.94
CA GLU A 875 -3.89 -5.97 6.18
C GLU A 875 -3.09 -6.04 4.90
N MET A 876 -1.91 -6.68 4.93
CA MET A 876 -1.13 -6.78 3.70
C MET A 876 -1.77 -7.76 2.71
N LYS A 877 -2.50 -8.75 3.20
CA LYS A 877 -3.23 -9.66 2.31
C LYS A 877 -4.46 -8.96 1.74
N MET A 878 -5.10 -8.09 2.51
CA MET A 878 -6.22 -7.32 2.00
C MET A 878 -5.78 -6.34 0.92
N LEU A 879 -4.57 -5.78 1.06
CA LEU A 879 -4.11 -4.76 0.13
C LEU A 879 -3.83 -5.32 -1.27
N SER A 880 -3.43 -6.60 -1.37
CA SER A 880 -2.93 -7.13 -2.63
C SER A 880 -3.40 -8.56 -2.93
N GLY A 881 -4.71 -8.82 -2.99
CA GLY A 881 -5.13 -10.12 -3.50
C GLY A 881 -5.22 -11.24 -2.48
N GLN A 882 -6.15 -11.12 -1.53
CA GLN A 882 -6.31 -12.09 -0.45
C GLN A 882 -6.52 -13.53 -0.91
N ALA A 883 -7.57 -13.79 -1.68
CA ALA A 883 -7.94 -15.17 -2.03
C ALA A 883 -8.74 -15.18 -3.32
N LEU A 884 -8.53 -16.22 -4.14
CA LEU A 884 -9.21 -16.37 -5.42
C LEU A 884 -9.84 -17.74 -5.58
N LYS A 885 -10.22 -18.39 -4.48
CA LYS A 885 -10.86 -19.70 -4.56
C LYS A 885 -12.36 -19.57 -4.81
N ASP A 886 -12.94 -18.45 -4.39
CA ASP A 886 -14.37 -18.23 -4.54
C ASP A 886 -14.79 -18.11 -6.00
N LYS A 887 -13.96 -17.50 -6.85
CA LYS A 887 -14.24 -17.48 -8.28
C LYS A 887 -14.11 -18.87 -8.90
N LYS A 888 -13.22 -19.70 -8.36
CA LYS A 888 -13.09 -21.07 -8.83
C LYS A 888 -14.33 -21.90 -8.51
N GLU A 889 -14.84 -21.77 -7.29
CA GLU A 889 -16.09 -22.42 -6.90
C GLU A 889 -17.26 -21.90 -7.73
N LEU A 890 -17.25 -20.60 -8.02
CA LEU A 890 -18.27 -19.98 -8.86
C LEU A 890 -18.29 -20.57 -10.27
N GLU A 891 -17.14 -20.66 -10.92
CA GLU A 891 -17.12 -21.17 -12.28
C GLU A 891 -17.33 -22.69 -12.33
N GLY A 892 -16.90 -23.41 -11.28
CA GLY A 892 -17.20 -24.82 -11.19
C GLY A 892 -18.67 -25.11 -11.05
N ALA A 893 -19.42 -24.21 -10.41
CA ALA A 893 -20.87 -24.36 -10.45
C ALA A 893 -21.49 -23.75 -11.71
N GLY A 894 -20.81 -22.82 -12.36
CA GLY A 894 -21.31 -22.12 -13.53
C GLY A 894 -20.86 -22.64 -14.86
N LYS A 895 -20.31 -23.87 -14.92
CA LYS A 895 -20.06 -24.54 -16.19
C LYS A 895 -21.35 -24.87 -16.97
N ILE A 896 -22.53 -24.72 -16.35
CA ILE A 896 -23.81 -24.70 -17.06
C ILE A 896 -23.79 -23.64 -18.15
N ALA A 897 -23.16 -22.50 -17.89
CA ALA A 897 -23.02 -21.47 -18.92
C ALA A 897 -22.16 -21.95 -20.08
N THR A 898 -21.07 -22.66 -19.80
CA THR A 898 -20.19 -23.14 -20.86
C THR A 898 -20.89 -24.20 -21.72
N GLU A 899 -21.58 -25.14 -21.08
CA GLU A 899 -22.28 -26.17 -21.83
C GLU A 899 -23.59 -25.65 -22.41
N ALA A 900 -24.03 -24.45 -22.02
CA ALA A 900 -25.13 -23.80 -22.70
C ALA A 900 -24.67 -23.06 -23.94
N ILE A 901 -23.49 -22.46 -23.88
CA ILE A 901 -22.98 -21.71 -25.02
C ILE A 901 -22.42 -22.66 -26.08
N GLU A 902 -21.76 -23.73 -25.64
CA GLU A 902 -21.19 -24.70 -26.57
C GLU A 902 -22.26 -25.51 -27.28
N ASN A 903 -23.39 -25.77 -26.62
CA ASN A 903 -24.52 -26.46 -27.23
C ASN A 903 -25.63 -25.50 -27.64
N PHE A 904 -25.27 -24.31 -28.12
CA PHE A 904 -26.28 -23.32 -28.48
C PHE A 904 -27.08 -23.75 -29.69
N ARG A 905 -26.47 -24.54 -30.58
CA ARG A 905 -27.09 -24.91 -31.85
C ARG A 905 -28.30 -25.82 -31.68
N THR A 906 -28.38 -26.57 -30.58
CA THR A 906 -29.56 -27.38 -30.32
C THR A 906 -30.66 -26.55 -29.66
N VAL A 907 -30.30 -25.72 -28.69
CA VAL A 907 -31.29 -24.99 -27.91
C VAL A 907 -31.90 -23.84 -28.70
N VAL A 908 -31.26 -23.39 -29.78
CA VAL A 908 -31.95 -22.43 -30.64
C VAL A 908 -33.03 -23.09 -31.46
N SER A 909 -32.97 -24.41 -31.65
CA SER A 909 -34.07 -25.14 -32.27
C SER A 909 -35.12 -25.55 -31.25
N LEU A 910 -34.67 -26.01 -30.09
CA LEU A 910 -35.55 -26.46 -29.02
C LEU A 910 -36.27 -25.32 -28.31
N THR A 911 -35.83 -24.07 -28.54
CA THR A 911 -36.24 -22.81 -27.86
C THR A 911 -36.32 -22.96 -26.33
N GLN A 912 -35.45 -23.78 -25.76
CA GLN A 912 -35.42 -24.07 -24.33
C GLN A 912 -34.45 -23.13 -23.61
N GLU A 913 -34.64 -21.84 -23.81
CA GLU A 913 -33.74 -20.87 -23.19
C GLU A 913 -34.13 -20.57 -21.75
N GLN A 914 -35.43 -20.41 -21.47
CA GLN A 914 -35.88 -20.00 -20.15
C GLN A 914 -35.57 -21.05 -19.10
N LYS A 915 -35.61 -22.33 -19.49
CA LYS A 915 -35.25 -23.39 -18.56
C LYS A 915 -33.77 -23.33 -18.21
N PHE A 916 -32.92 -22.98 -19.18
CA PHE A 916 -31.50 -22.89 -18.87
C PHE A 916 -31.18 -21.64 -18.07
N GLU A 917 -31.90 -20.55 -18.30
CA GLU A 917 -31.73 -19.35 -17.49
C GLU A 917 -32.16 -19.59 -16.05
N HIS A 918 -33.27 -20.30 -15.84
CA HIS A 918 -33.68 -20.60 -14.48
C HIS A 918 -32.77 -21.61 -13.82
N MET A 919 -32.16 -22.51 -14.60
CA MET A 919 -31.18 -23.42 -14.03
C MET A 919 -29.93 -22.67 -13.58
N TYR A 920 -29.52 -21.65 -14.34
CA TYR A 920 -28.36 -20.87 -13.92
C TYR A 920 -28.69 -20.01 -12.70
N ALA A 921 -29.90 -19.45 -12.67
CA ALA A 921 -30.34 -18.63 -11.54
C ALA A 921 -30.45 -19.45 -10.25
N GLN A 922 -30.80 -20.72 -10.36
CA GLN A 922 -30.84 -21.57 -9.17
C GLN A 922 -29.50 -22.23 -8.87
N SER A 923 -28.56 -22.21 -9.80
CA SER A 923 -27.23 -22.70 -9.49
C SER A 923 -26.31 -21.63 -8.93
N LEU A 924 -26.67 -20.35 -9.04
CA LEU A 924 -25.86 -19.31 -8.42
C LEU A 924 -26.08 -19.13 -6.93
N GLN A 925 -27.07 -19.79 -6.33
CA GLN A 925 -27.59 -19.32 -5.06
C GLN A 925 -26.72 -19.66 -3.86
N VAL A 926 -25.94 -20.74 -3.92
CA VAL A 926 -25.13 -21.13 -2.76
C VAL A 926 -23.84 -20.30 -2.62
N PRO A 927 -23.06 -20.01 -3.69
CA PRO A 927 -21.96 -19.06 -3.50
C PRO A 927 -22.40 -17.64 -3.20
N TYR A 928 -23.67 -17.30 -3.42
CA TYR A 928 -24.21 -16.05 -2.91
C TYR A 928 -24.15 -15.99 -1.39
N ARG A 929 -24.66 -17.03 -0.72
CA ARG A 929 -24.59 -17.07 0.74
C ARG A 929 -23.16 -17.22 1.24
N ASN A 930 -22.32 -17.95 0.49
CA ASN A 930 -20.91 -18.03 0.88
C ASN A 930 -20.22 -16.68 0.77
N SER A 931 -20.59 -15.88 -0.24
CA SER A 931 -20.00 -14.56 -0.39
C SER A 931 -20.44 -13.61 0.72
N LEU A 932 -21.71 -13.68 1.13
CA LEU A 932 -22.14 -12.79 2.21
C LEU A 932 -21.53 -13.21 3.55
N ARG A 933 -21.37 -14.52 3.77
CA ARG A 933 -20.70 -15.00 4.99
C ARG A 933 -19.25 -14.55 5.04
N LYS A 934 -18.53 -14.64 3.92
CA LYS A 934 -17.16 -14.14 3.87
C LYS A 934 -17.10 -12.63 4.06
N ALA A 935 -18.10 -11.90 3.55
CA ALA A 935 -18.13 -10.46 3.70
C ALA A 935 -18.35 -10.03 5.14
N HIS A 936 -19.00 -10.85 5.95
CA HIS A 936 -19.06 -10.49 7.37
C HIS A 936 -17.82 -10.92 8.13
N ILE A 937 -17.30 -12.13 7.86
CA ILE A 937 -16.22 -12.69 8.67
C ILE A 937 -14.92 -11.93 8.45
N PHE A 938 -14.66 -11.50 7.20
CA PHE A 938 -13.45 -10.73 6.94
C PHE A 938 -13.47 -9.38 7.63
N GLY A 939 -14.64 -8.73 7.66
CA GLY A 939 -14.76 -7.47 8.37
C GLY A 939 -14.52 -7.61 9.86
N ILE A 940 -15.03 -8.70 10.45
CA ILE A 940 -14.84 -8.95 11.88
C ILE A 940 -13.37 -9.14 12.22
N THR A 941 -12.67 -9.99 11.47
CA THR A 941 -11.27 -10.25 11.83
C THR A 941 -10.36 -9.06 11.52
N PHE A 942 -10.66 -8.29 10.46
CA PHE A 942 -9.89 -7.11 10.15
C PHE A 942 -10.03 -6.05 11.24
N SER A 943 -11.25 -5.82 11.72
CA SER A 943 -11.43 -4.82 12.76
C SER A 943 -10.90 -5.27 14.11
N PHE A 944 -10.90 -6.58 14.38
CA PHE A 944 -10.31 -7.06 15.62
C PHE A 944 -8.81 -6.80 15.66
N THR A 945 -8.11 -7.03 14.55
CA THR A 945 -6.67 -6.73 14.56
C THR A 945 -6.39 -5.22 14.58
N GLN A 946 -7.19 -4.44 13.83
CA GLN A 946 -7.01 -3.00 13.79
C GLN A 946 -7.26 -2.35 15.14
N ALA A 947 -8.14 -2.93 15.95
CA ALA A 947 -8.31 -2.40 17.30
C ALA A 947 -7.26 -2.92 18.25
N MET A 948 -6.74 -4.13 18.03
CA MET A 948 -5.77 -4.68 18.96
C MET A 948 -4.45 -3.93 18.91
N MET A 949 -4.16 -3.25 17.79
CA MET A 949 -3.00 -2.35 17.75
C MET A 949 -3.10 -1.23 18.80
N TYR A 950 -4.23 -0.50 18.81
CA TYR A 950 -4.40 0.61 19.74
C TYR A 950 -4.51 0.13 21.18
N PHE A 951 -5.16 -1.01 21.39
CA PHE A 951 -5.26 -1.53 22.76
C PHE A 951 -3.90 -2.01 23.26
N SER A 952 -3.03 -2.47 22.35
CA SER A 952 -1.66 -2.79 22.73
C SER A 952 -0.89 -1.55 23.14
N TYR A 953 -1.10 -0.44 22.43
CA TYR A 953 -0.52 0.85 22.85
C TYR A 953 -0.91 1.22 24.26
N ALA A 954 -2.21 1.14 24.56
CA ALA A 954 -2.73 1.54 25.86
C ALA A 954 -2.19 0.66 26.98
N GLY A 955 -2.24 -0.66 26.81
CA GLY A 955 -1.76 -1.55 27.85
C GLY A 955 -0.27 -1.47 28.09
N CYS A 956 0.53 -1.41 27.00
CA CYS A 956 1.97 -1.30 27.11
C CYS A 956 2.39 -0.03 27.82
N PHE A 957 1.78 1.10 27.47
CA PHE A 957 2.24 2.31 28.11
C PHE A 957 1.69 2.50 29.51
N ARG A 958 0.56 1.88 29.87
CA ARG A 958 0.17 1.94 31.28
C ARG A 958 1.09 1.11 32.16
N PHE A 959 1.47 -0.08 31.71
CA PHE A 959 2.42 -0.86 32.51
C PHE A 959 3.80 -0.21 32.52
N GLY A 960 4.18 0.47 31.44
CA GLY A 960 5.42 1.21 31.44
C GLY A 960 5.37 2.42 32.37
N ALA A 961 4.21 3.04 32.51
CA ALA A 961 4.05 4.13 33.46
C ALA A 961 4.22 3.65 34.88
N TYR A 962 3.64 2.49 35.20
CA TYR A 962 3.84 1.94 36.55
C TYR A 962 5.31 1.59 36.80
N LEU A 963 5.99 1.01 35.81
CA LEU A 963 7.37 0.61 36.01
C LEU A 963 8.29 1.81 36.13
N VAL A 964 8.02 2.88 35.40
CA VAL A 964 8.82 4.10 35.55
C VAL A 964 8.56 4.73 36.91
N ALA A 965 7.30 4.70 37.37
CA ALA A 965 6.97 5.37 38.62
C ALA A 965 7.56 4.67 39.83
N HIS A 966 7.62 3.34 39.82
CA HIS A 966 8.25 2.63 40.93
C HIS A 966 9.73 2.41 40.72
N LYS A 967 10.32 3.02 39.69
CA LYS A 967 11.76 3.09 39.43
C LYS A 967 12.40 1.71 39.29
N LEU A 968 11.94 0.98 38.28
CA LEU A 968 12.60 -0.26 37.88
C LEU A 968 13.20 -0.17 36.48
N MET A 969 12.86 0.87 35.72
CA MET A 969 13.47 1.17 34.44
C MET A 969 13.31 2.66 34.19
N SER A 970 13.62 3.09 32.99
CA SER A 970 13.51 4.49 32.62
C SER A 970 12.55 4.64 31.45
N PHE A 971 12.31 5.88 31.02
CA PHE A 971 11.43 6.05 29.88
C PHE A 971 12.10 5.65 28.58
N GLU A 972 13.43 5.80 28.52
CA GLU A 972 14.18 5.32 27.36
C GLU A 972 14.07 3.82 27.22
N ASP A 973 13.99 3.08 28.33
CA ASP A 973 13.93 1.63 28.22
C ASP A 973 12.54 1.12 27.87
N VAL A 974 11.48 1.73 28.39
CA VAL A 974 10.13 1.34 27.96
C VAL A 974 9.91 1.71 26.50
N LEU A 975 10.47 2.85 26.07
CA LEU A 975 10.36 3.20 24.66
C LEU A 975 11.16 2.26 23.79
N LEU A 976 12.30 1.78 24.27
CA LEU A 976 13.10 0.80 23.51
C LEU A 976 12.39 -0.54 23.41
N VAL A 977 11.86 -1.05 24.53
CA VAL A 977 11.19 -2.35 24.55
C VAL A 977 9.95 -2.33 23.68
N PHE A 978 9.11 -1.30 23.84
CA PHE A 978 7.90 -1.18 23.04
C PHE A 978 8.21 -1.02 21.57
N SER A 979 9.17 -0.13 21.24
CA SER A 979 9.50 0.14 19.85
C SER A 979 10.06 -1.09 19.17
N ALA A 980 11.00 -1.78 19.81
CA ALA A 980 11.62 -2.97 19.24
C ALA A 980 10.61 -4.07 19.03
N VAL A 981 9.81 -4.40 20.06
CA VAL A 981 8.93 -5.56 19.95
C VAL A 981 7.76 -5.29 19.01
N VAL A 982 7.09 -4.14 19.15
CA VAL A 982 5.92 -3.87 18.32
C VAL A 982 6.31 -3.60 16.87
N PHE A 983 7.36 -2.81 16.63
CA PHE A 983 7.73 -2.54 15.26
C PHE A 983 8.37 -3.75 14.62
N GLY A 984 9.01 -4.61 15.40
CA GLY A 984 9.47 -5.87 14.88
C GLY A 984 8.33 -6.79 14.50
N ALA A 985 7.25 -6.81 15.28
CA ALA A 985 6.11 -7.65 14.95
C ALA A 985 5.41 -7.18 13.69
N MET A 986 5.24 -5.87 13.54
CA MET A 986 4.64 -5.36 12.31
C MET A 986 5.56 -5.56 11.11
N ALA A 987 6.88 -5.52 11.31
CA ALA A 987 7.78 -5.81 10.20
C ALA A 987 7.77 -7.29 9.84
N VAL A 988 7.60 -8.18 10.84
CA VAL A 988 7.48 -9.61 10.57
C VAL A 988 6.22 -9.89 9.76
N GLY A 989 5.11 -9.24 10.11
CA GLY A 989 3.90 -9.38 9.32
C GLY A 989 4.04 -8.86 7.91
N GLN A 990 4.62 -7.66 7.76
CA GLN A 990 4.74 -7.04 6.45
C GLN A 990 5.74 -7.76 5.55
N VAL A 991 6.74 -8.43 6.12
CA VAL A 991 7.66 -9.19 5.30
C VAL A 991 7.07 -10.56 4.96
N SER A 992 6.55 -11.27 5.95
CA SER A 992 6.06 -12.62 5.73
C SER A 992 4.73 -12.67 4.99
N SER A 993 4.09 -11.54 4.73
CA SER A 993 2.98 -11.55 3.79
C SER A 993 3.42 -11.30 2.36
N PHE A 994 4.59 -10.69 2.17
CA PHE A 994 5.08 -10.37 0.84
C PHE A 994 5.53 -11.61 0.07
N ALA A 995 5.97 -12.63 0.79
CA ALA A 995 6.49 -13.84 0.17
C ALA A 995 5.39 -14.67 -0.47
N PRO A 996 5.70 -15.41 -1.53
CA PRO A 996 4.75 -16.39 -2.05
C PRO A 996 4.64 -17.58 -1.11
N ASP A 997 3.63 -18.40 -1.36
CA ASP A 997 3.30 -19.50 -0.47
C ASP A 997 4.35 -20.60 -0.59
N TYR A 998 4.41 -21.45 0.44
CA TYR A 998 5.37 -22.54 0.51
C TYR A 998 4.75 -23.91 0.30
N ALA A 999 3.50 -24.13 0.72
CA ALA A 999 2.91 -25.46 0.63
C ALA A 999 2.62 -25.85 -0.81
N LYS A 1000 1.94 -24.99 -1.56
CA LYS A 1000 1.65 -25.30 -2.96
C LYS A 1000 2.91 -25.28 -3.81
N ALA A 1001 3.91 -24.50 -3.42
CA ALA A 1001 5.20 -24.55 -4.08
C ALA A 1001 5.87 -25.91 -3.88
N LYS A 1002 5.73 -26.48 -2.69
CA LYS A 1002 6.32 -27.79 -2.42
C LYS A 1002 5.59 -28.89 -3.17
N ILE A 1003 4.26 -28.80 -3.27
CA ILE A 1003 3.51 -29.79 -4.02
C ILE A 1003 3.78 -29.69 -5.52
N SER A 1004 3.91 -28.46 -6.03
CA SER A 1004 4.24 -28.25 -7.44
C SER A 1004 5.65 -28.74 -7.75
N ALA A 1005 6.59 -28.56 -6.82
CA ALA A 1005 7.92 -29.13 -7.00
C ALA A 1005 7.88 -30.64 -6.99
N ALA A 1006 7.00 -31.25 -6.18
CA ALA A 1006 6.86 -32.70 -6.18
C ALA A 1006 6.32 -33.21 -7.52
N HIS A 1007 5.37 -32.48 -8.12
CA HIS A 1007 4.86 -32.87 -9.43
C HIS A 1007 5.89 -32.66 -10.54
N ILE A 1008 6.68 -31.60 -10.46
CA ILE A 1008 7.73 -31.37 -11.46
C ILE A 1008 8.81 -32.44 -11.36
N ILE A 1009 9.15 -32.85 -10.14
CA ILE A 1009 10.07 -33.96 -9.94
C ILE A 1009 9.46 -35.28 -10.44
N MET A 1010 8.13 -35.42 -10.34
CA MET A 1010 7.46 -36.60 -10.89
C MET A 1010 7.60 -36.64 -12.41
N ILE A 1011 7.46 -35.50 -13.08
CA ILE A 1011 7.65 -35.46 -14.53
C ILE A 1011 9.11 -35.73 -14.90
N ILE A 1012 10.06 -35.18 -14.13
CA ILE A 1012 11.48 -35.34 -14.43
C ILE A 1012 11.91 -36.80 -14.27
N GLU A 1013 11.46 -37.47 -13.21
CA GLU A 1013 11.98 -38.79 -12.88
C GLU A 1013 11.47 -39.88 -13.81
N LYS A 1014 10.33 -39.66 -14.48
CA LYS A 1014 9.67 -40.73 -15.20
C LYS A 1014 10.41 -41.06 -16.48
N THR A 1015 10.60 -42.36 -16.71
CA THR A 1015 11.19 -42.86 -17.93
C THR A 1015 10.11 -43.56 -18.75
N PRO A 1016 9.94 -43.22 -20.02
CA PRO A 1016 8.92 -43.90 -20.83
C PRO A 1016 9.32 -45.32 -21.15
N LEU A 1017 8.32 -46.10 -21.59
CA LEU A 1017 8.53 -47.52 -21.85
C LEU A 1017 9.46 -47.75 -23.04
N ILE A 1018 9.41 -46.88 -24.04
CA ILE A 1018 10.39 -46.86 -25.11
C ILE A 1018 11.20 -45.59 -25.00
N ASP A 1019 12.46 -45.65 -25.41
CA ASP A 1019 13.35 -44.50 -25.36
C ASP A 1019 13.73 -44.09 -26.78
N SER A 1020 13.43 -42.83 -27.12
CA SER A 1020 13.74 -42.33 -28.45
C SER A 1020 15.22 -42.07 -28.64
N TYR A 1021 15.96 -41.83 -27.56
CA TYR A 1021 17.37 -41.49 -27.66
C TYR A 1021 18.29 -42.70 -27.71
N SER A 1022 17.80 -43.89 -27.37
CA SER A 1022 18.65 -45.08 -27.35
C SER A 1022 18.84 -45.63 -28.76
N THR A 1023 20.03 -46.17 -29.00
CA THR A 1023 20.38 -46.77 -30.28
C THR A 1023 20.27 -48.29 -30.26
N GLU A 1024 20.03 -48.88 -29.10
CA GLU A 1024 20.02 -50.33 -28.97
C GLU A 1024 18.80 -50.94 -29.64
N GLY A 1025 18.99 -52.12 -30.20
CA GLY A 1025 18.00 -52.82 -30.97
C GLY A 1025 18.65 -53.57 -32.10
N LEU A 1026 17.85 -53.97 -33.09
CA LEU A 1026 18.35 -54.64 -34.27
C LEU A 1026 18.66 -53.60 -35.34
N MET A 1027 19.92 -53.52 -35.73
CA MET A 1027 20.39 -52.63 -36.80
C MET A 1027 20.94 -53.51 -37.92
N PRO A 1028 20.11 -53.90 -38.87
CA PRO A 1028 20.63 -54.48 -40.11
C PRO A 1028 21.06 -53.39 -41.07
N ASN A 1029 22.01 -53.74 -41.93
CA ASN A 1029 22.51 -52.76 -42.89
C ASN A 1029 21.58 -52.63 -44.09
N THR A 1030 20.76 -53.64 -44.36
CA THR A 1030 19.95 -53.70 -45.55
C THR A 1030 18.48 -53.96 -45.21
N LEU A 1031 17.64 -53.84 -46.23
CA LEU A 1031 16.20 -54.07 -46.17
C LEU A 1031 15.72 -54.40 -47.58
N GLU A 1032 14.42 -54.70 -47.68
CA GLU A 1032 13.78 -54.87 -48.98
C GLU A 1032 12.56 -53.97 -49.15
N GLY A 1033 11.64 -53.95 -48.18
CA GLY A 1033 10.45 -53.15 -48.25
C GLY A 1033 9.14 -53.92 -48.29
N ASN A 1034 9.09 -55.06 -47.61
CA ASN A 1034 7.89 -55.89 -47.54
C ASN A 1034 7.35 -55.87 -46.12
N VAL A 1035 6.05 -55.67 -45.98
CA VAL A 1035 5.40 -55.56 -44.67
C VAL A 1035 4.33 -56.65 -44.55
N THR A 1036 4.24 -57.27 -43.38
CA THR A 1036 3.27 -58.35 -43.16
C THR A 1036 2.62 -58.18 -41.79
N PHE A 1037 1.35 -57.77 -41.80
CA PHE A 1037 0.52 -57.73 -40.60
C PHE A 1037 -0.21 -59.07 -40.44
N GLY A 1038 -0.21 -59.60 -39.23
CA GLY A 1038 -0.97 -60.81 -38.97
C GLY A 1038 -1.62 -60.86 -37.60
N GLU A 1039 -2.96 -60.97 -37.59
CA GLU A 1039 -3.80 -61.12 -36.39
C GLU A 1039 -3.59 -59.95 -35.42
N VAL A 1040 -3.38 -58.77 -35.98
CA VAL A 1040 -3.07 -57.60 -35.16
C VAL A 1040 -4.37 -57.04 -34.58
N VAL A 1041 -4.42 -56.93 -33.26
CA VAL A 1041 -5.55 -56.34 -32.54
C VAL A 1041 -5.02 -55.11 -31.81
N PHE A 1042 -5.86 -54.08 -31.71
CA PHE A 1042 -5.47 -52.87 -31.00
C PHE A 1042 -6.68 -52.28 -30.29
N ASN A 1043 -6.52 -51.97 -29.01
CA ASN A 1043 -7.48 -51.21 -28.23
C ASN A 1043 -6.82 -49.94 -27.74
N TYR A 1044 -7.57 -48.83 -27.75
CA TYR A 1044 -7.02 -47.56 -27.30
C TYR A 1044 -6.86 -47.59 -25.78
N PRO A 1045 -5.80 -46.96 -25.25
CA PRO A 1045 -5.62 -46.96 -23.79
C PRO A 1045 -6.63 -46.06 -23.07
N THR A 1046 -7.14 -45.02 -23.74
CA THR A 1046 -8.19 -44.20 -23.15
C THR A 1046 -9.56 -44.85 -23.23
N ARG A 1047 -9.76 -45.75 -24.19
CA ARG A 1047 -11.01 -46.51 -24.32
C ARG A 1047 -10.68 -48.00 -24.24
N PRO A 1048 -10.51 -48.54 -23.03
CA PRO A 1048 -10.15 -49.95 -22.90
C PRO A 1048 -11.30 -50.91 -23.13
N ASP A 1049 -12.54 -50.46 -22.98
CA ASP A 1049 -13.69 -51.35 -23.13
C ASP A 1049 -14.14 -51.46 -24.58
N ILE A 1050 -13.85 -50.46 -25.40
CA ILE A 1050 -14.31 -50.40 -26.79
C ILE A 1050 -13.18 -50.87 -27.69
N PRO A 1051 -13.32 -52.01 -28.38
CA PRO A 1051 -12.31 -52.39 -29.37
C PRO A 1051 -12.59 -51.83 -30.74
N VAL A 1052 -11.60 -51.15 -31.33
CA VAL A 1052 -11.71 -50.67 -32.69
C VAL A 1052 -11.13 -51.68 -33.69
N LEU A 1053 -10.31 -52.62 -33.23
CA LEU A 1053 -9.75 -53.66 -34.07
C LEU A 1053 -10.13 -55.04 -33.54
N GLN A 1054 -10.25 -55.99 -34.46
CA GLN A 1054 -10.60 -57.37 -34.15
C GLN A 1054 -9.72 -58.35 -34.94
N GLY A 1055 -8.43 -58.04 -35.02
CA GLY A 1055 -7.49 -58.97 -35.60
C GLY A 1055 -7.30 -58.90 -37.10
N LEU A 1056 -6.84 -57.75 -37.61
CA LEU A 1056 -6.67 -57.63 -39.05
C LEU A 1056 -5.36 -58.30 -39.48
N SER A 1057 -5.20 -58.43 -40.80
CA SER A 1057 -3.99 -58.97 -41.40
C SER A 1057 -3.82 -58.36 -42.78
N LEU A 1058 -2.57 -58.27 -43.23
CA LEU A 1058 -2.27 -57.60 -44.48
C LEU A 1058 -0.92 -58.07 -44.99
N GLU A 1059 -0.76 -58.07 -46.31
CA GLU A 1059 0.50 -58.45 -46.96
C GLU A 1059 0.82 -57.39 -47.99
N VAL A 1060 1.95 -56.70 -47.82
CA VAL A 1060 2.38 -55.64 -48.72
C VAL A 1060 3.76 -56.02 -49.25
N LYS A 1061 3.92 -55.93 -50.57
CA LYS A 1061 5.17 -56.15 -51.26
C LYS A 1061 5.68 -54.85 -51.86
N LYS A 1062 6.77 -54.97 -52.62
CA LYS A 1062 7.46 -53.80 -53.14
C LYS A 1062 6.66 -53.10 -54.23
N GLY A 1063 6.44 -51.80 -54.06
CA GLY A 1063 5.78 -50.98 -55.05
C GLY A 1063 4.30 -51.24 -55.17
N GLN A 1064 3.67 -51.73 -54.11
CA GLN A 1064 2.28 -52.17 -54.14
C GLN A 1064 1.40 -51.06 -53.61
N THR A 1065 0.74 -50.34 -54.54
CA THR A 1065 -0.17 -49.26 -54.20
C THR A 1065 -1.40 -49.87 -53.52
N LEU A 1066 -1.41 -49.80 -52.20
CA LEU A 1066 -2.40 -50.45 -51.36
C LEU A 1066 -3.39 -49.40 -50.87
N ALA A 1067 -4.60 -49.45 -51.41
CA ALA A 1067 -5.67 -48.55 -50.99
C ALA A 1067 -6.43 -49.17 -49.83
N LEU A 1068 -6.81 -48.33 -48.86
CA LEU A 1068 -7.58 -48.76 -47.70
C LEU A 1068 -8.87 -47.97 -47.66
N VAL A 1069 -9.98 -48.63 -47.96
CA VAL A 1069 -11.28 -47.96 -48.06
C VAL A 1069 -12.17 -48.49 -46.94
N GLY A 1070 -12.96 -47.59 -46.37
CA GLY A 1070 -13.90 -47.97 -45.33
C GLY A 1070 -14.71 -46.77 -44.87
N SER A 1071 -15.47 -46.99 -43.80
CA SER A 1071 -16.28 -45.92 -43.25
C SER A 1071 -15.41 -44.94 -42.46
N SER A 1072 -15.99 -43.78 -42.15
CA SER A 1072 -15.30 -42.78 -41.34
C SER A 1072 -15.24 -43.28 -39.90
N GLY A 1073 -14.07 -43.71 -39.47
CA GLY A 1073 -13.89 -44.22 -38.12
C GLY A 1073 -13.96 -45.74 -38.04
N CYS A 1074 -13.29 -46.42 -38.98
CA CYS A 1074 -13.22 -47.87 -38.98
C CYS A 1074 -11.78 -48.36 -38.87
N GLY A 1075 -10.87 -47.51 -38.38
CA GLY A 1075 -9.47 -47.87 -38.31
C GLY A 1075 -8.73 -47.57 -39.60
N LYS A 1076 -8.74 -46.30 -40.02
CA LYS A 1076 -8.05 -45.87 -41.23
C LYS A 1076 -6.65 -45.34 -40.93
N SER A 1077 -6.52 -44.42 -39.98
CA SER A 1077 -5.20 -43.96 -39.55
C SER A 1077 -4.61 -44.85 -38.47
N THR A 1078 -5.36 -45.86 -38.00
CA THR A 1078 -4.87 -46.77 -36.97
C THR A 1078 -3.73 -47.63 -37.51
N VAL A 1079 -3.80 -48.03 -38.78
CA VAL A 1079 -2.70 -48.81 -39.37
C VAL A 1079 -1.46 -47.94 -39.54
N VAL A 1080 -1.64 -46.63 -39.77
CA VAL A 1080 -0.53 -45.69 -39.80
C VAL A 1080 0.12 -45.59 -38.44
N GLN A 1081 -0.69 -45.47 -37.38
CA GLN A 1081 -0.15 -45.36 -36.04
C GLN A 1081 0.45 -46.68 -35.55
N LEU A 1082 -0.01 -47.81 -36.09
CA LEU A 1082 0.63 -49.08 -35.81
C LEU A 1082 1.97 -49.20 -36.53
N LEU A 1083 2.10 -48.57 -37.70
CA LEU A 1083 3.39 -48.61 -38.38
C LEU A 1083 4.40 -47.69 -37.72
N GLU A 1084 4.01 -46.46 -37.38
CA GLU A 1084 4.97 -45.41 -37.02
C GLU A 1084 5.41 -45.45 -35.57
N ARG A 1085 5.28 -46.59 -34.89
CA ARG A 1085 5.75 -46.83 -33.52
C ARG A 1085 5.12 -45.88 -32.50
N PHE A 1086 3.90 -45.42 -32.78
CA PHE A 1086 3.15 -44.68 -31.77
C PHE A 1086 2.60 -45.64 -30.73
N TYR A 1087 1.73 -46.55 -31.16
CA TYR A 1087 1.17 -47.58 -30.30
C TYR A 1087 1.79 -48.93 -30.64
N ASP A 1088 2.15 -49.67 -29.61
CA ASP A 1088 2.51 -51.06 -29.83
C ASP A 1088 1.34 -51.95 -29.45
N PRO A 1089 0.93 -52.86 -30.31
CA PRO A 1089 -0.30 -53.63 -30.04
C PRO A 1089 -0.09 -54.68 -28.96
N LEU A 1090 -1.20 -55.03 -28.31
CA LEU A 1090 -1.16 -56.05 -27.25
C LEU A 1090 -0.98 -57.43 -27.84
N ALA A 1091 -1.59 -57.70 -28.99
CA ALA A 1091 -1.47 -58.97 -29.68
C ALA A 1091 -1.25 -58.73 -31.17
N GLY A 1092 -0.78 -59.76 -31.84
CA GLY A 1092 -0.51 -59.70 -33.27
C GLY A 1092 0.97 -59.86 -33.57
N LYS A 1093 1.27 -59.92 -34.87
CA LYS A 1093 2.65 -60.04 -35.32
C LYS A 1093 2.85 -59.23 -36.59
N VAL A 1094 3.87 -58.39 -36.58
CA VAL A 1094 4.19 -57.53 -37.71
C VAL A 1094 5.62 -57.83 -38.13
N LEU A 1095 5.80 -58.24 -39.38
CA LEU A 1095 7.11 -58.56 -39.94
C LEU A 1095 7.46 -57.53 -41.00
N LEU A 1096 8.53 -56.78 -40.76
CA LEU A 1096 9.03 -55.83 -41.75
C LEU A 1096 10.24 -56.50 -42.40
N ASP A 1097 10.01 -57.12 -43.57
CA ASP A 1097 11.01 -57.88 -44.32
C ASP A 1097 11.61 -59.02 -43.49
N GLY A 1098 10.76 -59.73 -42.75
CA GLY A 1098 11.25 -60.76 -41.87
C GLY A 1098 11.98 -60.25 -40.66
N LYS A 1099 11.84 -58.97 -40.36
CA LYS A 1099 12.43 -58.36 -39.16
C LYS A 1099 11.29 -57.72 -38.37
N GLU A 1100 11.14 -58.16 -37.13
CA GLU A 1100 10.07 -57.64 -36.28
C GLU A 1100 10.44 -56.25 -35.82
N ILE A 1101 9.44 -55.35 -35.80
CA ILE A 1101 9.70 -53.95 -35.46
C ILE A 1101 10.01 -53.77 -33.98
N LYS A 1102 9.64 -54.74 -33.14
CA LYS A 1102 9.83 -54.59 -31.70
C LYS A 1102 11.28 -54.83 -31.29
N ARG A 1103 12.07 -55.46 -32.14
CA ARG A 1103 13.47 -55.71 -31.84
C ARG A 1103 14.42 -54.74 -32.55
N LEU A 1104 13.94 -53.94 -33.50
CA LEU A 1104 14.80 -53.06 -34.26
C LEU A 1104 15.18 -51.81 -33.47
N ASN A 1105 15.92 -50.93 -34.15
CA ASN A 1105 16.15 -49.58 -33.65
C ASN A 1105 14.89 -48.74 -33.85
N VAL A 1106 14.57 -47.94 -32.84
CA VAL A 1106 13.32 -47.19 -32.86
C VAL A 1106 13.41 -45.99 -33.80
N GLN A 1107 14.54 -45.28 -33.78
CA GLN A 1107 14.67 -44.09 -34.61
C GLN A 1107 14.91 -44.42 -36.08
N TRP A 1108 15.34 -45.64 -36.38
CA TRP A 1108 15.67 -45.98 -37.77
C TRP A 1108 14.42 -46.12 -38.61
N LEU A 1109 13.37 -46.73 -38.05
CA LEU A 1109 12.09 -46.81 -38.74
C LEU A 1109 11.47 -45.43 -38.89
N ARG A 1110 11.66 -44.56 -37.89
CA ARG A 1110 11.12 -43.21 -37.98
C ARG A 1110 11.95 -42.34 -38.90
N ALA A 1111 13.18 -42.75 -39.21
CA ALA A 1111 14.00 -42.04 -40.18
C ALA A 1111 13.70 -42.47 -41.61
N HIS A 1112 13.42 -43.76 -41.83
CA HIS A 1112 13.34 -44.26 -43.21
C HIS A 1112 12.05 -43.84 -43.91
N LEU A 1113 10.92 -43.88 -43.22
CA LEU A 1113 9.65 -43.56 -43.85
C LEU A 1113 9.31 -42.09 -43.68
N GLY A 1114 8.23 -41.67 -44.35
CA GLY A 1114 7.77 -40.29 -44.27
C GLY A 1114 6.37 -40.11 -44.81
N ILE A 1115 5.48 -39.49 -44.02
CA ILE A 1115 4.05 -39.44 -44.34
C ILE A 1115 3.56 -38.00 -44.48
N VAL A 1116 2.29 -37.85 -44.85
CA VAL A 1116 1.58 -36.58 -44.82
C VAL A 1116 0.45 -36.71 -43.80
N SER A 1117 0.29 -35.68 -42.97
CA SER A 1117 -0.67 -35.73 -41.87
C SER A 1117 -2.11 -35.64 -42.38
N GLN A 1118 -3.05 -35.94 -41.48
CA GLN A 1118 -4.46 -35.80 -41.82
C GLN A 1118 -4.88 -34.34 -41.91
N GLU A 1119 -4.21 -33.47 -41.17
CA GLU A 1119 -4.40 -32.03 -41.29
C GLU A 1119 -3.02 -31.39 -41.35
N PRO A 1120 -2.74 -30.52 -42.31
CA PRO A 1120 -1.39 -29.94 -42.44
C PRO A 1120 -1.12 -28.93 -41.33
N ILE A 1121 -0.01 -29.14 -40.61
CA ILE A 1121 0.44 -28.24 -39.57
C ILE A 1121 1.88 -27.82 -39.88
N LEU A 1122 2.12 -26.51 -39.86
CA LEU A 1122 3.45 -25.95 -40.02
C LEU A 1122 3.85 -25.20 -38.76
N PHE A 1123 5.09 -24.74 -38.73
CA PHE A 1123 5.62 -24.07 -37.55
C PHE A 1123 5.78 -22.58 -37.80
N ASP A 1124 6.05 -21.86 -36.70
CA ASP A 1124 6.08 -20.39 -36.70
C ASP A 1124 7.38 -19.86 -37.31
N CYS A 1125 7.54 -20.08 -38.60
CA CYS A 1125 8.66 -19.51 -39.35
C CYS A 1125 8.22 -19.39 -40.81
N SER A 1126 9.20 -19.30 -41.70
CA SER A 1126 8.92 -19.15 -43.12
C SER A 1126 8.65 -20.51 -43.76
N ILE A 1127 8.42 -20.48 -45.07
CA ILE A 1127 8.10 -21.71 -45.78
C ILE A 1127 9.36 -22.52 -46.05
N ALA A 1128 10.51 -21.85 -46.14
CA ALA A 1128 11.77 -22.56 -46.30
C ALA A 1128 12.07 -23.41 -45.07
N GLU A 1129 11.76 -22.91 -43.87
CA GLU A 1129 11.84 -23.73 -42.67
C GLU A 1129 10.62 -24.63 -42.49
N ASN A 1130 9.55 -24.41 -43.25
CA ASN A 1130 8.47 -25.39 -43.25
C ASN A 1130 8.89 -26.66 -43.98
N ILE A 1131 9.40 -26.51 -45.19
CA ILE A 1131 9.87 -27.68 -45.93
C ILE A 1131 11.19 -28.20 -45.35
N ALA A 1132 11.99 -27.32 -44.74
CA ALA A 1132 13.29 -27.71 -44.23
C ALA A 1132 13.19 -28.61 -43.00
N TYR A 1133 12.03 -28.61 -42.32
CA TYR A 1133 11.83 -29.47 -41.17
C TYR A 1133 11.74 -30.94 -41.56
N GLY A 1134 11.48 -31.24 -42.84
CA GLY A 1134 11.27 -32.62 -43.26
C GLY A 1134 12.51 -33.49 -43.09
N ASP A 1135 13.69 -32.93 -43.34
CA ASP A 1135 14.95 -33.62 -43.15
C ASP A 1135 15.69 -32.98 -41.98
N ASN A 1136 16.08 -33.79 -41.02
CA ASN A 1136 16.83 -33.34 -39.85
C ASN A 1136 18.11 -34.13 -39.72
N SER A 1137 19.01 -33.63 -38.87
CA SER A 1137 20.35 -34.16 -38.66
C SER A 1137 21.13 -34.24 -39.97
N ARG A 1138 20.91 -33.24 -40.83
CA ARG A 1138 21.43 -33.28 -42.18
C ARG A 1138 21.48 -31.87 -42.75
N VAL A 1139 22.52 -31.59 -43.53
CA VAL A 1139 22.67 -30.29 -44.17
C VAL A 1139 21.66 -30.17 -45.32
N VAL A 1140 20.69 -29.29 -45.15
CA VAL A 1140 19.56 -29.20 -46.08
C VAL A 1140 19.95 -28.30 -47.25
N SER A 1141 19.98 -28.86 -48.45
CA SER A 1141 20.36 -28.12 -49.64
C SER A 1141 19.15 -27.40 -50.24
N GLN A 1142 19.37 -26.15 -50.68
CA GLN A 1142 18.29 -25.35 -51.26
C GLN A 1142 17.91 -25.81 -52.66
N GLU A 1143 18.80 -26.51 -53.35
CA GLU A 1143 18.43 -27.08 -54.64
C GLU A 1143 17.37 -28.16 -54.47
N GLU A 1144 17.45 -28.93 -53.37
CA GLU A 1144 16.39 -29.89 -53.06
C GLU A 1144 15.11 -29.18 -52.66
N ILE A 1145 15.23 -27.99 -52.05
CA ILE A 1145 14.07 -27.19 -51.68
C ILE A 1145 13.31 -26.72 -52.94
N VAL A 1146 14.04 -26.14 -53.89
CA VAL A 1146 13.35 -25.64 -55.09
C VAL A 1146 12.92 -26.81 -55.98
N ARG A 1147 13.63 -27.93 -55.94
CA ARG A 1147 13.21 -29.10 -56.71
C ARG A 1147 11.94 -29.71 -56.14
N ALA A 1148 11.82 -29.77 -54.81
CA ALA A 1148 10.59 -30.28 -54.20
C ALA A 1148 9.43 -29.31 -54.38
N ALA A 1149 9.70 -28.01 -54.39
CA ALA A 1149 8.64 -27.04 -54.64
C ALA A 1149 8.15 -27.09 -56.08
N LYS A 1150 9.06 -27.40 -57.02
CA LYS A 1150 8.63 -27.59 -58.41
C LYS A 1150 7.88 -28.91 -58.57
N GLU A 1151 8.29 -29.95 -57.84
CA GLU A 1151 7.64 -31.26 -57.97
C GLU A 1151 6.27 -31.29 -57.32
N ALA A 1152 6.07 -30.51 -56.26
CA ALA A 1152 4.76 -30.45 -55.63
C ALA A 1152 3.86 -29.38 -56.24
N ASN A 1153 4.37 -28.66 -57.24
CA ASN A 1153 3.69 -27.52 -57.90
C ASN A 1153 3.29 -26.47 -56.86
N ILE A 1154 4.16 -26.24 -55.89
CA ILE A 1154 4.02 -25.12 -54.98
C ILE A 1154 5.09 -24.07 -55.25
N HIS A 1155 5.93 -24.31 -56.26
CA HIS A 1155 6.99 -23.37 -56.64
C HIS A 1155 6.41 -22.05 -57.12
N ALA A 1156 5.25 -22.09 -57.79
CA ALA A 1156 4.62 -20.88 -58.29
C ALA A 1156 4.13 -19.97 -57.17
N PHE A 1157 3.42 -20.56 -56.20
CA PHE A 1157 2.90 -19.77 -55.08
C PHE A 1157 3.99 -19.29 -54.14
N ILE A 1158 5.16 -19.94 -54.13
CA ILE A 1158 6.27 -19.42 -53.34
C ILE A 1158 6.98 -18.30 -54.09
N GLU A 1159 7.27 -18.50 -55.38
CA GLU A 1159 7.98 -17.49 -56.16
C GLU A 1159 7.13 -16.25 -56.43
N SER A 1160 5.81 -16.36 -56.28
CA SER A 1160 4.96 -15.18 -56.39
C SER A 1160 5.03 -14.30 -55.15
N LEU A 1161 5.24 -14.88 -53.97
CA LEU A 1161 5.13 -14.14 -52.73
C LEU A 1161 6.36 -13.24 -52.51
N PRO A 1162 6.16 -12.05 -51.95
CA PRO A 1162 7.31 -11.21 -51.59
C PRO A 1162 8.01 -11.76 -50.37
N ASN A 1163 9.34 -11.59 -50.35
CA ASN A 1163 10.26 -12.29 -49.45
C ASN A 1163 10.01 -13.80 -49.51
N LYS A 1164 10.26 -14.32 -50.72
CA LYS A 1164 9.63 -15.55 -51.21
C LYS A 1164 9.94 -16.77 -50.34
N TYR A 1165 11.20 -16.91 -49.94
CA TYR A 1165 11.58 -17.99 -49.05
C TYR A 1165 11.84 -17.50 -47.63
N SER A 1166 11.46 -16.27 -47.32
CA SER A 1166 11.53 -15.74 -45.96
C SER A 1166 10.18 -15.22 -45.47
N THR A 1167 9.09 -15.53 -46.18
CA THR A 1167 7.77 -15.02 -45.83
C THR A 1167 7.25 -15.69 -44.56
N LYS A 1168 7.07 -14.88 -43.51
CA LYS A 1168 6.71 -15.40 -42.20
C LYS A 1168 5.28 -15.92 -42.20
N VAL A 1169 5.15 -17.22 -41.92
CA VAL A 1169 3.84 -17.86 -41.80
C VAL A 1169 3.47 -17.90 -40.32
N GLY A 1170 2.19 -17.61 -40.02
CA GLY A 1170 1.70 -17.65 -38.66
C GLY A 1170 1.47 -19.05 -38.14
N ASP A 1171 0.54 -19.17 -37.20
CA ASP A 1171 0.27 -20.46 -36.57
C ASP A 1171 -0.59 -21.34 -37.48
N LYS A 1172 -0.13 -22.58 -37.69
CA LYS A 1172 -0.84 -23.64 -38.42
C LYS A 1172 -1.13 -23.27 -39.88
N GLY A 1173 -0.39 -22.32 -40.44
CA GLY A 1173 -0.67 -21.85 -41.79
C GLY A 1173 -1.98 -21.09 -41.92
N THR A 1174 -2.31 -20.26 -40.95
CA THR A 1174 -3.60 -19.55 -40.96
C THR A 1174 -3.62 -18.39 -41.94
N GLN A 1175 -2.47 -17.96 -42.47
CA GLN A 1175 -2.43 -16.86 -43.42
C GLN A 1175 -2.78 -17.32 -44.83
N LEU A 1176 -2.21 -18.45 -45.26
CA LEU A 1176 -2.41 -18.98 -46.60
C LEU A 1176 -3.49 -20.06 -46.60
N SER A 1177 -3.87 -20.49 -47.82
CA SER A 1177 -5.06 -21.30 -48.01
C SER A 1177 -4.78 -22.77 -47.73
N GLY A 1178 -5.85 -23.57 -47.74
CA GLY A 1178 -5.74 -24.97 -47.32
C GLY A 1178 -5.10 -25.86 -48.38
N GLY A 1179 -5.41 -25.62 -49.65
CA GLY A 1179 -4.78 -26.39 -50.71
C GLY A 1179 -3.30 -26.09 -50.82
N GLN A 1180 -2.90 -24.85 -50.56
CA GLN A 1180 -1.50 -24.48 -50.63
C GLN A 1180 -0.70 -25.09 -49.47
N LYS A 1181 -1.27 -25.10 -48.25
CA LYS A 1181 -0.55 -25.77 -47.16
C LYS A 1181 -0.59 -27.27 -47.32
N GLN A 1182 -1.61 -27.81 -47.99
CA GLN A 1182 -1.62 -29.24 -48.28
C GLN A 1182 -0.51 -29.59 -49.28
N ARG A 1183 -0.32 -28.72 -50.28
CA ARG A 1183 0.78 -28.91 -51.22
C ARG A 1183 2.13 -28.73 -50.56
N ILE A 1184 2.25 -27.82 -49.58
CA ILE A 1184 3.52 -27.68 -48.90
C ILE A 1184 3.75 -28.84 -47.93
N ALA A 1185 2.66 -29.49 -47.48
CA ALA A 1185 2.84 -30.73 -46.72
C ALA A 1185 3.32 -31.86 -47.63
N ILE A 1186 2.83 -31.88 -48.88
CA ILE A 1186 3.36 -32.80 -49.88
C ILE A 1186 4.83 -32.55 -50.13
N ALA A 1187 5.22 -31.27 -50.26
CA ALA A 1187 6.62 -30.91 -50.46
C ALA A 1187 7.47 -31.22 -49.24
N ARG A 1188 6.90 -31.10 -48.03
CA ARG A 1188 7.65 -31.39 -46.81
C ARG A 1188 7.86 -32.88 -46.63
N ALA A 1189 6.88 -33.69 -47.00
CA ALA A 1189 7.09 -35.14 -46.98
C ALA A 1189 8.00 -35.58 -48.13
N LEU A 1190 8.04 -34.79 -49.21
CA LEU A 1190 8.75 -35.18 -50.42
C LEU A 1190 10.27 -35.08 -50.26
N VAL A 1191 10.76 -34.24 -49.36
CA VAL A 1191 12.21 -34.13 -49.15
C VAL A 1191 12.76 -35.32 -48.38
N ARG A 1192 11.89 -36.11 -47.75
CA ARG A 1192 12.34 -37.26 -46.98
C ARG A 1192 12.87 -38.37 -47.88
N GLN A 1193 12.34 -38.48 -49.11
CA GLN A 1193 12.54 -39.56 -50.07
C GLN A 1193 12.35 -40.91 -49.40
N PRO A 1194 11.15 -41.25 -48.93
CA PRO A 1194 11.00 -42.41 -48.06
C PRO A 1194 10.90 -43.72 -48.85
N HIS A 1195 11.48 -44.78 -48.27
CA HIS A 1195 11.33 -46.09 -48.87
C HIS A 1195 9.95 -46.67 -48.61
N ILE A 1196 9.26 -46.18 -47.58
CA ILE A 1196 7.87 -46.50 -47.31
C ILE A 1196 7.09 -45.20 -47.22
N LEU A 1197 6.07 -45.05 -48.05
CA LEU A 1197 5.32 -43.81 -48.16
C LEU A 1197 3.86 -44.07 -47.84
N LEU A 1198 3.28 -43.25 -46.97
CA LEU A 1198 1.88 -43.32 -46.62
C LEU A 1198 1.21 -41.99 -46.91
N LEU A 1199 0.00 -42.04 -47.45
CA LEU A 1199 -0.83 -40.86 -47.65
C LEU A 1199 -2.13 -41.07 -46.90
N ASP A 1200 -2.54 -40.09 -46.10
CA ASP A 1200 -3.80 -40.13 -45.37
C ASP A 1200 -4.60 -38.89 -45.78
N GLU A 1201 -5.59 -39.10 -46.65
CA GLU A 1201 -6.46 -38.06 -47.21
C GLU A 1201 -5.64 -36.99 -47.94
N ALA A 1202 -5.06 -37.41 -49.07
CA ALA A 1202 -4.16 -36.58 -49.87
C ALA A 1202 -4.88 -35.48 -50.64
N THR A 1203 -6.19 -35.56 -50.79
CA THR A 1203 -6.97 -34.58 -51.55
C THR A 1203 -8.24 -34.23 -50.77
N SER A 1204 -8.07 -33.78 -49.53
CA SER A 1204 -9.22 -33.37 -48.74
C SER A 1204 -9.74 -32.01 -49.17
N ALA A 1205 -8.85 -31.05 -49.37
CA ALA A 1205 -9.21 -29.71 -49.84
C ALA A 1205 -8.20 -29.33 -50.92
N LEU A 1206 -8.49 -29.69 -52.16
CA LEU A 1206 -7.55 -29.48 -53.25
C LEU A 1206 -8.32 -29.48 -54.56
N ASP A 1207 -7.80 -28.73 -55.53
CA ASP A 1207 -8.48 -28.57 -56.82
C ASP A 1207 -8.23 -29.79 -57.71
N THR A 1208 -9.06 -29.90 -58.76
CA THR A 1208 -9.01 -31.07 -59.63
C THR A 1208 -7.81 -31.03 -60.59
N GLU A 1209 -7.33 -29.85 -60.95
CA GLU A 1209 -6.11 -29.77 -61.74
C GLU A 1209 -4.88 -29.93 -60.86
N SER A 1210 -5.02 -29.63 -59.57
CA SER A 1210 -3.90 -29.79 -58.65
C SER A 1210 -3.73 -31.23 -58.19
N GLU A 1211 -4.79 -32.03 -58.23
CA GLU A 1211 -4.67 -33.44 -57.83
C GLU A 1211 -3.82 -34.21 -58.83
N LYS A 1212 -3.93 -33.89 -60.12
CA LYS A 1212 -3.10 -34.56 -61.13
C LYS A 1212 -1.63 -34.17 -61.00
N VAL A 1213 -1.35 -32.89 -60.71
CA VAL A 1213 0.04 -32.47 -60.59
C VAL A 1213 0.65 -32.91 -59.26
N VAL A 1214 -0.18 -33.18 -58.24
CA VAL A 1214 0.32 -33.87 -57.07
C VAL A 1214 0.62 -35.32 -57.40
N GLN A 1215 -0.29 -35.98 -58.14
CA GLN A 1215 -0.16 -37.42 -58.36
C GLN A 1215 0.88 -37.79 -59.43
N GLU A 1216 1.32 -36.86 -60.27
CA GLU A 1216 2.32 -37.22 -61.27
C GLU A 1216 3.69 -37.45 -60.63
N ALA A 1217 4.04 -36.64 -59.63
CA ALA A 1217 5.26 -36.88 -58.87
C ALA A 1217 5.17 -38.17 -58.08
N LEU A 1218 3.96 -38.48 -57.59
CA LEU A 1218 3.74 -39.74 -56.87
C LEU A 1218 3.90 -40.94 -57.81
N ASP A 1219 3.32 -40.86 -59.01
CA ASP A 1219 3.35 -41.99 -59.93
C ASP A 1219 4.74 -42.19 -60.53
N LYS A 1220 5.49 -41.10 -60.76
CA LYS A 1220 6.87 -41.30 -61.18
C LYS A 1220 7.75 -41.76 -60.03
N ALA A 1221 7.34 -41.50 -58.79
CA ALA A 1221 8.13 -41.88 -57.64
C ALA A 1221 7.52 -43.04 -56.85
N ARG A 1222 6.44 -43.64 -57.32
CA ARG A 1222 5.90 -44.83 -56.66
C ARG A 1222 6.76 -46.06 -56.92
N GLU A 1223 7.57 -46.05 -57.97
CA GLU A 1223 8.51 -47.13 -58.21
C GLU A 1223 9.66 -47.07 -57.21
N GLY A 1224 10.09 -48.23 -56.75
CA GLY A 1224 11.16 -48.29 -55.77
C GLY A 1224 10.64 -48.34 -54.34
N ARG A 1225 9.61 -47.55 -54.04
CA ARG A 1225 9.11 -47.46 -52.68
C ARG A 1225 7.72 -48.07 -52.57
N THR A 1226 7.47 -48.67 -51.42
CA THR A 1226 6.14 -49.13 -51.04
C THR A 1226 5.26 -47.91 -50.81
N CYS A 1227 4.08 -47.89 -51.44
CA CYS A 1227 3.18 -46.75 -51.36
C CYS A 1227 1.81 -47.21 -50.88
N ILE A 1228 1.27 -46.53 -49.87
CA ILE A 1228 -0.02 -46.88 -49.27
C ILE A 1228 -0.84 -45.59 -49.16
N VAL A 1229 -1.88 -45.46 -49.97
CA VAL A 1229 -2.73 -44.27 -49.99
C VAL A 1229 -4.10 -44.61 -49.42
N ILE A 1230 -4.58 -43.76 -48.53
CA ILE A 1230 -5.92 -43.85 -47.95
C ILE A 1230 -6.65 -42.55 -48.27
N ALA A 1231 -7.76 -42.65 -49.00
CA ALA A 1231 -8.52 -41.47 -49.38
C ALA A 1231 -9.97 -41.86 -49.63
N HIS A 1232 -10.83 -40.84 -49.65
CA HIS A 1232 -12.24 -41.03 -49.98
C HIS A 1232 -12.54 -40.81 -51.45
N ARG A 1233 -11.71 -40.04 -52.16
CA ARG A 1233 -11.87 -39.86 -53.59
C ARG A 1233 -11.38 -41.11 -54.32
N LEU A 1234 -12.18 -41.58 -55.27
CA LEU A 1234 -11.91 -42.84 -55.94
C LEU A 1234 -10.87 -42.74 -57.05
N SER A 1235 -10.38 -41.53 -57.36
CA SER A 1235 -9.49 -41.33 -58.48
C SER A 1235 -8.12 -41.97 -58.25
N THR A 1236 -7.62 -41.93 -57.02
CA THR A 1236 -6.40 -42.64 -56.67
C THR A 1236 -6.65 -44.09 -56.30
N ILE A 1237 -7.92 -44.49 -56.15
CA ILE A 1237 -8.26 -45.86 -55.81
C ILE A 1237 -8.42 -46.73 -57.05
N GLN A 1238 -8.82 -46.13 -58.19
CA GLN A 1238 -8.96 -46.90 -59.42
C GLN A 1238 -7.62 -47.39 -59.94
N ASN A 1239 -6.58 -46.57 -59.85
CA ASN A 1239 -5.26 -46.95 -60.35
C ASN A 1239 -4.40 -47.66 -59.31
N ALA A 1240 -4.96 -48.02 -58.17
CA ALA A 1240 -4.17 -48.65 -57.11
C ALA A 1240 -3.87 -50.10 -57.46
N ASP A 1241 -2.86 -50.65 -56.78
CA ASP A 1241 -2.47 -52.03 -57.03
C ASP A 1241 -3.42 -53.00 -56.35
N LEU A 1242 -3.49 -52.96 -55.02
CA LEU A 1242 -4.43 -53.82 -54.31
C LEU A 1242 -5.24 -52.97 -53.34
N ILE A 1243 -6.50 -53.35 -53.15
CA ILE A 1243 -7.49 -52.56 -52.43
C ILE A 1243 -8.05 -53.40 -51.30
N VAL A 1244 -8.09 -52.82 -50.10
CA VAL A 1244 -8.56 -53.49 -48.89
C VAL A 1244 -9.71 -52.69 -48.31
N VAL A 1245 -10.85 -53.35 -48.13
CA VAL A 1245 -12.02 -52.70 -47.55
C VAL A 1245 -12.15 -53.16 -46.10
N PHE A 1246 -12.44 -52.21 -45.22
CA PHE A 1246 -12.59 -52.47 -43.80
C PHE A 1246 -14.06 -52.39 -43.39
N GLN A 1247 -14.39 -53.16 -42.36
CA GLN A 1247 -15.73 -53.13 -41.76
C GLN A 1247 -15.54 -53.43 -40.27
N ASN A 1248 -15.69 -52.39 -39.44
CA ASN A 1248 -15.53 -52.46 -37.98
C ASN A 1248 -14.15 -53.00 -37.58
N GLY A 1249 -13.13 -52.68 -38.36
CA GLY A 1249 -11.79 -53.17 -38.13
C GLY A 1249 -11.44 -54.45 -38.85
N ARG A 1250 -12.44 -55.15 -39.40
CA ARG A 1250 -12.20 -56.43 -40.05
C ARG A 1250 -11.98 -56.25 -41.55
N VAL A 1251 -10.97 -56.93 -42.08
CA VAL A 1251 -10.69 -56.96 -43.50
C VAL A 1251 -11.77 -57.80 -44.19
N LYS A 1252 -12.59 -57.18 -45.04
CA LYS A 1252 -13.61 -57.97 -45.71
C LYS A 1252 -13.14 -58.48 -47.08
N GLU A 1253 -12.67 -57.60 -47.96
CA GLU A 1253 -12.26 -57.98 -49.30
C GLU A 1253 -10.84 -57.49 -49.57
N HIS A 1254 -10.08 -58.29 -50.31
CA HIS A 1254 -8.71 -57.94 -50.66
C HIS A 1254 -8.37 -58.57 -52.00
N GLY A 1255 -7.42 -57.96 -52.70
CA GLY A 1255 -6.98 -58.44 -53.99
C GLY A 1255 -6.89 -57.33 -55.03
N THR A 1256 -6.97 -57.70 -56.31
CA THR A 1256 -6.90 -56.73 -57.38
C THR A 1256 -8.26 -56.04 -57.56
N HIS A 1257 -8.23 -54.90 -58.25
CA HIS A 1257 -9.45 -54.09 -58.41
C HIS A 1257 -10.47 -54.76 -59.31
N GLN A 1258 -10.01 -55.48 -60.34
CA GLN A 1258 -10.92 -56.19 -61.22
C GLN A 1258 -11.61 -57.35 -60.53
N GLN A 1259 -10.94 -57.97 -59.56
CA GLN A 1259 -11.56 -59.08 -58.82
C GLN A 1259 -12.67 -58.56 -57.91
N LEU A 1260 -12.47 -57.40 -57.28
CA LEU A 1260 -13.53 -56.80 -56.48
C LEU A 1260 -14.63 -56.21 -57.34
N LEU A 1261 -14.33 -55.81 -58.57
CA LEU A 1261 -15.38 -55.36 -59.47
C LEU A 1261 -16.14 -56.52 -60.10
N ALA A 1262 -15.56 -57.73 -60.11
CA ALA A 1262 -16.27 -58.90 -60.60
C ALA A 1262 -17.29 -59.38 -59.57
N GLN A 1263 -16.82 -59.76 -58.38
CA GLN A 1263 -17.71 -60.19 -57.31
C GLN A 1263 -18.30 -58.96 -56.65
N LYS A 1264 -19.59 -58.74 -56.88
CA LYS A 1264 -20.28 -57.54 -56.40
C LYS A 1264 -20.56 -57.65 -54.92
N GLY A 1265 -19.78 -56.92 -54.11
CA GLY A 1265 -20.01 -56.89 -52.69
C GLY A 1265 -20.25 -55.49 -52.14
N ILE A 1266 -19.63 -55.18 -51.00
CA ILE A 1266 -19.79 -53.85 -50.42
C ILE A 1266 -18.90 -52.84 -51.16
N TYR A 1267 -17.79 -53.31 -51.72
CA TYR A 1267 -16.92 -52.41 -52.49
C TYR A 1267 -17.59 -51.96 -53.79
N PHE A 1268 -18.48 -52.78 -54.36
CA PHE A 1268 -19.27 -52.33 -55.50
C PHE A 1268 -20.22 -51.20 -55.11
N SER A 1269 -20.78 -51.27 -53.90
CA SER A 1269 -21.62 -50.18 -53.41
C SER A 1269 -20.79 -48.95 -53.07
N MET A 1270 -19.52 -49.13 -52.71
CA MET A 1270 -18.63 -47.99 -52.53
C MET A 1270 -18.28 -47.35 -53.86
N VAL A 1271 -18.12 -48.17 -54.91
CA VAL A 1271 -17.88 -47.66 -56.25
C VAL A 1271 -19.11 -47.00 -56.85
N SER A 1272 -20.30 -47.35 -56.37
CA SER A 1272 -21.57 -46.91 -56.92
C SER A 1272 -21.99 -45.51 -56.46
N VAL A 1273 -21.06 -44.66 -56.02
CA VAL A 1273 -21.43 -43.42 -55.33
C VAL A 1273 -21.95 -42.35 -56.30
N GLN A 1274 -21.10 -41.88 -57.23
CA GLN A 1274 -21.47 -40.75 -58.08
C GLN A 1274 -21.04 -40.91 -59.53
N ALA A 1275 -20.50 -42.06 -59.93
CA ALA A 1275 -19.97 -42.22 -61.27
C ALA A 1275 -21.09 -42.40 -62.28
N GLY A 1276 -20.71 -42.46 -63.56
CA GLY A 1276 -21.67 -42.63 -64.64
C GLY A 1276 -21.96 -41.36 -65.39
N GLN B 1 24.50 24.73 50.05
CA GLN B 1 24.75 26.16 49.98
C GLN B 1 26.23 26.45 49.78
N VAL B 2 26.57 27.09 48.68
CA VAL B 2 27.83 27.78 48.59
C VAL B 2 27.50 29.26 48.68
N VAL B 3 28.50 30.06 49.02
CA VAL B 3 28.31 31.50 49.17
C VAL B 3 29.30 32.24 48.28
N MET B 4 28.78 32.88 47.23
CA MET B 4 29.64 33.75 46.44
C MET B 4 29.98 34.99 47.23
N THR B 5 31.18 35.50 47.06
CA THR B 5 31.67 36.62 47.83
C THR B 5 32.28 37.61 46.85
N GLN B 6 31.46 38.50 46.32
CA GLN B 6 31.92 39.44 45.31
C GLN B 6 32.76 40.51 45.98
N SER B 7 34.02 40.60 45.59
CA SER B 7 35.05 41.18 46.47
C SER B 7 35.05 42.70 46.57
N PRO B 8 34.86 43.50 45.52
CA PRO B 8 34.57 44.90 45.79
C PRO B 8 33.07 45.18 45.80
N LEU B 9 32.64 46.02 46.74
CA LEU B 9 31.26 46.47 46.73
C LEU B 9 31.11 47.85 46.12
N SER B 10 32.21 48.50 45.78
CA SER B 10 32.21 49.63 44.88
C SER B 10 33.51 49.57 44.09
N LEU B 11 33.52 50.24 42.94
CA LEU B 11 34.62 50.09 41.99
C LEU B 11 34.75 51.36 41.19
N PRO B 12 35.52 52.32 41.67
CA PRO B 12 35.54 53.64 41.03
C PRO B 12 36.28 53.67 39.71
N VAL B 13 35.62 53.18 38.68
CA VAL B 13 36.20 53.21 37.33
C VAL B 13 36.14 54.63 36.81
N SER B 14 37.06 54.98 35.91
CA SER B 14 36.94 56.20 35.14
C SER B 14 36.05 55.92 33.94
N LEU B 15 36.03 56.83 32.98
CA LEU B 15 35.21 56.69 31.79
C LEU B 15 36.15 56.49 30.61
N GLY B 16 36.25 55.25 30.13
CA GLY B 16 37.13 54.95 29.01
C GLY B 16 38.38 54.19 29.37
N ASP B 17 38.29 53.23 30.28
CA ASP B 17 39.40 52.33 30.57
C ASP B 17 38.84 50.99 31.00
N GLN B 18 39.70 50.18 31.61
CA GLN B 18 39.38 48.82 31.99
C GLN B 18 38.90 48.76 33.44
N ALA B 19 38.05 47.77 33.72
CA ALA B 19 37.59 47.52 35.08
C ALA B 19 37.43 46.02 35.28
N SER B 20 37.62 45.57 36.51
CA SER B 20 37.59 44.14 36.80
C SER B 20 36.78 43.90 38.06
N ILE B 21 35.82 42.98 37.97
CA ILE B 21 35.03 42.55 39.12
C ILE B 21 35.33 41.08 39.34
N SER B 22 35.41 40.64 40.59
CA SER B 22 35.92 39.32 40.91
C SER B 22 34.98 38.56 41.81
N CYS B 23 34.33 37.54 41.26
CA CYS B 23 33.51 36.61 42.03
C CYS B 23 34.40 35.53 42.60
N ARG B 24 34.02 35.01 43.75
CA ARG B 24 34.87 34.06 44.47
C ARG B 24 33.99 33.14 45.27
N SER B 25 34.03 31.85 44.94
CA SER B 25 33.10 30.90 45.53
C SER B 25 33.55 30.46 46.92
N SER B 26 32.80 29.52 47.48
CA SER B 26 33.14 28.87 48.74
C SER B 26 33.29 27.37 48.56
N GLN B 27 33.28 26.89 47.33
CA GLN B 27 33.43 25.49 46.99
C GLN B 27 33.82 25.44 45.53
N SER B 28 34.41 24.33 45.12
CA SER B 28 34.92 24.23 43.75
C SER B 28 33.77 24.09 42.78
N LEU B 29 33.52 25.14 41.98
CA LEU B 29 32.40 25.14 41.05
C LEU B 29 32.72 24.43 39.75
N LEU B 30 33.30 23.24 39.85
CA LEU B 30 33.57 22.39 38.70
C LEU B 30 32.62 21.21 38.79
N HIS B 31 31.85 20.98 37.74
CA HIS B 31 30.85 19.94 37.82
C HIS B 31 31.52 18.60 37.53
N SER B 32 30.75 17.51 37.55
CA SER B 32 31.28 16.21 37.14
C SER B 32 31.61 16.17 35.66
N ASN B 33 31.10 17.10 34.86
CA ASN B 33 31.53 17.30 33.49
C ASN B 33 32.87 18.04 33.50
N GLY B 34 33.26 18.57 32.35
CA GLY B 34 34.38 19.48 32.29
C GLY B 34 34.00 20.93 32.41
N ASN B 35 32.76 21.23 32.79
CA ASN B 35 32.23 22.58 32.72
C ASN B 35 32.14 23.23 34.09
N THR B 36 32.31 24.55 34.09
CA THR B 36 32.16 25.36 35.29
C THR B 36 31.12 26.44 35.02
N TYR B 37 30.07 26.47 35.84
CA TYR B 37 28.94 27.35 35.63
C TYR B 37 29.01 28.49 36.63
N LEU B 38 29.28 29.70 36.16
CA LEU B 38 28.83 30.87 36.88
C LEU B 38 28.60 32.00 35.90
N HIS B 39 27.46 32.65 36.04
CA HIS B 39 26.89 33.54 35.07
C HIS B 39 26.96 34.94 35.63
N TRP B 40 27.20 35.92 34.77
CA TRP B 40 27.41 37.30 35.17
C TRP B 40 26.32 38.16 34.57
N TYR B 41 25.53 38.80 35.43
CA TYR B 41 24.44 39.68 35.01
C TYR B 41 24.75 41.12 35.34
N LEU B 42 24.28 42.02 34.51
CA LEU B 42 24.24 43.44 34.78
C LEU B 42 22.82 43.81 35.17
N GLN B 43 22.68 44.69 36.14
CA GLN B 43 21.39 45.18 36.57
C GLN B 43 21.42 46.69 36.55
N LYS B 44 20.60 47.29 35.70
CA LYS B 44 20.47 48.74 35.61
C LYS B 44 19.64 49.24 36.78
N PRO B 45 19.61 50.55 37.03
CA PRO B 45 18.69 51.06 38.05
C PRO B 45 17.24 51.05 37.61
N GLY B 46 16.43 50.18 38.22
CA GLY B 46 15.00 50.17 38.03
C GLY B 46 14.50 49.29 36.90
N GLN B 47 15.38 48.81 36.04
CA GLN B 47 15.00 47.95 34.94
C GLN B 47 15.33 46.51 35.27
N SER B 48 15.21 45.64 34.30
CA SER B 48 15.37 44.21 34.49
C SER B 48 16.84 43.82 34.39
N PRO B 49 17.28 42.85 35.14
CA PRO B 49 18.68 42.41 35.03
C PRO B 49 18.97 41.64 33.77
N LYS B 50 19.71 42.24 32.83
CA LYS B 50 20.09 41.54 31.63
C LYS B 50 21.19 40.55 31.93
N LEU B 51 21.39 39.60 31.01
CA LEU B 51 22.44 38.61 31.11
C LEU B 51 23.60 39.01 30.21
N LEU B 52 24.83 38.89 30.72
CA LEU B 52 26.04 39.24 29.99
C LEU B 52 26.93 38.05 29.68
N ILE B 53 27.36 37.29 30.67
CA ILE B 53 28.30 36.21 30.44
C ILE B 53 27.69 34.94 31.04
N TYR B 54 27.79 33.82 30.33
CA TYR B 54 27.37 32.56 30.93
C TYR B 54 28.46 31.52 30.70
N LYS B 55 28.65 30.63 31.69
CA LYS B 55 29.66 29.57 31.64
C LYS B 55 31.04 30.14 31.41
N VAL B 56 31.68 30.63 32.46
CA VAL B 56 32.45 31.86 32.57
C VAL B 56 33.18 32.40 31.33
N SER B 57 33.65 31.54 30.43
CA SER B 57 34.38 32.09 29.29
C SER B 57 33.45 32.66 28.22
N ASN B 58 32.24 32.14 28.08
CA ASN B 58 31.43 32.35 26.88
C ASN B 58 30.78 33.73 26.90
N ARG B 59 29.82 33.94 26.02
CA ARG B 59 29.19 35.25 25.90
C ARG B 59 27.79 35.08 25.33
N PHE B 60 26.87 35.93 25.77
CA PHE B 60 25.50 35.89 25.27
C PHE B 60 25.45 36.56 23.90
N SER B 61 24.25 36.66 23.34
CA SER B 61 24.04 37.21 22.00
C SER B 61 23.36 38.56 22.11
N GLY B 62 23.95 39.56 21.46
CA GLY B 62 23.48 40.93 21.53
C GLY B 62 24.36 41.82 22.36
N VAL B 63 25.05 41.25 23.34
CA VAL B 63 25.99 41.98 24.18
C VAL B 63 27.23 42.33 23.36
N PRO B 64 27.75 43.57 23.44
CA PRO B 64 28.90 43.95 22.63
C PRO B 64 30.22 43.30 23.04
N ASP B 65 31.29 43.61 22.33
CA ASP B 65 32.54 42.86 22.42
C ASP B 65 33.48 43.40 23.49
N ARG B 66 32.99 44.22 24.42
CA ARG B 66 33.88 44.74 25.44
C ARG B 66 34.02 43.78 26.60
N PHE B 67 32.93 43.13 26.98
CA PHE B 67 32.92 42.30 28.18
C PHE B 67 33.62 40.99 27.93
N SER B 68 34.39 40.54 28.91
CA SER B 68 35.05 39.23 28.77
C SER B 68 35.27 38.63 30.14
N GLY B 69 34.87 37.38 30.30
CA GLY B 69 35.08 36.67 31.54
C GLY B 69 36.32 35.83 31.47
N SER B 70 36.82 35.45 32.63
CA SER B 70 38.00 34.60 32.73
C SER B 70 38.03 33.99 34.12
N GLY B 71 39.04 33.16 34.36
CA GLY B 71 39.25 32.55 35.65
C GLY B 71 38.58 31.20 35.75
N SER B 72 38.91 30.49 36.83
CA SER B 72 38.41 29.13 37.03
C SER B 72 38.60 28.75 38.49
N GLY B 73 38.31 27.49 38.79
CA GLY B 73 38.42 26.96 40.14
C GLY B 73 37.44 27.62 41.09
N THR B 74 37.96 28.45 41.98
CA THR B 74 37.17 29.28 42.87
C THR B 74 37.60 30.73 42.77
N ASP B 75 37.93 31.19 41.57
CA ASP B 75 38.31 32.58 41.38
C ASP B 75 37.95 32.99 39.97
N PHE B 76 36.99 33.90 39.84
CA PHE B 76 36.39 34.19 38.55
C PHE B 76 36.37 35.70 38.38
N THR B 77 36.45 36.16 37.14
CA THR B 77 36.61 37.60 36.93
C THR B 77 35.86 38.00 35.68
N LEU B 78 35.16 39.14 35.74
CA LEU B 78 34.68 39.82 34.56
C LEU B 78 35.58 41.02 34.34
N LYS B 79 35.87 41.33 33.08
CA LYS B 79 36.66 42.50 32.71
C LYS B 79 35.90 43.28 31.66
N ILE B 80 35.67 44.56 31.91
CA ILE B 80 35.15 45.48 30.92
C ILE B 80 36.33 46.25 30.36
N SER B 81 36.51 46.21 29.06
CA SER B 81 37.52 47.03 28.39
C SER B 81 36.81 48.20 27.72
N ARG B 82 37.39 49.40 27.88
CA ARG B 82 36.91 50.63 27.26
C ARG B 82 35.47 50.94 27.69
N VAL B 83 35.31 51.23 28.97
CA VAL B 83 33.99 51.39 29.55
C VAL B 83 33.33 52.67 29.06
N GLU B 84 32.11 52.55 28.54
CA GLU B 84 31.34 53.66 28.01
C GLU B 84 30.57 54.32 29.15
N ALA B 85 29.63 55.21 28.81
CA ALA B 85 28.76 55.83 29.78
C ALA B 85 27.49 55.02 30.02
N GLU B 86 27.38 53.85 29.41
CA GLU B 86 26.17 53.05 29.49
C GLU B 86 26.27 51.93 30.50
N ASP B 87 27.48 51.54 30.90
CA ASP B 87 27.68 50.41 31.80
C ASP B 87 27.88 50.89 33.23
N LEU B 88 26.82 51.44 33.80
CA LEU B 88 26.77 51.78 35.22
C LEU B 88 25.57 51.08 35.83
N GLY B 89 25.76 50.47 36.98
CA GLY B 89 24.71 49.67 37.58
C GLY B 89 25.37 48.46 38.18
N VAL B 90 24.67 47.65 38.96
CA VAL B 90 25.37 46.63 39.71
C VAL B 90 25.62 45.43 38.82
N TYR B 91 26.57 44.59 39.22
CA TYR B 91 26.95 43.40 38.49
C TYR B 91 26.96 42.25 39.46
N PHE B 92 26.12 41.25 39.24
CA PHE B 92 26.16 40.15 40.19
C PHE B 92 26.44 38.85 39.48
N CYS B 93 26.75 37.83 40.27
CA CYS B 93 27.31 36.58 39.77
C CYS B 93 26.58 35.38 40.34
N SER B 94 25.65 34.86 39.56
CA SER B 94 25.08 33.53 39.76
C SER B 94 26.17 32.54 39.36
N GLN B 95 26.08 31.25 39.64
CA GLN B 95 25.19 30.47 40.44
C GLN B 95 26.05 29.61 41.28
N SER B 96 25.40 28.69 41.95
CA SER B 96 26.01 27.48 42.42
C SER B 96 25.70 26.38 41.41
N THR B 97 26.71 25.58 41.03
CA THR B 97 26.45 24.37 40.27
C THR B 97 25.98 23.23 41.17
N HIS B 98 25.89 23.48 42.46
CA HIS B 98 25.28 22.60 43.45
C HIS B 98 23.95 23.26 43.77
N ILE B 99 22.87 22.76 43.21
CA ILE B 99 21.55 23.32 43.41
C ILE B 99 20.75 22.33 44.25
N PRO B 100 19.62 22.71 44.89
CA PRO B 100 18.78 23.91 44.95
C PRO B 100 18.85 24.87 46.16
N PRO B 101 20.01 25.30 46.61
CA PRO B 101 20.03 26.62 47.23
C PRO B 101 20.08 27.71 46.19
N TRP B 102 20.82 27.43 45.11
CA TRP B 102 20.88 28.19 43.86
C TRP B 102 21.34 29.63 44.11
N THR B 103 22.50 29.78 44.74
CA THR B 103 22.83 31.04 45.38
C THR B 103 23.21 32.11 44.37
N PHE B 104 23.35 33.35 44.86
CA PHE B 104 23.68 34.51 44.05
C PHE B 104 24.78 35.33 44.70
N GLY B 105 25.06 36.52 44.18
CA GLY B 105 26.17 37.32 44.64
C GLY B 105 25.72 38.67 45.14
N GLY B 106 26.66 39.40 45.71
CA GLY B 106 26.37 40.66 46.35
C GLY B 106 26.03 41.77 45.38
N GLY B 107 27.00 42.22 44.61
CA GLY B 107 26.81 43.32 43.69
C GLY B 107 28.02 44.21 43.69
N THR B 108 28.13 45.03 42.65
CA THR B 108 29.28 45.92 42.49
C THR B 108 28.84 47.13 41.70
N LYS B 109 28.71 48.28 42.34
CA LYS B 109 28.39 49.47 41.59
C LYS B 109 29.62 49.96 40.83
N LEU B 110 29.41 50.92 39.95
CA LEU B 110 30.51 51.57 39.25
C LEU B 110 30.36 53.07 39.39
N ASP B 111 31.47 53.78 39.34
CA ASP B 111 31.51 55.21 39.61
C ASP B 111 32.13 55.95 38.43
N ILE B 112 32.39 57.24 38.63
CA ILE B 112 33.00 58.08 37.60
C ILE B 112 34.41 58.53 38.00
N LYS B 113 34.84 58.24 39.23
CA LYS B 113 36.22 58.42 39.72
C LYS B 113 36.66 59.89 39.62
N ARG B 114 36.03 60.70 40.46
CA ARG B 114 36.41 62.09 40.61
C ARG B 114 37.73 62.21 41.38
N ALA B 115 38.38 63.36 41.22
CA ALA B 115 39.39 63.78 42.18
C ALA B 115 38.72 64.08 43.51
N ASP B 116 39.49 63.97 44.60
CA ASP B 116 38.91 64.01 45.93
C ASP B 116 38.40 65.40 46.29
N ALA B 117 37.57 65.44 47.33
CA ALA B 117 37.00 66.68 47.83
C ALA B 117 36.69 66.52 49.31
N ALA B 118 36.25 67.61 49.93
CA ALA B 118 35.96 67.66 51.34
C ALA B 118 34.56 68.19 51.57
N PRO B 119 33.81 67.62 52.52
CA PRO B 119 32.40 67.97 52.67
C PRO B 119 32.22 69.31 53.35
N THR B 120 31.23 70.07 52.88
CA THR B 120 30.96 71.39 53.47
C THR B 120 29.91 71.22 54.57
N VAL B 121 30.38 70.88 55.75
CA VAL B 121 29.51 70.49 56.87
C VAL B 121 28.77 71.71 57.39
N SER B 122 27.44 71.63 57.43
CA SER B 122 26.61 72.64 58.04
C SER B 122 25.73 72.01 59.12
N ILE B 123 25.43 72.80 60.14
CA ILE B 123 24.64 72.35 61.28
C ILE B 123 23.36 73.19 61.33
N PHE B 124 22.27 72.59 61.81
CA PHE B 124 21.02 73.31 61.99
C PHE B 124 20.31 72.85 63.26
N PRO B 125 19.99 73.76 64.16
CA PRO B 125 19.32 73.39 65.41
C PRO B 125 17.85 73.16 65.15
N PRO B 126 17.11 72.59 66.10
CA PRO B 126 15.65 72.54 65.96
C PRO B 126 15.08 73.95 66.00
N SER B 127 14.11 74.18 65.12
CA SER B 127 13.54 75.50 64.97
C SER B 127 12.50 75.74 66.06
N SER B 128 11.82 76.88 66.00
CA SER B 128 10.84 77.22 67.01
C SER B 128 9.58 76.36 66.89
N GLU B 129 9.28 75.85 65.69
CA GLU B 129 8.00 75.18 65.49
C GLU B 129 7.98 73.80 66.12
N GLN B 130 9.09 73.07 66.05
CA GLN B 130 9.11 71.78 66.71
C GLN B 130 9.37 71.91 68.20
N LEU B 131 10.01 73.00 68.63
CA LEU B 131 10.12 73.26 70.06
C LEU B 131 8.79 73.66 70.65
N THR B 132 7.89 74.24 69.85
CA THR B 132 6.51 74.41 70.29
C THR B 132 5.83 73.06 70.44
N SER B 133 6.02 72.18 69.46
CA SER B 133 5.33 70.90 69.42
C SER B 133 5.98 69.84 70.28
N GLY B 134 7.01 70.17 71.04
CA GLY B 134 7.56 69.21 71.98
C GLY B 134 8.46 68.15 71.38
N GLY B 135 9.61 68.56 70.85
CA GLY B 135 10.59 67.61 70.35
C GLY B 135 11.80 68.26 69.70
N LEU B 136 12.98 67.66 69.86
CA LEU B 136 14.18 68.15 69.21
C LEU B 136 14.45 67.29 67.99
N SER B 137 14.79 67.93 66.88
CA SER B 137 15.39 67.25 65.73
C SER B 137 16.49 68.19 65.26
N VAL B 138 17.72 67.84 65.55
CA VAL B 138 18.87 68.63 65.14
C VAL B 138 19.49 67.93 63.94
N VAL B 139 19.95 68.69 62.95
CA VAL B 139 20.42 68.05 61.72
C VAL B 139 21.79 68.55 61.34
N CYS B 140 22.57 67.67 60.70
CA CYS B 140 23.89 68.00 60.20
C CYS B 140 23.88 67.60 58.73
N PHE B 141 23.93 68.59 57.84
CA PHE B 141 24.09 68.35 56.42
C PHE B 141 25.57 68.32 56.09
N LEU B 142 25.93 67.52 55.11
CA LEU B 142 27.29 67.61 54.60
C LEU B 142 27.27 67.28 53.12
N ASN B 143 27.73 68.22 52.31
CA ASN B 143 27.52 68.20 50.87
C ASN B 143 28.84 68.17 50.13
N ASN B 144 28.77 67.72 48.88
CA ASN B 144 29.82 67.85 47.87
C ASN B 144 31.14 67.22 48.30
N PHE B 145 31.11 65.91 48.49
CA PHE B 145 32.32 65.21 48.91
C PHE B 145 32.49 63.95 48.09
N TYR B 146 33.74 63.49 47.98
CA TYR B 146 34.09 62.27 47.26
C TYR B 146 35.30 61.71 47.98
N PRO B 147 35.39 60.39 48.19
CA PRO B 147 34.53 59.25 47.84
C PRO B 147 33.51 58.87 48.90
N LYS B 148 32.60 57.96 48.57
CA LYS B 148 31.42 57.71 49.39
C LYS B 148 31.74 56.77 50.56
N ASP B 149 32.55 57.28 51.49
CA ASP B 149 32.75 56.59 52.76
C ASP B 149 33.06 57.66 53.81
N ILE B 150 32.08 57.96 54.65
CA ILE B 150 32.22 59.00 55.65
C ILE B 150 31.54 58.54 56.93
N ASN B 151 32.19 58.80 58.05
CA ASN B 151 31.65 58.47 59.37
C ASN B 151 31.28 59.76 60.07
N VAL B 152 30.06 59.80 60.58
CA VAL B 152 29.55 60.95 61.31
C VAL B 152 29.34 60.54 62.76
N LYS B 153 29.79 61.39 63.67
CA LYS B 153 29.69 61.13 65.10
C LYS B 153 28.92 62.27 65.74
N TRP B 154 27.87 61.92 66.47
CA TRP B 154 27.02 62.89 67.15
C TRP B 154 27.43 62.93 68.61
N LYS B 155 28.24 63.92 68.98
CA LYS B 155 28.76 63.99 70.33
C LYS B 155 28.01 65.07 71.09
N ILE B 156 27.30 64.65 72.15
CA ILE B 156 26.55 65.51 73.05
C ILE B 156 27.33 65.60 74.35
N ASP B 157 27.77 66.82 74.69
CA ASP B 157 28.51 67.14 75.91
C ASP B 157 29.80 66.33 76.05
N GLY B 158 30.41 65.94 74.93
CA GLY B 158 31.59 65.12 74.96
C GLY B 158 31.34 63.62 74.96
N SER B 159 30.10 63.19 75.03
CA SER B 159 29.77 61.77 75.00
C SER B 159 29.13 61.39 73.67
N GLU B 160 29.43 60.18 73.21
CA GLU B 160 28.88 59.71 71.94
C GLU B 160 27.39 59.42 72.06
N ARG B 161 26.68 59.61 70.95
CA ARG B 161 25.28 59.23 70.84
C ARG B 161 25.12 58.33 69.64
N GLN B 162 24.73 57.08 69.87
CA GLN B 162 24.49 56.12 68.80
C GLN B 162 23.06 55.61 68.86
N ASN B 163 22.15 56.44 69.36
CA ASN B 163 20.74 56.11 69.46
C ASN B 163 19.92 57.30 69.00
N GLY B 164 18.90 57.04 68.20
CA GLY B 164 18.09 58.12 67.66
C GLY B 164 18.78 58.92 66.59
N VAL B 165 19.75 58.33 65.91
CA VAL B 165 20.42 58.96 64.78
C VAL B 165 19.93 58.26 63.50
N LEU B 166 19.63 59.06 62.49
CA LEU B 166 19.25 58.52 61.19
C LEU B 166 20.11 59.14 60.12
N ASN B 167 20.57 58.32 59.19
CA ASN B 167 21.47 58.76 58.15
C ASN B 167 20.87 58.48 56.79
N SER B 168 20.94 59.45 55.90
CA SER B 168 20.46 59.28 54.54
C SER B 168 21.51 59.81 53.58
N TRP B 169 21.95 58.94 52.66
CA TRP B 169 22.93 59.29 51.65
C TRP B 169 22.23 59.44 50.31
N THR B 170 22.45 60.56 49.63
CA THR B 170 21.95 60.67 48.27
C THR B 170 22.81 59.84 47.34
N ASP B 171 22.31 59.64 46.13
CA ASP B 171 23.09 58.94 45.11
C ASP B 171 24.13 59.89 44.53
N GLN B 172 24.94 59.37 43.62
CA GLN B 172 25.97 60.20 43.01
C GLN B 172 25.32 61.21 42.07
N ASP B 173 25.72 62.47 42.21
CA ASP B 173 25.19 63.53 41.36
C ASP B 173 25.61 63.29 39.92
N SER B 174 24.76 63.74 38.99
CA SER B 174 25.07 63.55 37.59
C SER B 174 26.11 64.54 37.11
N LYS B 175 25.87 65.84 37.33
CA LYS B 175 26.73 66.87 36.77
C LYS B 175 28.02 67.04 37.56
N ASP B 176 27.96 66.93 38.88
CA ASP B 176 29.12 67.21 39.71
C ASP B 176 29.93 65.95 40.00
N SER B 177 29.28 64.78 39.95
CA SER B 177 29.84 63.47 40.30
C SER B 177 30.37 63.44 41.73
N THR B 178 29.59 64.00 42.66
CA THR B 178 29.90 63.96 44.08
C THR B 178 28.69 63.44 44.85
N TYR B 179 28.78 63.47 46.17
CA TYR B 179 27.75 62.93 47.03
C TYR B 179 27.29 63.98 48.05
N SER B 180 26.39 63.55 48.94
CA SER B 180 25.99 64.32 50.11
C SER B 180 25.38 63.33 51.09
N MET B 181 25.24 63.76 52.34
CA MET B 181 24.49 62.98 53.30
C MET B 181 23.92 63.89 54.37
N SER B 182 22.89 63.40 55.03
CA SER B 182 22.26 64.12 56.13
C SER B 182 22.13 63.21 57.32
N SER B 183 22.43 63.75 58.50
CA SER B 183 22.25 63.05 59.76
C SER B 183 21.24 63.80 60.61
N THR B 184 20.24 63.08 61.12
CA THR B 184 19.16 63.65 61.89
C THR B 184 19.17 63.01 63.27
N LEU B 185 19.24 63.83 64.31
CA LEU B 185 19.19 63.35 65.69
C LEU B 185 17.89 63.85 66.30
N THR B 186 17.03 62.91 66.67
CA THR B 186 15.68 63.20 67.14
C THR B 186 15.55 62.73 68.59
N LEU B 187 15.32 63.66 69.51
CA LEU B 187 15.00 63.32 70.89
C LEU B 187 13.83 64.19 71.32
N THR B 188 13.50 64.17 72.61
CA THR B 188 12.30 64.84 73.10
C THR B 188 12.56 66.33 73.30
N LYS B 189 11.58 67.02 73.89
CA LYS B 189 11.71 68.45 74.13
C LYS B 189 12.62 68.75 75.32
N ASP B 190 12.39 68.06 76.43
CA ASP B 190 13.08 68.39 77.66
C ASP B 190 14.51 67.88 77.71
N GLU B 191 14.87 66.93 76.85
CA GLU B 191 16.28 66.51 76.78
C GLU B 191 17.15 67.54 76.07
N TYR B 192 16.55 68.52 75.40
CA TYR B 192 17.31 69.56 74.74
C TYR B 192 17.92 70.53 75.74
N GLU B 193 17.18 70.82 76.81
CA GLU B 193 17.61 71.83 77.78
C GLU B 193 18.47 71.24 78.89
N ARG B 194 18.93 70.00 78.76
CA ARG B 194 19.85 69.42 79.72
C ARG B 194 21.30 69.51 79.30
N HIS B 195 21.57 69.68 78.01
CA HIS B 195 22.93 69.64 77.49
C HIS B 195 23.15 70.84 76.58
N ASN B 196 24.37 71.38 76.61
CA ASN B 196 24.66 72.60 75.87
C ASN B 196 25.41 72.37 74.56
N SER B 197 26.50 71.60 74.58
CA SER B 197 27.35 71.48 73.42
C SER B 197 26.88 70.31 72.55
N TYR B 198 26.55 70.59 71.29
CA TYR B 198 26.27 69.56 70.31
C TYR B 198 27.27 69.67 69.17
N THR B 199 27.98 68.58 68.89
CA THR B 199 28.94 68.56 67.81
C THR B 199 28.63 67.43 66.85
N CYS B 200 28.83 67.69 65.56
CA CYS B 200 28.74 66.70 64.50
CA CYS B 200 28.76 66.65 64.54
C CYS B 200 30.13 66.58 63.87
N GLU B 201 30.74 65.40 63.97
CA GLU B 201 32.10 65.17 63.50
C GLU B 201 32.08 64.32 62.25
N ALA B 202 32.76 64.80 61.20
CA ALA B 202 32.85 64.10 59.93
C ALA B 202 34.28 63.64 59.73
N THR B 203 34.50 62.33 59.69
CA THR B 203 35.83 61.75 59.57
C THR B 203 36.01 61.20 58.16
N HIS B 204 36.38 62.07 57.23
CA HIS B 204 36.61 61.61 55.87
C HIS B 204 38.05 61.16 55.70
N LYS B 205 38.30 60.37 54.66
CA LYS B 205 39.64 59.84 54.43
C LYS B 205 40.59 60.86 53.85
N THR B 206 40.08 61.94 53.24
CA THR B 206 40.93 62.97 52.66
C THR B 206 41.14 64.14 53.60
N SER B 207 40.93 63.93 54.90
CA SER B 207 41.22 64.92 55.92
C SER B 207 41.65 64.18 57.17
N THR B 208 42.88 64.45 57.61
CA THR B 208 43.37 63.82 58.83
C THR B 208 42.64 64.36 60.06
N SER B 209 42.37 65.66 60.07
CA SER B 209 41.54 66.23 61.10
C SER B 209 40.06 66.05 60.75
N PRO B 210 39.26 65.42 61.62
CA PRO B 210 37.83 65.33 61.37
C PRO B 210 37.18 66.71 61.47
N ILE B 211 36.35 67.03 60.47
CA ILE B 211 35.71 68.33 60.46
C ILE B 211 34.57 68.32 61.47
N VAL B 212 34.67 69.19 62.47
CA VAL B 212 33.66 69.31 63.50
C VAL B 212 32.83 70.54 63.21
N LYS B 213 31.52 70.44 63.47
CA LYS B 213 30.70 71.64 63.50
C LYS B 213 29.78 71.55 64.70
N SER B 214 29.70 72.62 65.47
CA SER B 214 29.08 72.58 66.78
C SER B 214 28.16 73.76 66.99
N PHE B 215 27.34 73.66 68.03
CA PHE B 215 26.57 74.79 68.51
C PHE B 215 26.17 74.60 69.97
N ASN B 216 25.74 75.71 70.56
CA ASN B 216 25.28 75.77 71.94
C ASN B 216 23.87 76.33 71.98
N ARG B 217 23.08 75.85 72.93
CA ARG B 217 21.67 76.21 73.00
C ARG B 217 21.47 77.63 73.52
N ASN B 218 22.22 77.99 74.56
CA ASN B 218 21.96 79.25 75.26
C ASN B 218 22.46 80.46 74.48
N GLU B 219 23.66 80.38 73.94
CA GLU B 219 24.24 81.53 73.25
C GLU B 219 23.64 81.67 71.86
N CYS B 220 23.22 82.89 71.53
CA CYS B 220 22.86 83.21 70.17
C CYS B 220 23.20 84.67 69.90
N GLU C 1 12.30 39.29 20.62
CA GLU C 1 11.53 39.95 21.66
C GLU C 1 10.95 38.93 22.62
N VAL C 2 11.56 38.84 23.80
CA VAL C 2 11.07 38.03 24.90
C VAL C 2 10.91 38.97 26.07
N GLN C 3 9.72 39.02 26.66
CA GLN C 3 9.45 40.04 27.65
C GLN C 3 8.57 39.47 28.76
N LEU C 4 9.08 39.47 29.98
CA LEU C 4 8.28 39.17 31.15
C LEU C 4 8.04 40.48 31.88
N GLN C 5 6.78 40.84 32.11
CA GLN C 5 6.52 42.06 32.84
C GLN C 5 5.56 41.79 34.00
N GLU C 6 5.67 42.60 35.04
CA GLU C 6 5.00 42.33 36.29
C GLU C 6 4.06 43.46 36.67
N SER C 7 3.36 43.26 37.78
CA SER C 7 2.43 44.23 38.28
C SER C 7 3.16 45.41 38.91
N GLY C 8 2.41 46.45 39.25
CA GLY C 8 2.97 47.62 39.88
C GLY C 8 3.21 47.43 41.36
N PRO C 9 3.57 48.50 42.04
CA PRO C 9 3.88 48.39 43.48
C PRO C 9 2.64 48.14 44.33
N GLU C 10 2.87 47.50 45.46
CA GLU C 10 1.82 47.23 46.43
C GLU C 10 2.08 48.01 47.70
N LEU C 11 1.03 48.26 48.46
CA LEU C 11 1.11 49.05 49.69
C LEU C 11 0.28 48.40 50.78
N VAL C 12 0.49 47.11 50.98
CA VAL C 12 -0.38 46.28 51.79
C VAL C 12 -0.29 46.59 53.27
N LYS C 13 -1.20 46.02 54.04
CA LYS C 13 -1.23 46.11 55.50
C LYS C 13 -0.65 44.85 56.10
N THR C 14 -0.27 44.93 57.37
CA THR C 14 0.39 43.83 58.03
C THR C 14 -0.59 42.68 58.28
N GLY C 15 -0.15 41.47 57.98
CA GLY C 15 -1.00 40.30 58.16
C GLY C 15 -1.94 40.01 57.01
N ALA C 16 -1.91 40.83 55.96
CA ALA C 16 -2.81 40.65 54.82
C ALA C 16 -2.27 39.57 53.88
N SER C 17 -2.84 39.49 52.69
CA SER C 17 -2.44 38.53 51.69
C SER C 17 -2.41 39.23 50.33
N VAL C 18 -1.36 38.99 49.57
CA VAL C 18 -1.17 39.74 48.32
C VAL C 18 -0.84 38.74 47.21
N LYS C 19 -1.08 39.15 45.97
CA LYS C 19 -0.85 38.32 44.81
C LYS C 19 -0.16 39.16 43.75
N ILE C 20 1.01 38.73 43.32
CA ILE C 20 1.77 39.41 42.27
C ILE C 20 1.92 38.48 41.08
N SER C 21 2.04 39.07 39.89
CA SER C 21 1.81 38.35 38.65
C SER C 21 2.90 38.66 37.64
N CYS C 22 3.53 37.62 37.13
CA CYS C 22 4.53 37.75 36.06
C CYS C 22 3.87 37.28 34.77
N LYS C 23 3.66 38.21 33.84
CA LYS C 23 3.01 37.90 32.56
C LYS C 23 4.07 37.82 31.49
N ALA C 24 4.10 36.69 30.78
CA ALA C 24 5.14 36.40 29.81
C ALA C 24 4.60 36.60 28.40
N SER C 25 5.43 37.18 27.53
CA SER C 25 4.97 37.47 26.18
C SER C 25 6.15 37.45 25.23
N GLY C 26 5.99 36.71 24.13
CA GLY C 26 7.01 36.65 23.10
C GLY C 26 7.63 35.29 22.92
N TYR C 27 7.22 34.26 23.65
CA TYR C 27 7.85 32.96 23.53
C TYR C 27 6.83 31.87 23.83
N SER C 28 7.26 30.63 23.63
CA SER C 28 6.41 29.48 23.91
C SER C 28 6.36 29.26 25.41
N PHE C 29 5.20 29.55 26.00
CA PHE C 29 5.08 29.64 27.45
C PHE C 29 5.19 28.30 28.15
N SER C 30 4.97 27.18 27.46
CA SER C 30 4.73 25.93 28.14
C SER C 30 5.99 25.13 28.42
N ASN C 31 7.16 25.60 27.99
CA ASN C 31 8.40 24.87 28.28
C ASN C 31 9.07 25.37 29.55
N TYR C 32 9.40 26.65 29.58
CA TYR C 32 10.32 27.22 30.54
C TYR C 32 9.72 27.25 31.95
N TYR C 33 10.55 26.97 32.95
CA TYR C 33 10.21 27.20 34.34
C TYR C 33 9.99 28.69 34.61
N ILE C 34 9.43 29.00 35.77
CA ILE C 34 9.41 30.37 36.26
C ILE C 34 9.97 30.35 37.66
N HIS C 35 11.12 30.98 37.86
CA HIS C 35 11.75 31.09 39.17
C HIS C 35 11.38 32.44 39.76
N TRP C 36 10.96 32.44 41.01
CA TRP C 36 10.69 33.67 41.74
C TRP C 36 11.81 33.86 42.73
N VAL C 37 12.49 35.02 42.65
CA VAL C 37 13.58 35.40 43.54
C VAL C 37 13.24 36.73 44.20
N LYS C 38 13.91 37.01 45.30
CA LYS C 38 13.57 38.12 46.19
C LYS C 38 14.81 38.89 46.52
N GLN C 39 14.79 40.21 46.35
CA GLN C 39 15.89 41.05 46.76
C GLN C 39 15.39 42.02 47.82
N SER C 40 16.03 42.00 48.99
CA SER C 40 15.68 42.92 50.05
C SER C 40 16.32 44.27 49.77
N HIS C 41 16.35 45.16 50.74
CA HIS C 41 17.03 46.44 50.56
C HIS C 41 18.48 46.28 50.97
N GLY C 42 19.38 46.31 49.99
CA GLY C 42 20.79 46.28 50.27
C GLY C 42 21.28 44.94 50.76
N LYS C 43 20.89 43.87 50.09
CA LYS C 43 21.36 42.54 50.40
C LYS C 43 21.49 41.76 49.12
N SER C 44 22.08 40.56 49.25
CA SER C 44 22.19 39.67 48.12
C SER C 44 20.82 39.12 47.76
N LEU C 45 20.68 38.71 46.51
CA LEU C 45 19.42 38.14 46.06
C LEU C 45 19.22 36.78 46.69
N GLU C 46 17.97 36.38 46.83
CA GLU C 46 17.64 35.16 47.53
C GLU C 46 16.59 34.42 46.74
N TRP C 47 16.81 33.13 46.53
CA TRP C 47 15.96 32.33 45.67
C TRP C 47 14.79 31.80 46.47
N ILE C 48 13.57 32.11 46.04
CA ILE C 48 12.37 31.64 46.74
C ILE C 48 11.96 30.28 46.21
N GLY C 49 11.69 30.18 44.92
CA GLY C 49 11.30 28.87 44.42
C GLY C 49 11.03 28.87 42.93
N PHE C 50 10.55 27.75 42.43
CA PHE C 50 10.19 27.71 41.01
C PHE C 50 8.89 26.94 40.79
N ILE C 51 8.21 27.32 39.72
CA ILE C 51 6.97 26.71 39.28
C ILE C 51 7.17 26.17 37.87
N SER C 52 6.66 24.96 37.62
CA SER C 52 7.06 24.20 36.47
C SER C 52 6.44 24.68 35.17
N CYS C 53 5.34 25.42 35.22
CA CYS C 53 4.79 26.21 34.11
C CYS C 53 4.32 25.35 32.93
N TYR C 54 4.29 24.03 33.08
CA TYR C 54 3.64 23.13 32.13
C TYR C 54 2.43 22.47 32.79
N ASN C 55 2.65 21.80 33.91
CA ASN C 55 1.58 21.19 34.69
C ASN C 55 1.35 21.89 36.02
N GLY C 56 2.39 22.42 36.65
CA GLY C 56 2.19 23.19 37.85
C GLY C 56 2.85 22.59 39.08
N ALA C 57 3.94 21.87 38.89
CA ALA C 57 4.66 21.27 40.01
C ALA C 57 5.59 22.31 40.62
N THR C 58 5.38 22.62 41.90
CA THR C 58 6.14 23.67 42.57
C THR C 58 7.36 23.08 43.24
N PHE C 59 8.28 23.96 43.62
CA PHE C 59 9.33 23.59 44.56
C PHE C 59 9.80 24.86 45.27
N TYR C 60 9.80 24.82 46.60
CA TYR C 60 10.11 25.99 47.41
C TYR C 60 11.42 25.80 48.15
N ASN C 61 12.06 26.91 48.49
CA ASN C 61 13.15 26.89 49.43
C ASN C 61 12.62 26.57 50.83
N GLN C 62 13.51 26.12 51.72
CA GLN C 62 13.03 25.71 53.03
C GLN C 62 12.67 26.87 53.94
N LYS C 63 13.21 28.07 53.70
CA LYS C 63 12.79 29.20 54.52
C LYS C 63 11.39 29.66 54.15
N PHE C 64 10.95 29.39 52.92
CA PHE C 64 9.71 29.95 52.40
C PHE C 64 8.63 28.92 52.17
N LYS C 65 8.79 27.70 52.66
CA LYS C 65 7.75 26.69 52.46
C LYS C 65 6.60 26.96 53.41
N GLY C 66 5.43 27.26 52.86
CA GLY C 66 4.23 27.52 53.62
C GLY C 66 3.76 28.95 53.56
N LYS C 67 4.69 29.90 53.37
CA LYS C 67 4.33 31.30 53.31
C LYS C 67 4.43 31.86 51.90
N ALA C 68 4.22 31.01 50.90
CA ALA C 68 4.19 31.42 49.50
C ALA C 68 3.44 30.35 48.72
N THR C 69 2.77 30.75 47.64
CA THR C 69 2.08 29.75 46.84
C THR C 69 2.08 30.18 45.38
N PHE C 70 2.55 29.29 44.50
CA PHE C 70 2.63 29.57 43.08
C PHE C 70 1.47 28.94 42.34
N THR C 71 0.84 29.72 41.44
CA THR C 71 -0.14 29.19 40.50
C THR C 71 0.24 29.64 39.10
N VAL C 72 -0.35 29.02 38.08
CA VAL C 72 -0.13 29.42 36.70
C VAL C 72 -1.47 29.61 36.00
N ASP C 73 -1.41 30.21 34.81
CA ASP C 73 -2.59 30.41 33.97
C ASP C 73 -2.12 30.30 32.52
N ASN C 74 -2.40 29.16 31.90
CA ASN C 74 -1.95 28.88 30.54
C ASN C 74 -2.72 29.66 29.48
N SER C 75 -3.92 30.11 29.80
CA SER C 75 -4.74 30.77 28.79
C SER C 75 -4.22 32.18 28.50
N SER C 76 -3.97 32.97 29.54
CA SER C 76 -3.35 34.27 29.39
C SER C 76 -1.85 34.23 29.63
N SER C 77 -1.32 33.05 29.99
CA SER C 77 0.10 32.77 30.12
C SER C 77 0.77 33.65 31.17
N THR C 78 0.27 33.57 32.39
CA THR C 78 0.87 34.28 33.51
C THR C 78 1.21 33.31 34.63
N ALA C 79 2.02 33.77 35.57
CA ALA C 79 2.33 33.01 36.77
C ALA C 79 2.15 33.89 37.98
N TYR C 80 1.41 33.41 38.97
CA TYR C 80 1.07 34.19 40.15
C TYR C 80 1.80 33.63 41.36
N MET C 81 2.22 34.54 42.23
CA MET C 81 2.73 34.21 43.54
C MET C 81 1.87 34.91 44.56
N LYS C 82 1.34 34.14 45.50
CA LYS C 82 0.49 34.67 46.55
C LYS C 82 1.23 34.55 47.88
N PHE C 83 1.36 35.68 48.56
CA PHE C 83 1.83 35.73 49.94
C PHE C 83 0.65 35.72 50.87
N ASN C 84 0.78 34.96 51.95
CA ASN C 84 -0.17 34.97 53.05
C ASN C 84 0.58 35.17 54.36
N SER C 85 -0.02 35.93 55.27
CA SER C 85 0.54 36.33 56.57
C SER C 85 1.86 37.09 56.40
N LEU C 86 1.75 38.28 55.82
CA LEU C 86 2.92 39.15 55.64
C LEU C 86 3.35 39.76 56.97
N THR C 87 4.66 39.80 57.18
CA THR C 87 5.28 40.56 58.27
C THR C 87 6.13 41.66 57.66
N PHE C 88 6.88 42.37 58.49
CA PHE C 88 7.72 43.44 58.00
C PHE C 88 8.94 42.92 57.23
N GLU C 89 9.39 41.69 57.51
CA GLU C 89 10.56 41.16 56.82
C GLU C 89 10.29 40.80 55.36
N ASP C 90 9.03 40.78 54.93
CA ASP C 90 8.68 40.44 53.56
C ASP C 90 8.39 41.68 52.74
N SER C 91 9.08 42.79 52.99
CA SER C 91 8.94 44.00 52.20
C SER C 91 10.19 44.16 51.37
N ALA C 92 10.08 43.96 50.07
CA ALA C 92 11.26 43.79 49.24
C ALA C 92 10.89 44.08 47.79
N VAL C 93 11.76 43.66 46.87
CA VAL C 93 11.51 43.74 45.44
C VAL C 93 11.62 42.33 44.88
N TYR C 94 10.59 41.88 44.16
CA TYR C 94 10.48 40.50 43.75
C TYR C 94 10.60 40.40 42.23
N TYR C 95 11.39 39.43 41.76
CA TYR C 95 11.68 39.23 40.35
C TYR C 95 11.27 37.84 39.93
N CYS C 96 10.86 37.71 38.67
CA CYS C 96 10.61 36.43 38.03
C CYS C 96 11.60 36.26 36.91
N ALA C 97 12.04 35.02 36.68
CA ALA C 97 12.98 34.78 35.61
C ALA C 97 12.76 33.39 35.05
N ARG C 98 12.96 33.23 33.75
CA ARG C 98 12.71 31.94 33.13
C ARG C 98 13.98 31.12 33.01
N LEU C 99 13.80 29.83 32.81
CA LEU C 99 14.88 28.88 32.72
C LEU C 99 14.36 27.69 31.93
N PRO C 100 15.04 27.24 30.89
CA PRO C 100 14.46 26.21 30.03
C PRO C 100 14.42 24.85 30.70
N ILE C 101 13.40 24.08 30.36
CA ILE C 101 13.13 22.83 31.06
C ILE C 101 13.94 21.67 30.49
N GLN C 102 14.47 21.82 29.29
CA GLN C 102 15.21 20.72 28.66
C GLN C 102 16.58 20.59 29.31
N PHE C 103 17.42 21.60 29.15
CA PHE C 103 18.68 21.66 29.87
C PHE C 103 18.58 22.60 31.06
N GLY C 104 17.77 22.19 32.02
CA GLY C 104 17.66 22.93 33.26
C GLY C 104 18.85 22.65 34.15
N ASN C 105 19.24 23.70 34.91
CA ASN C 105 20.35 23.82 35.86
C ASN C 105 21.71 23.93 35.15
N PHE C 106 21.76 23.64 33.86
CA PHE C 106 22.97 23.83 33.08
C PHE C 106 22.84 25.01 32.14
N TYR C 107 21.97 25.94 32.45
CA TYR C 107 21.69 27.11 31.63
C TYR C 107 21.43 28.28 32.58
N PRO C 108 21.74 29.50 32.18
CA PRO C 108 21.47 30.65 33.04
C PRO C 108 20.03 31.11 32.92
N MET C 109 19.56 31.76 33.98
CA MET C 109 18.24 32.39 33.91
C MET C 109 18.31 33.58 32.97
N ASP C 110 17.97 33.39 31.71
CA ASP C 110 18.39 34.33 30.69
C ASP C 110 17.53 35.58 30.57
N TYR C 111 16.26 35.57 30.97
CA TYR C 111 15.44 36.76 30.86
C TYR C 111 14.70 37.03 32.16
N TRP C 112 14.72 38.27 32.60
CA TRP C 112 14.24 38.65 33.91
C TRP C 112 13.14 39.69 33.80
N GLY C 113 12.23 39.66 34.73
CA GLY C 113 11.21 40.68 34.78
C GLY C 113 11.74 41.95 35.39
N GLN C 114 10.94 43.00 35.32
CA GLN C 114 11.37 44.27 35.89
C GLN C 114 11.19 44.34 37.38
N GLY C 115 10.45 43.41 37.97
CA GLY C 115 10.39 43.33 39.41
C GLY C 115 9.34 44.22 40.04
N THR C 116 8.44 43.63 40.80
CA THR C 116 7.48 44.42 41.55
C THR C 116 8.05 44.71 42.92
N THR C 117 7.43 45.62 43.65
CA THR C 117 7.95 46.04 44.95
C THR C 117 6.86 46.05 46.01
N VAL C 118 7.02 45.21 47.01
CA VAL C 118 6.00 45.01 48.03
C VAL C 118 6.43 45.73 49.30
N THR C 119 5.59 46.62 49.79
CA THR C 119 5.90 47.48 50.94
C THR C 119 4.93 47.19 52.06
N VAL C 120 5.29 46.29 52.96
CA VAL C 120 4.42 45.97 54.10
C VAL C 120 4.53 47.09 55.13
N SER C 121 3.39 47.63 55.53
CA SER C 121 3.32 48.65 56.55
C SER C 121 2.10 48.39 57.43
N SER C 122 1.94 49.22 58.45
CA SER C 122 0.81 49.07 59.37
C SER C 122 0.09 50.36 59.70
N ALA C 123 0.70 51.52 59.53
CA ALA C 123 0.15 52.77 60.01
C ALA C 123 -0.93 53.29 59.07
N LYS C 124 -1.35 54.52 59.29
CA LYS C 124 -2.45 55.13 58.55
C LYS C 124 -1.96 56.39 57.86
N THR C 125 -2.78 56.84 56.90
CA THR C 125 -2.45 58.03 56.12
C THR C 125 -2.39 59.26 56.99
N THR C 126 -1.28 60.00 56.90
CA THR C 126 -0.94 61.00 57.89
C THR C 126 -0.44 62.26 57.21
N ALA C 127 -0.78 63.41 57.74
CA ALA C 127 -0.29 64.67 57.23
C ALA C 127 1.17 64.86 57.62
N PRO C 128 1.98 65.47 56.75
CA PRO C 128 3.38 65.72 57.08
C PRO C 128 3.54 66.90 58.01
N SER C 129 4.58 66.83 58.84
CA SER C 129 4.94 67.93 59.71
C SER C 129 6.15 68.62 59.09
N VAL C 130 5.92 69.80 58.51
CA VAL C 130 6.98 70.52 57.81
C VAL C 130 7.60 71.52 58.75
N TYR C 131 8.92 71.43 58.94
CA TYR C 131 9.64 72.39 59.77
C TYR C 131 10.70 73.06 58.92
N PRO C 132 10.77 74.40 58.91
CA PRO C 132 11.87 75.05 58.20
C PRO C 132 13.06 75.27 59.13
N LEU C 133 14.25 75.14 58.58
CA LEU C 133 15.48 75.36 59.32
C LEU C 133 16.18 76.60 58.81
N ALA C 134 16.88 77.26 59.72
CA ALA C 134 17.52 78.54 59.47
C ALA C 134 18.96 78.42 59.94
N PRO C 135 19.89 79.17 59.36
CA PRO C 135 21.29 79.06 59.77
C PRO C 135 21.49 79.55 61.19
N VAL C 136 22.52 79.01 61.84
CA VAL C 136 22.86 79.38 63.20
C VAL C 136 23.21 80.87 63.24
N CYS C 137 22.67 81.56 64.24
CA CYS C 137 22.79 83.01 64.34
C CYS C 137 24.22 83.44 64.62
N GLY C 138 24.49 84.71 64.34
CA GLY C 138 25.81 85.26 64.60
C GLY C 138 26.67 85.39 63.37
N ASP C 139 27.62 84.47 63.20
CA ASP C 139 28.66 84.60 62.20
C ASP C 139 28.26 83.95 60.89
N THR C 140 28.77 84.52 59.79
CA THR C 140 28.71 83.90 58.47
C THR C 140 30.15 83.80 57.95
N THR C 141 30.56 82.58 57.63
CA THR C 141 31.97 82.34 57.30
C THR C 141 32.30 82.65 55.84
N GLY C 142 31.34 83.04 55.02
CA GLY C 142 31.62 83.30 53.63
C GLY C 142 30.37 83.75 52.90
N SER C 143 30.45 83.67 51.57
CA SER C 143 29.34 84.07 50.72
C SER C 143 28.28 82.98 50.61
N SER C 144 28.68 81.71 50.67
CA SER C 144 27.72 80.63 50.57
C SER C 144 26.96 80.47 51.88
N VAL C 145 25.64 80.30 51.77
CA VAL C 145 24.78 80.04 52.91
C VAL C 145 23.82 78.92 52.54
N THR C 146 23.58 78.02 53.49
CA THR C 146 22.81 76.81 53.25
C THR C 146 21.52 76.87 54.05
N LEU C 147 20.43 76.48 53.40
CA LEU C 147 19.10 76.46 54.00
C LEU C 147 18.49 75.11 53.72
N GLY C 148 17.29 74.90 54.24
CA GLY C 148 16.59 73.66 53.95
C GLY C 148 15.58 73.26 54.99
N CYS C 149 14.42 72.80 54.55
CA CYS C 149 13.37 72.37 55.46
C CYS C 149 13.28 70.87 55.52
N LEU C 150 12.79 70.36 56.64
CA LEU C 150 12.61 68.93 56.78
C LEU C 150 11.13 68.63 56.87
N VAL C 151 10.78 67.38 56.58
CA VAL C 151 9.42 66.89 56.58
C VAL C 151 9.41 65.63 57.41
N LYS C 152 8.60 65.60 58.45
CA LYS C 152 8.63 64.54 59.43
C LYS C 152 7.28 63.83 59.51
N GLY C 153 7.33 62.55 59.85
CA GLY C 153 6.16 61.83 60.32
C GLY C 153 5.15 61.44 59.28
N TYR C 154 5.37 61.75 58.01
CA TYR C 154 4.32 61.56 57.02
C TYR C 154 4.18 60.09 56.64
N PHE C 155 3.14 59.82 55.88
CA PHE C 155 2.78 58.53 55.32
C PHE C 155 1.67 58.79 54.31
N PRO C 156 1.65 58.11 53.16
CA PRO C 156 2.68 57.26 52.59
C PRO C 156 3.50 58.01 51.58
N GLU C 157 4.50 57.35 51.02
CA GLU C 157 5.31 57.92 49.97
C GLU C 157 4.48 58.19 48.72
N PRO C 158 4.85 59.18 47.90
CA PRO C 158 5.94 60.14 48.00
C PRO C 158 5.49 61.51 48.45
N VAL C 159 6.43 62.44 48.45
CA VAL C 159 6.18 63.84 48.72
C VAL C 159 6.99 64.62 47.70
N THR C 160 6.32 65.46 46.92
CA THR C 160 7.01 66.24 45.90
C THR C 160 7.42 67.55 46.52
N LEU C 161 8.53 67.50 47.25
CA LEU C 161 9.10 68.73 47.80
C LEU C 161 9.73 69.51 46.66
N THR C 162 9.49 70.82 46.64
CA THR C 162 9.86 71.64 45.50
C THR C 162 10.15 73.04 45.98
N TRP C 163 11.32 73.55 45.64
CA TRP C 163 11.77 74.85 46.12
C TRP C 163 11.31 75.93 45.16
N ASN C 164 10.54 76.89 45.70
CA ASN C 164 10.17 78.14 45.05
C ASN C 164 9.41 77.88 43.75
N SER C 165 8.54 76.86 43.78
CA SER C 165 7.73 76.39 42.65
C SER C 165 8.56 75.98 41.45
N GLY C 166 9.78 75.49 41.69
CA GLY C 166 10.63 75.05 40.61
C GLY C 166 11.48 76.12 39.96
N SER C 167 11.47 77.33 40.50
CA SER C 167 12.31 78.41 40.01
C SER C 167 13.67 78.44 40.68
N LEU C 168 14.12 77.32 41.23
CA LEU C 168 15.42 77.23 41.87
C LEU C 168 15.91 75.79 41.77
N SER C 169 16.93 75.57 40.96
CA SER C 169 17.58 74.27 40.88
C SER C 169 19.09 74.45 40.84
N SER C 170 19.60 75.32 41.71
CA SER C 170 21.01 75.66 41.73
C SER C 170 21.62 75.29 43.08
N GLY C 171 21.36 74.07 43.54
CA GLY C 171 21.82 73.66 44.84
C GLY C 171 20.81 72.82 45.60
N VAL C 172 19.72 72.46 44.93
CA VAL C 172 18.68 71.66 45.56
C VAL C 172 19.11 70.21 45.60
N HIS C 173 19.39 69.70 46.80
CA HIS C 173 19.55 68.28 47.04
C HIS C 173 18.33 67.77 47.77
N THR C 174 17.86 66.59 47.41
CA THR C 174 16.71 65.98 48.06
C THR C 174 17.07 64.58 48.47
N PHE C 175 17.32 64.40 49.74
CA PHE C 175 17.78 63.15 50.29
C PHE C 175 16.61 62.18 50.41
N PRO C 176 16.83 60.90 50.18
CA PRO C 176 15.71 59.95 50.10
C PRO C 176 15.05 59.71 51.45
N ALA C 177 13.84 59.18 51.39
CA ALA C 177 12.99 59.07 52.55
C ALA C 177 13.40 57.88 53.41
N VAL C 178 13.55 58.11 54.70
CA VAL C 178 14.02 57.10 55.65
C VAL C 178 12.81 56.68 56.48
N LEU C 179 12.89 55.49 57.05
CA LEU C 179 11.81 54.97 57.88
C LEU C 179 12.21 55.00 59.35
N GLN C 180 11.28 55.43 60.21
CA GLN C 180 11.52 55.43 61.64
C GLN C 180 10.19 55.21 62.37
N SER C 181 10.03 54.00 62.92
CA SER C 181 8.83 53.54 63.63
C SER C 181 7.58 53.72 62.76
N ASP C 182 7.60 53.03 61.61
CA ASP C 182 6.62 53.08 60.51
C ASP C 182 6.08 54.48 60.22
N LEU C 183 6.99 55.45 60.20
CA LEU C 183 6.70 56.79 59.71
C LEU C 183 7.92 57.28 58.93
N TYR C 184 7.73 58.25 58.06
CA TYR C 184 8.77 58.62 57.12
C TYR C 184 9.40 59.95 57.48
N THR C 185 10.49 60.28 56.79
CA THR C 185 11.21 61.52 57.03
C THR C 185 11.98 61.86 55.77
N LEU C 186 11.82 63.09 55.28
CA LEU C 186 12.50 63.50 54.06
C LEU C 186 13.04 64.90 54.26
N SER C 187 14.29 65.11 53.92
CA SER C 187 14.92 66.40 54.12
C SER C 187 15.41 66.96 52.80
N SER C 188 15.72 68.25 52.78
CA SER C 188 16.24 68.89 51.59
C SER C 188 17.08 70.09 51.99
N SER C 189 17.83 70.62 51.02
CA SER C 189 18.77 71.69 51.32
C SER C 189 19.12 72.44 50.04
N VAL C 190 19.38 73.73 50.19
CA VAL C 190 19.74 74.60 49.06
C VAL C 190 20.90 75.48 49.50
N THR C 191 21.86 75.69 48.62
CA THR C 191 22.97 76.59 48.88
C THR C 191 22.87 77.80 47.96
N VAL C 192 22.65 78.96 48.57
CA VAL C 192 22.52 80.21 47.82
C VAL C 192 23.61 81.14 48.31
N THR C 193 23.83 82.23 47.58
CA THR C 193 24.88 83.18 47.92
C THR C 193 24.42 84.10 49.06
N SER C 194 25.33 84.99 49.46
CA SER C 194 25.05 85.94 50.54
C SER C 194 24.25 87.14 50.09
N SER C 195 23.97 87.27 48.79
CA SER C 195 23.23 88.42 48.30
C SER C 195 21.72 88.23 48.34
N THR C 196 21.25 87.00 48.10
CA THR C 196 19.81 86.77 48.05
C THR C 196 19.21 86.66 49.44
N TRP C 197 19.90 86.02 50.34
CA TRP C 197 19.33 85.75 51.64
C TRP C 197 20.01 86.58 52.71
N PRO C 198 19.27 87.18 53.65
CA PRO C 198 17.81 87.12 53.79
C PRO C 198 17.09 88.23 53.06
N SER C 199 17.66 88.71 51.96
CA SER C 199 17.09 89.83 51.24
C SER C 199 15.96 89.43 50.30
N GLN C 200 15.78 88.15 50.03
CA GLN C 200 14.75 87.69 49.11
C GLN C 200 13.87 86.64 49.78
N SER C 201 12.81 86.27 49.08
CA SER C 201 11.83 85.31 49.57
C SER C 201 12.15 83.93 49.04
N ILE C 202 12.27 82.97 49.94
CA ILE C 202 12.51 81.57 49.56
C ILE C 202 11.62 80.69 50.43
N THR C 203 10.88 79.77 49.80
CA THR C 203 9.85 79.03 50.48
C THR C 203 9.92 77.55 50.12
N CYS C 204 9.70 76.69 51.11
CA CYS C 204 9.42 75.29 50.81
C CYS C 204 7.97 75.12 50.41
N ASN C 205 7.75 74.23 49.44
CA ASN C 205 6.41 73.95 48.90
C ASN C 205 6.21 72.45 48.92
N VAL C 206 5.71 71.94 50.04
CA VAL C 206 5.48 70.51 50.21
C VAL C 206 4.12 70.18 49.66
N ALA C 207 4.05 69.23 48.73
CA ALA C 207 2.79 68.90 48.06
C ALA C 207 2.53 67.41 48.20
N HIS C 208 1.89 67.03 49.30
CA HIS C 208 1.56 65.63 49.52
C HIS C 208 0.27 65.29 48.80
N PRO C 209 0.26 64.32 47.88
CA PRO C 209 -0.97 64.02 47.14
C PRO C 209 -1.95 63.15 47.91
N ALA C 210 -1.46 62.26 48.78
CA ALA C 210 -2.32 61.29 49.44
C ALA C 210 -3.18 61.90 50.54
N SER C 211 -3.00 63.18 50.85
CA SER C 211 -4.00 63.95 51.59
C SER C 211 -4.23 65.29 50.91
N SER C 212 -3.66 65.48 49.72
CA SER C 212 -3.81 66.69 48.88
C SER C 212 -3.36 67.96 49.61
N THR C 213 -2.38 67.85 50.49
CA THR C 213 -1.96 68.96 51.32
C THR C 213 -0.87 69.76 50.63
N LYS C 214 -1.05 71.07 50.56
CA LYS C 214 -0.08 71.97 49.94
C LYS C 214 0.37 72.98 50.98
N VAL C 215 1.59 72.82 51.48
CA VAL C 215 2.15 73.64 52.54
C VAL C 215 3.23 74.52 51.95
N ASP C 216 3.22 75.79 52.31
CA ASP C 216 4.29 76.72 51.96
C ASP C 216 4.88 77.29 53.24
N LYS C 217 6.18 77.19 53.39
CA LYS C 217 6.88 77.72 54.56
C LYS C 217 7.92 78.73 54.11
N LYS C 218 7.86 79.94 54.64
CA LYS C 218 8.89 80.95 54.40
C LYS C 218 9.96 80.83 55.47
N ILE C 219 11.21 80.72 55.04
CA ILE C 219 12.33 80.54 55.94
C ILE C 219 12.82 81.91 56.38
N GLU C 220 12.80 82.14 57.69
CA GLU C 220 13.13 83.41 58.30
C GLU C 220 14.37 83.26 59.16
N PRO C 221 15.18 84.31 59.32
CA PRO C 221 16.38 84.19 60.14
C PRO C 221 16.05 84.15 61.62
N ARG C 222 16.89 83.45 62.37
CA ARG C 222 16.85 83.53 63.82
C ARG C 222 17.65 84.74 64.25
N GLY C 223 16.99 85.71 64.87
CA GLY C 223 17.62 86.95 65.23
C GLY C 223 18.33 86.84 66.56
N PRO C 224 17.99 87.73 67.50
CA PRO C 224 18.55 87.60 68.85
C PRO C 224 18.03 86.39 69.60
N THR C 225 16.78 86.00 69.35
CA THR C 225 16.20 84.83 69.99
C THR C 225 16.74 83.55 69.37
C1 NAG D . 25.10 15.18 45.89
C2 NAG D . 25.68 14.36 47.02
C3 NAG D . 26.80 15.08 47.69
C4 NAG D . 27.85 15.49 46.72
C5 NAG D . 27.25 16.33 45.57
C6 NAG D . 28.34 16.58 44.58
C7 NAG D . 24.15 15.13 48.96
C8 NAG D . 23.06 14.84 49.98
N2 NAG D . 24.60 14.07 48.02
O3 NAG D . 27.40 14.19 48.70
O4 NAG D . 28.82 16.28 47.41
O5 NAG D . 26.16 15.64 44.92
O6 NAG D . 29.50 16.94 45.27
O7 NAG D . 24.65 16.20 48.91
C1 NAG E . 18.24 14.78 56.32
C2 NAG E . 17.78 14.52 57.73
C3 NAG E . 16.90 15.61 58.23
C4 NAG E . 17.53 16.96 58.14
C5 NAG E . 18.12 17.26 56.74
C6 NAG E . 19.00 18.45 56.84
C7 NAG E . 15.85 12.73 57.16
C8 NAG E . 15.32 11.33 57.45
N2 NAG E . 17.08 13.18 57.87
O3 NAG E . 16.56 15.34 59.64
O4 NAG E . 16.55 17.95 58.43
O5 NAG E . 18.90 16.15 56.20
O6 NAG E . 20.30 18.06 56.45
O7 NAG E . 15.28 13.41 56.39
C1 NAG F . 8.12 16.82 50.02
C2 NAG F . 6.68 16.70 50.48
C3 NAG F . 6.36 17.58 51.65
C4 NAG F . 7.33 17.39 52.77
C5 NAG F . 8.78 17.57 52.30
C6 NAG F . 9.70 17.25 53.43
C7 NAG F . 5.58 18.22 48.56
C8 NAG F . 4.56 18.26 47.41
N2 NAG F . 5.73 16.94 49.32
O3 NAG F . 5.01 17.30 52.14
O4 NAG F . 7.04 18.35 53.80
O5 NAG F . 9.10 16.71 51.18
O6 NAG F . 11.02 17.54 53.03
O7 NAG F . 6.18 19.19 48.81
C1 CLR G . -7.70 -0.68 33.89
C2 CLR G . -7.58 0.35 35.01
C3 CLR G . -6.35 1.22 34.79
C4 CLR G . -6.53 2.00 33.49
C5 CLR G . -6.74 1.01 32.36
C6 CLR G . -6.32 1.36 31.19
C7 CLR G . -6.49 0.53 29.96
C8 CLR G . -7.73 -0.37 30.05
C9 CLR G . -7.76 -1.04 31.42
C10 CLR G . -7.82 0.00 32.52
C11 CLR G . -8.95 -1.99 31.51
C12 CLR G . -8.94 -3.02 30.37
C13 CLR G . -8.82 -2.37 28.98
C14 CLR G . -7.53 -1.51 29.07
C15 CLR G . -7.30 -1.10 27.62
C16 CLR G . -7.73 -2.36 26.82
C17 CLR G . -8.54 -3.27 27.78
C18 CLR G . -10.00 -1.43 28.67
C19 CLR G . -9.15 0.74 32.40
C20 CLR G . -9.76 -3.87 27.03
C21 CLR G . -10.37 -5.06 27.79
C22 CLR G . -9.32 -4.37 25.64
C23 CLR G . -10.27 -5.36 24.98
C24 CLR G . -9.45 -6.54 24.44
C25 CLR G . -10.32 -7.43 23.53
C26 CLR G . -11.44 -8.08 24.34
C27 CLR G . -10.89 -6.61 22.38
O1 CLR G . -6.21 2.14 35.88
C1 CLR H . -3.37 -3.12 37.82
C2 CLR H . -3.27 -2.25 39.08
C3 CLR H . -1.82 -1.80 39.28
C4 CLR H . -1.48 -0.86 38.12
C5 CLR H . -1.65 -1.65 36.84
C6 CLR H . -0.76 -1.48 35.92
C7 CLR H . -0.74 -2.28 34.66
C8 CLR H . -2.16 -2.59 34.20
C9 CLR H . -2.87 -3.27 35.37
C10 CLR H . -2.94 -2.33 36.58
C11 CLR H . -4.25 -3.73 34.92
C12 CLR H . -4.17 -4.67 33.71
C13 CLR H . -3.43 -4.01 32.55
C14 CLR H . -2.04 -3.61 33.09
C15 CLR H . -1.32 -3.11 31.84
C16 CLR H . -1.90 -4.01 30.72
C17 CLR H . -3.02 -4.88 31.36
C18 CLR H . -4.18 -2.77 32.08
C19 CLR H . -3.97 -1.25 36.31
C20 CLR H . -4.15 -5.19 30.37
C21 CLR H . -4.77 -6.56 30.67
C22 CLR H . -3.67 -5.30 28.93
C23 CLR H . -4.54 -4.44 28.02
C24 CLR H . -5.45 -5.31 27.17
C25 CLR H . -4.65 -6.09 26.13
C26 CLR H . -5.61 -6.90 25.25
C27 CLR H . -3.90 -5.11 25.22
O1 CLR H . -1.70 -1.11 40.53
C1 CLR I . 7.75 -19.40 11.50
C2 CLR I . 7.45 -19.66 10.02
C3 CLR I . 6.86 -18.43 9.37
C4 CLR I . 7.90 -17.32 9.37
C5 CLR I . 8.37 -17.09 10.80
C6 CLR I . 8.66 -15.88 11.14
C7 CLR I . 9.28 -15.48 12.44
C8 CLR I . 9.89 -16.68 13.17
C9 CLR I . 8.94 -17.87 13.09
C10 CLR I . 8.77 -18.27 11.64
C11 CLR I . 9.47 -19.02 13.95
C12 CLR I . 9.73 -18.61 15.41
C13 CLR I . 10.67 -17.40 15.47
C14 CLR I . 9.99 -16.30 14.63
C15 CLR I . 10.86 -15.08 14.92
C16 CLR I . 11.00 -15.18 16.45
C17 CLR I . 10.87 -16.69 16.82
C18 CLR I . 12.01 -17.78 14.83
C19 CLR I . 10.12 -18.77 11.15
C20 CLR I . 12.07 -17.20 17.64
C21 CLR I . 11.61 -18.30 18.59
C22 CLR I . 12.74 -16.09 18.48
C23 CLR I . 14.13 -16.52 18.94
C24 CLR I . 14.19 -16.43 20.46
C25 CLR I . 15.63 -16.57 20.96
C26 CLR I . 16.25 -17.89 20.49
C27 CLR I . 15.62 -16.54 22.49
O1 CLR I . 6.51 -18.72 8.02
C1 CLR J . 3.79 -14.45 11.67
C2 CLR J . 2.79 -14.36 10.52
C3 CLR J . 2.54 -15.73 9.90
C4 CLR J . 1.89 -16.61 10.97
C5 CLR J . 2.84 -16.69 12.16
C6 CLR J . 2.80 -17.78 12.86
C7 CLR J . 3.63 -17.99 14.09
C8 CLR J . 3.89 -16.67 14.83
C9 CLR J . 4.34 -15.61 13.83
C10 CLR J . 3.28 -15.40 12.77
C11 CLR J . 4.66 -14.31 14.56
C12 CLR J . 5.73 -14.51 15.65
C13 CLR J . 5.34 -15.64 16.62
C14 CLR J . 5.06 -16.90 15.76
C15 CLR J . 4.85 -17.98 16.82
C16 CLR J . 6.00 -17.67 17.80
C17 CLR J . 6.40 -16.17 17.61
C18 CLR J . 4.06 -15.27 17.37
C19 CLR J . 2.04 -14.81 13.45
C20 CLR J . 6.50 -15.49 18.99
C21 CLR J . 7.21 -14.13 18.94
C22 CLR J . 7.36 -16.33 19.93
C23 CLR J . 6.68 -16.55 21.27
C24 CLR J . 7.50 -17.56 22.08
C25 CLR J . 6.84 -17.84 23.42
C26 CLR J . 5.46 -18.47 23.21
C27 CLR J . 7.72 -18.82 24.22
O1 CLR J . 1.64 -15.61 8.79
C1 CLR K . 24.16 19.03 9.93
C2 CLR K . 25.56 19.21 10.56
C3 CLR K . 25.80 18.14 11.61
C4 CLR K . 25.81 16.77 10.92
C5 CLR K . 24.49 16.59 10.20
C6 CLR K . 24.00 15.41 10.15
C7 CLR K . 22.83 15.03 9.29
C8 CLR K . 22.69 16.00 8.12
C9 CLR K . 22.70 17.43 8.68
C10 CLR K . 24.08 17.67 9.25
C11 CLR K . 22.33 18.46 7.63
C12 CLR K . 21.07 18.11 6.83
C13 CLR K . 21.15 16.71 6.23
C14 CLR K . 21.36 15.74 7.43
C15 CLR K . 21.26 14.36 6.78
C16 CLR K . 20.19 14.57 5.68
C17 CLR K . 19.92 16.08 5.56
C18 CLR K . 22.36 16.59 5.28
C19 CLR K . 25.05 17.63 8.06
C20 CLR K . 19.71 16.52 4.08
C21 CLR K . 18.84 17.78 4.01
C22 CLR K . 19.15 15.41 3.17
C23 CLR K . 17.62 15.28 3.18
C24 CLR K . 17.03 15.54 1.78
C25 CLR K . 17.53 14.49 0.80
C26 CLR K . 16.51 13.36 0.77
C27 CLR K . 17.66 15.11 -0.59
O1 CLR K . 27.08 18.36 12.23
C1 CLR L . -6.76 14.61 23.19
C2 CLR L . -6.19 15.86 23.84
C3 CLR L . -5.82 16.85 22.75
C4 CLR L . -7.11 17.31 22.05
C5 CLR L . -7.86 16.09 21.53
C6 CLR L . -8.59 16.25 20.46
C7 CLR L . -9.44 15.17 19.87
C8 CLR L . -9.80 14.10 20.92
C9 CLR L . -8.53 13.70 21.67
C10 CLR L . -8.05 14.91 22.43
C11 CLR L . -8.82 12.53 22.60
C12 CLR L . -9.54 11.35 21.93
C13 CLR L . -10.81 11.81 21.21
C14 CLR L . -10.34 12.88 20.20
C15 CLR L . -11.60 13.13 19.36
C16 CLR L . -12.06 11.67 19.10
C17 CLR L . -11.52 10.80 20.28
C18 CLR L . -11.80 12.45 22.20
C19 CLR L . -9.13 15.27 23.46
C20 CLR L . -12.68 9.99 20.90
C21 CLR L . -12.17 8.81 21.73
C22 CLR L . -13.59 9.38 19.82
C23 CLR L . -15.04 9.34 20.31
C24 CLR L . -15.96 9.03 19.13
C25 CLR L . -17.16 9.97 19.14
C26 CLR L . -17.63 10.24 17.70
C27 CLR L . -18.30 9.32 19.92
O1 CLR L . -5.20 17.98 23.35
C1 CLR M . -14.33 5.46 32.84
C2 CLR M . -14.91 6.55 33.76
C3 CLR M . -14.39 7.91 33.31
C4 CLR M . -15.01 8.22 31.95
C5 CLR M . -14.60 7.13 30.97
C6 CLR M . -14.46 7.46 29.73
C7 CLR M . -14.06 6.51 28.64
C8 CLR M . -14.44 5.06 29.01
C9 CLR M . -14.00 4.78 30.45
C10 CLR M . -14.76 5.69 31.39
C11 CLR M . -14.21 3.30 30.80
C12 CLR M . -13.58 2.35 29.79
C13 CLR M . -14.06 2.64 28.36
C14 CLR M . -13.67 4.12 28.09
C15 CLR M . -14.00 4.28 26.61
C16 CLR M . -13.40 2.96 26.03
C17 CLR M . -13.37 1.92 27.19
C18 CLR M . -15.59 2.50 28.27
C19 CLR M . -16.25 5.35 31.26
C20 CLR M . -14.04 0.59 26.76
C21 CLR M . -13.51 -0.58 27.58
C22 CLR M . -13.78 0.25 25.28
C23 CLR M . -14.65 -0.93 24.86
C24 CLR M . -13.90 -1.80 23.87
C25 CLR M . -14.65 -3.13 23.68
C26 CLR M . -15.30 -3.17 22.29
C27 CLR M . -13.68 -4.29 23.83
O1 CLR M . -14.78 8.91 34.25
C1 CLR N . 1.02 -8.17 39.83
C2 CLR N . 1.20 -7.47 41.18
C3 CLR N . 1.91 -6.13 40.97
C4 CLR N . 0.99 -5.22 40.16
C5 CLR N . 0.67 -5.91 38.85
C6 CLR N . 0.52 -5.15 37.81
C7 CLR N . 0.02 -5.63 36.47
C8 CLR N . -0.63 -7.01 36.55
C9 CLR N . 0.13 -7.93 37.50
C10 CLR N . 0.17 -7.32 38.89
C11 CLR N . -0.51 -9.31 37.51
C12 CLR N . -0.59 -9.93 36.09
C13 CLR N . -1.27 -8.98 35.09
C14 CLR N . -0.50 -7.64 35.17
C15 CLR N . -1.12 -6.84 34.03
C16 CLR N . -1.19 -7.89 32.91
C17 CLR N . -1.13 -9.29 33.59
C18 CLR N . -2.74 -8.74 35.50
C19 CLR N . -1.27 -7.29 39.42
C20 CLR N . -2.18 -10.19 32.90
C21 CLR N . -2.16 -11.66 33.34
C22 CLR N . -1.84 -10.24 31.41
C23 CLR N . -3.07 -10.09 30.53
C24 CLR N . -2.64 -9.85 29.09
C25 CLR N . -3.15 -11.00 28.21
C26 CLR N . -3.38 -10.51 26.78
C27 CLR N . -2.12 -12.12 28.20
O1 CLR N . 2.18 -5.52 42.23
C1 CLR O . 4.46 -8.22 36.41
C2 CLR O . 5.50 -7.49 37.26
C3 CLR O . 5.72 -8.24 38.59
C4 CLR O . 6.36 -9.58 38.24
C5 CLR O . 5.42 -10.32 37.32
C6 CLR O . 5.40 -11.62 37.43
C7 CLR O . 4.55 -12.50 36.56
C8 CLR O . 4.31 -11.87 35.19
C9 CLR O . 3.84 -10.42 35.37
C10 CLR O . 4.93 -9.64 36.08
C11 CLR O . 3.47 -9.81 34.02
C12 CLR O . 2.50 -10.67 33.18
C13 CLR O . 2.98 -12.12 33.06
C14 CLR O . 3.19 -12.64 34.52
C15 CLR O . 3.46 -14.13 34.32
C16 CLR O . 2.42 -14.50 33.24
C17 CLR O . 2.02 -13.19 32.50
C18 CLR O . 4.32 -12.18 32.34
C19 CLR O . 6.12 -9.57 35.12
C20 CLR O . 2.07 -13.33 30.96
C21 CLR O . 0.97 -12.47 30.36
C22 CLR O . 1.85 -14.77 30.47
C23 CLR O . 3.07 -15.26 29.68
C24 CLR O . 2.97 -14.81 28.23
C25 CLR O . 3.87 -15.70 27.37
C26 CLR O . 3.07 -16.20 26.17
C27 CLR O . 5.07 -14.90 26.86
O1 CLR O . 6.56 -7.49 39.45
C1 CLR P . 15.32 25.90 6.53
C2 CLR P . 16.24 26.77 7.39
C3 CLR P . 16.91 25.95 8.49
C4 CLR P . 17.78 24.86 7.84
C5 CLR P . 16.93 24.05 6.87
C6 CLR P . 17.22 22.80 6.74
C7 CLR P . 16.53 21.91 5.76
C8 CLR P . 16.10 22.72 4.54
C9 CLR P . 15.23 23.87 5.05
C10 CLR P . 16.13 24.80 5.84
C11 CLR P . 14.55 24.60 3.88
C12 CLR P . 13.94 23.68 2.81
C13 CLR P . 14.91 22.60 2.34
C14 CLR P . 15.29 21.84 3.63
C15 CLR P . 16.05 20.63 3.07
C16 CLR P . 15.17 20.22 1.87
C17 CLR P . 14.36 21.47 1.43
C18 CLR P . 16.18 23.21 1.73
C19 CLR P . 17.12 25.41 4.85
C20 CLR P . 14.49 21.72 -0.09
C21 CLR P . 13.38 22.63 -0.63
C22 CLR P . 14.53 20.42 -0.91
C23 CLR P . 13.13 19.81 -1.15
C24 CLR P . 13.05 19.18 -2.53
C25 CLR P . 12.49 20.18 -3.55
C26 CLR P . 12.52 19.55 -4.93
C27 CLR P . 11.05 20.55 -3.20
O1 CLR P . 17.77 26.80 9.25
C1 CLR Q . 23.05 -4.35 22.04
C2 CLR Q . 23.71 -3.11 22.65
C3 CLR Q . 23.68 -3.18 24.17
C4 CLR Q . 24.54 -4.37 24.61
C5 CLR Q . 24.04 -5.63 23.94
C6 CLR Q . 24.19 -6.74 24.60
C7 CLR Q . 23.91 -8.10 24.03
C8 CLR Q . 23.82 -8.10 22.50
C9 CLR Q . 23.06 -6.87 22.02
C10 CLR Q . 23.80 -5.62 22.46
C11 CLR Q . 22.88 -6.93 20.50
C12 CLR Q . 22.19 -8.23 20.04
C13 CLR Q . 22.94 -9.46 20.54
C14 CLR Q . 23.02 -9.31 22.08
C15 CLR Q . 23.61 -10.65 22.52
C16 CLR Q . 22.80 -11.63 21.65
C17 CLR Q . 22.29 -10.86 20.39
C18 CLR Q . 24.37 -9.46 19.95
C19 CLR Q . 25.16 -5.62 21.76
C20 CLR Q . 22.62 -11.66 19.10
C21 CLR Q . 21.77 -11.15 17.93
C22 CLR Q . 22.40 -13.17 19.31
C23 CLR Q . 21.92 -13.97 18.09
C24 CLR Q . 20.95 -15.07 18.54
C25 CLR Q . 20.28 -15.77 17.36
C26 CLR Q . 19.21 -16.72 17.90
C27 CLR Q . 19.61 -14.74 16.44
O1 CLR Q . 24.23 -1.98 24.71
C1 CLR R . 24.08 2.04 17.19
C2 CLR R . 24.87 3.19 17.80
C3 CLR R . 24.59 3.29 19.30
C4 CLR R . 25.09 2.01 19.98
C5 CLR R . 24.49 0.79 19.30
C6 CLR R . 24.32 -0.27 20.02
C7 CLR R . 23.67 -1.53 19.51
C8 CLR R . 23.92 -1.72 18.01
C9 CLR R . 23.65 -0.42 17.26
C10 CLR R . 24.53 0.71 17.80
C11 CLR R . 23.86 -0.60 15.76
C12 CLR R . 23.13 -1.82 15.18
C13 CLR R . 23.30 -3.11 16.00
C14 CLR R . 22.91 -2.73 17.46
C15 CLR R . 22.89 -4.09 18.14
C16 CLR R . 22.11 -4.93 17.10
C17 CLR R . 22.34 -4.28 15.71
C18 CLR R . 24.77 -3.55 15.99
C19 CLR R . 25.97 0.43 17.39
C20 CLR R . 22.82 -5.33 14.68
C21 CLR R . 22.66 -4.87 13.22
C22 CLR R . 22.02 -6.64 14.82
C23 CLR R . 22.60 -7.72 13.91
C24 CLR R . 22.01 -9.06 14.31
C25 CLR R . 22.76 -10.21 13.63
C26 CLR R . 22.19 -11.53 14.11
C27 CLR R . 24.24 -10.15 13.99
O1 CLR R . 25.28 4.42 19.84
C1 CLR S . 14.82 -11.64 35.83
C2 CLR S . 15.38 -11.29 37.20
C3 CLR S . 14.35 -11.64 38.27
C4 CLR S . 14.15 -13.16 38.28
C5 CLR S . 13.76 -13.62 36.88
C6 CLR S . 12.98 -14.65 36.79
C7 CLR S . 12.44 -15.16 35.49
C8 CLR S . 13.43 -14.92 34.34
C9 CLR S . 13.93 -13.47 34.38
C10 CLR S . 14.57 -13.15 35.71
C11 CLR S . 14.87 -13.19 33.21
C12 CLR S . 14.34 -13.63 31.84
C13 CLR S . 13.79 -15.06 31.86
C14 CLR S . 12.74 -15.09 33.00
C15 CLR S . 12.05 -16.44 32.75
C16 CLR S . 11.90 -16.47 31.20
C17 CLR S . 12.98 -15.50 30.64
C18 CLR S . 14.90 -16.07 32.19
C19 CLR S . 15.92 -13.88 35.78
C20 CLR S . 13.87 -16.13 29.53
C21 CLR S . 14.09 -15.09 28.42
C22 CLR S . 13.32 -17.42 28.91
C23 CLR S . 14.32 -17.97 27.90
C24 CLR S . 14.64 -19.43 28.20
C25 CLR S . 15.76 -19.92 27.28
C26 CLR S . 16.32 -21.25 27.80
C27 CLR S . 15.23 -20.11 25.86
O1 CLR S . 14.86 -11.21 39.54
C1 CLR T . 9.69 30.19 7.11
C2 CLR T . 10.45 31.01 8.16
C3 CLR T . 11.10 30.08 9.19
C4 CLR T . 12.12 29.18 8.48
C5 CLR T . 11.44 28.44 7.34
C6 CLR T . 11.96 27.31 6.98
C7 CLR T . 11.43 26.48 5.84
C8 CLR T . 10.76 27.34 4.77
C9 CLR T . 9.85 28.36 5.43
C10 CLR T . 10.64 29.25 6.36
C11 CLR T . 9.10 29.18 4.39
C12 CLR T . 8.26 28.29 3.47
C13 CLR T . 9.14 27.22 2.80
C14 CLR T . 9.88 26.43 3.92
C15 CLR T . 10.59 25.32 3.15
C16 CLR T . 9.58 24.98 2.03
C17 CLR T . 8.45 26.05 2.08
C18 CLR T . 10.17 27.88 1.88
C19 CLR T . 11.62 30.05 5.50
C20 CLR T . 7.88 26.42 0.69
C21 CLR T . 6.38 26.74 0.80
C22 CLR T . 8.17 25.34 -0.38
C23 CLR T . 6.95 24.66 -1.02
C24 CLR T . 7.37 23.87 -2.27
C25 CLR T . 7.32 24.66 -3.58
C26 CLR T . 6.37 25.87 -3.57
C27 CLR T . 8.72 25.08 -4.03
O1 CLR T . 11.79 30.87 10.16
C1 CLR U . -27.38 -7.82 10.14
C2 CLR U . -27.58 -8.73 8.92
C3 CLR U . -27.92 -7.90 7.68
C4 CLR U . -26.68 -7.06 7.35
C5 CLR U . -26.38 -6.19 8.55
C6 CLR U . -26.08 -4.96 8.31
C7 CLR U . -25.83 -3.95 9.39
C8 CLR U . -25.28 -4.61 10.66
C9 CLR U . -26.17 -5.80 11.04
C10 CLR U . -26.24 -6.83 9.90
C11 CLR U . -25.70 -6.41 12.37
C12 CLR U . -25.55 -5.37 13.49
C13 CLR U . -24.72 -4.15 13.07
C14 CLR U . -25.40 -3.60 11.79
C15 CLR U . -24.68 -2.27 11.56
C16 CLR U . -24.53 -1.71 13.00
C17 CLR U . -24.72 -2.91 13.98
C18 CLR U . -23.30 -4.57 12.73
C19 CLR U . -24.92 -7.62 9.88
C20 CLR U . -23.65 -2.95 15.10
C21 CLR U . -24.30 -3.52 16.38
C22 CLR U . -23.00 -1.57 15.35
C23 CLR U . -22.74 -1.20 16.83
C24 CLR U . -23.39 0.15 17.11
C25 CLR U . -23.71 0.27 18.60
C26 CLR U . -22.42 0.47 19.39
C27 CLR U . -24.63 1.47 18.83
O1 CLR U . -28.21 -8.76 6.59
C1 CLR V . -30.78 -1.55 6.03
C2 CLR V . -31.68 -2.75 5.71
C3 CLR V . -30.92 -4.03 6.05
C4 CLR V . -30.81 -4.09 7.57
C5 CLR V . -30.02 -2.87 8.01
C6 CLR V . -29.25 -3.03 9.05
C7 CLR V . -28.43 -1.92 9.66
C8 CLR V . -28.88 -0.53 9.22
C9 CLR V . -29.25 -0.54 7.73
C10 CLR V . -30.39 -1.52 7.50
C11 CLR V . -29.62 0.86 7.27
C12 CLR V . -28.55 1.92 7.63
C13 CLR V . -28.17 1.88 9.10
C14 CLR V . -27.71 0.42 9.38
C15 CLR V . -27.11 0.53 10.78
C16 CLR V . -26.26 1.81 10.65
C17 CLR V . -26.93 2.69 9.56
C18 CLR V . -29.40 2.17 9.99
C19 CLR V . -31.60 -1.03 8.30
C20 CLR V . -27.25 4.11 10.09
C21 CLR V . -27.35 5.13 8.95
C22 CLR V . -26.27 4.61 11.17
C23 CLR V . -25.00 5.26 10.62
C24 CLR V . -24.33 6.10 11.72
C25 CLR V . -23.25 7.03 11.16
C26 CLR V . -22.02 6.23 10.71
C27 CLR V . -23.80 7.86 10.00
O1 CLR V . -31.65 -5.17 5.58
O01 TA1 W . 4.43 4.26 9.66
C01 TA1 W . 5.34 3.27 9.17
C02 TA1 W . 5.89 2.51 10.41
O02 TA1 W . 4.97 2.94 11.55
C03 TA1 W . 5.47 3.59 12.48
O03 TA1 W . 6.70 3.81 12.53
C04 TA1 W . 4.61 4.13 13.56
C05 TA1 W . 5.17 4.98 14.49
C06 TA1 W . 4.38 5.50 15.50
C07 TA1 W . 3.05 5.16 15.56
C08 TA1 W . 2.49 4.30 14.62
C09 TA1 W . 3.26 3.78 13.61
C10 TA1 W . 6.30 1.04 10.18
C11 TA1 W . 5.57 -0.12 10.81
O04 TA1 W . 4.56 -0.77 9.90
C12 TA1 W . 4.79 -1.72 9.09
O05 TA1 W . 5.86 -1.79 8.45
C13 TA1 W . 3.73 -2.77 8.87
C14 TA1 W . 4.98 0.02 12.21
O06 TA1 W . 5.78 -1.03 12.76
C15 TA1 W . 6.37 -1.24 11.48
C16 TA1 W . 7.88 -1.02 11.56
C17 TA1 W . 8.34 -0.53 10.19
O07 TA1 W . 9.75 -0.48 10.08
C18 TA1 W . 7.76 0.85 9.87
C19 TA1 W . 8.61 1.67 10.83
C20 TA1 W . 8.12 1.06 8.41
O08 TA1 W . 8.19 0.06 7.70
C21 TA1 W . 8.40 2.38 7.68
O09 TA1 W . 9.68 3.01 8.12
C22 TA1 W . 10.74 2.35 8.09
O10 TA1 W . 11.42 2.15 9.13
C23 TA1 W . 11.22 1.76 6.78
C24 TA1 W . 7.07 3.09 7.46
C25 TA1 W . 6.28 2.42 6.57
C26 TA1 W . 4.82 2.10 6.87
O11 TA1 W . 4.37 0.71 6.44
C27 TA1 W . 3.22 0.51 5.98
O12 TA1 W . 3.01 0.70 4.77
C28 TA1 W . 2.10 -0.02 6.87
O13 TA1 W . 1.44 -1.08 6.16
C29 TA1 W . 1.02 0.99 7.32
N01 TA1 W . 1.31 1.54 8.66
C30 TA1 W . 1.16 0.79 9.77
O14 TA1 W . 2.07 0.75 10.57
C31 TA1 W . -0.08 0.02 10.00
C32 TA1 W . -1.31 0.69 10.07
C33 TA1 W . -2.47 -0.04 10.28
C34 TA1 W . -2.40 -1.40 10.43
C35 TA1 W . -1.19 -2.07 10.36
C36 TA1 W . -0.03 -1.36 10.14
C37 TA1 W . 0.82 2.17 6.41
C38 TA1 W . 0.00 2.06 5.31
C39 TA1 W . -0.21 3.17 4.52
C40 TA1 W . 0.42 4.37 4.82
C41 TA1 W . 1.25 4.46 5.91
C42 TA1 W . 1.44 3.36 6.73
C43 TA1 W . 4.49 2.35 8.33
C44 TA1 W . 6.82 2.00 5.22
C45 TA1 W . 6.39 4.05 8.39
C46 TA1 W . 5.86 5.38 7.78
C47 TA1 W . 7.24 4.79 9.41
P 3PE X . -2.37 8.47 -11.71
N 3PE X . -5.50 10.14 -11.21
O11 3PE X . -1.58 9.61 -10.81
O12 3PE X . -1.49 7.35 -12.04
O13 3PE X . -3.02 9.17 -13.04
O14 3PE X . -3.40 7.80 -10.91
C11 3PE X . -3.75 10.35 -12.89
C12 3PE X . -5.22 10.04 -12.63
C1 3PE X . -0.59 9.19 -9.93
C2 3PE X . -1.23 8.83 -8.58
C3 3PE X . -0.34 9.27 -7.41
O31 3PE X . 0.94 9.60 -7.87
O32 3PE X . 2.82 9.59 -6.66
C31 3PE X . 1.76 10.09 -6.86
C32 3PE X . 1.30 11.26 -6.00
C33 3PE X . 1.83 12.57 -6.57
C34 3PE X . 2.37 13.43 -5.43
C35 3PE X . 1.24 13.77 -4.46
C36 3PE X . 1.68 13.45 -3.04
C37 3PE X . 0.86 14.25 -2.04
C38 3PE X . 1.05 15.75 -2.30
C39 3PE X . 1.87 16.35 -1.17
C3A 3PE X . 2.12 17.82 -1.47
C3B 3PE X . 3.05 17.93 -2.67
C3C 3PE X . 3.72 19.31 -2.68
O21 3PE X . -2.54 9.35 -8.50
O22 3PE X . -2.32 11.60 -8.60
C21 3PE X . -2.74 10.66 -8.01
C22 3PE X . -3.56 10.88 -6.75
C23 3PE X . -4.46 12.10 -6.94
C24 3PE X . -5.08 12.47 -5.60
C25 3PE X . -3.99 12.80 -4.58
C26 3PE X . -3.64 14.28 -4.66
C27 3PE X . -4.87 15.13 -4.36
C28 3PE X . -4.82 15.58 -2.89
C29 3PE X . -3.70 16.59 -2.73
C2A 3PE X . -4.01 17.83 -3.57
C2B 3PE X . -2.70 18.40 -4.14
C2C 3PE X . -3.02 19.54 -5.10
P 3PE Y . -24.70 7.31 -9.06
N 3PE Y . -26.52 9.87 -12.05
O11 3PE Y . -23.53 8.40 -8.64
O12 3PE Y . -24.19 5.95 -9.07
O13 3PE Y . -25.35 7.72 -10.52
O14 3PE Y . -25.72 7.20 -8.02
C11 3PE Y . -26.72 7.93 -10.61
C12 3PE Y . -27.06 8.53 -11.97
C1 3PE Y . -22.21 8.15 -9.00
C2 3PE Y . -21.43 7.46 -7.88
C3 3PE Y . -20.49 8.47 -7.21
O31 3PE Y . -19.64 7.81 -6.33
O32 3PE Y . -18.68 5.81 -6.62
C31 3PE Y . -18.68 6.96 -6.90
C32 3PE Y . -17.65 7.51 -7.87
C33 3PE Y . -16.34 7.73 -7.12
C34 3PE Y . -15.48 6.47 -7.18
C35 3PE Y . -14.15 6.73 -6.50
C36 3PE Y . -13.00 6.34 -7.43
C37 3PE Y . -11.98 7.48 -7.48
C38 3PE Y . -12.63 8.78 -7.93
C39 3PE Y . -11.82 9.98 -7.43
C3A 3PE Y . -12.45 11.29 -7.91
C3B 3PE Y . -13.80 11.51 -7.23
C3C 3PE Y . -13.60 12.31 -5.94
O21 3PE Y . -22.28 6.78 -6.99
O22 3PE Y . -23.46 8.27 -5.81
C21 3PE Y . -22.69 7.38 -5.79
C22 3PE Y . -22.22 6.85 -4.44
C23 3PE Y . -22.42 7.95 -3.40
C24 3PE Y . -21.25 7.94 -2.44
C25 3PE Y . -20.07 8.65 -3.10
C26 3PE Y . -19.97 10.08 -2.55
C27 3PE Y . -19.74 10.01 -1.05
C28 3PE Y . -19.28 11.38 -0.56
C29 3PE Y . -19.08 11.34 0.95
C2A 3PE Y . -18.29 12.58 1.36
C2B 3PE Y . -18.51 12.82 2.86
C2C 3PE Y . -18.00 14.21 3.23
#